data_4Q0F
# 
_entry.id   4Q0F 
# 
_audit_conform.dict_name       mmcif_pdbx.dic 
_audit_conform.dict_version    5.398 
_audit_conform.dict_location   http://mmcif.pdb.org/dictionaries/ascii/mmcif_pdbx.dic 
# 
loop_
_database_2.database_id 
_database_2.database_code 
_database_2.pdbx_database_accession 
_database_2.pdbx_DOI 
PDB   4Q0F         pdb_00004q0f 10.2210/pdb4q0f/pdb 
RCSB  RCSB085447   ?            ?                   
WWPDB D_1000085447 ?            ?                   
# 
loop_
_pdbx_audit_revision_history.ordinal 
_pdbx_audit_revision_history.data_content_type 
_pdbx_audit_revision_history.major_revision 
_pdbx_audit_revision_history.minor_revision 
_pdbx_audit_revision_history.revision_date 
1 'Structure model' 1 0 2015-04-01 
2 'Structure model' 1 1 2024-11-06 
# 
_pdbx_audit_revision_details.ordinal             1 
_pdbx_audit_revision_details.revision_ordinal    1 
_pdbx_audit_revision_details.data_content_type   'Structure model' 
_pdbx_audit_revision_details.provider            repository 
_pdbx_audit_revision_details.type                'Initial release' 
_pdbx_audit_revision_details.description         ? 
_pdbx_audit_revision_details.details             ? 
# 
loop_
_pdbx_audit_revision_group.ordinal 
_pdbx_audit_revision_group.revision_ordinal 
_pdbx_audit_revision_group.data_content_type 
_pdbx_audit_revision_group.group 
1 2 'Structure model' 'Data collection'      
2 2 'Structure model' 'Database references'  
3 2 'Structure model' 'Derived calculations' 
4 2 'Structure model' 'Structure summary'    
# 
loop_
_pdbx_audit_revision_category.ordinal 
_pdbx_audit_revision_category.revision_ordinal 
_pdbx_audit_revision_category.data_content_type 
_pdbx_audit_revision_category.category 
1 2 'Structure model' chem_comp_atom            
2 2 'Structure model' chem_comp_bond            
3 2 'Structure model' database_2                
4 2 'Structure model' pdbx_entry_details        
5 2 'Structure model' pdbx_modification_feature 
6 2 'Structure model' struct_conn               
7 2 'Structure model' struct_ref_seq_dif        
# 
loop_
_pdbx_audit_revision_item.ordinal 
_pdbx_audit_revision_item.revision_ordinal 
_pdbx_audit_revision_item.data_content_type 
_pdbx_audit_revision_item.item 
1 2 'Structure model' '_database_2.pdbx_DOI'                
2 2 'Structure model' '_database_2.pdbx_database_accession' 
3 2 'Structure model' '_struct_conn.pdbx_leaving_atom_flag' 
4 2 'Structure model' '_struct_ref_seq_dif.details'         
# 
_pdbx_database_status.status_code                     REL 
_pdbx_database_status.entry_id                        4Q0F 
_pdbx_database_status.recvd_initial_deposition_date   2014-04-01 
_pdbx_database_status.deposit_site                    RCSB 
_pdbx_database_status.process_site                    PDBJ 
_pdbx_database_status.methods_development_category    ? 
_pdbx_database_status.status_code_sf                  REL 
_pdbx_database_status.status_code_mr                  ? 
_pdbx_database_status.SG_entry                        ? 
_pdbx_database_status.status_code_cs                  ? 
_pdbx_database_status.pdb_format_compatible           Y 
_pdbx_database_status.status_code_nmr_data            ? 
# 
_pdbx_database_related.db_name        PDB 
_pdbx_database_related.db_id          4M8A 
_pdbx_database_related.details        'The same protein' 
_pdbx_database_related.content_type   unspecified 
# 
loop_
_audit_author.name 
_audit_author.pdbx_ordinal 
'An, J.Y.'        1  
'Sharif, H.'      2  
'Barrera, F.N.'   3  
'Karabadzhak, A.' 4  
'Kang, G.B.'      5  
'Park, K.J.'      6  
'Sakkiah, S.'     7  
'Lee, K.W.'       8  
'Lee, S.'         9  
'Engelman, D.M.'  10 
'Wang, J.'        11 
'Eom, S.H.'       12 
# 
_citation.id                        primary 
_citation.title                     
;Structures of periplasmic and transmembrane domains of FtsH suggest a reverse translocon mechanism for protein extraction from membrane
;
_citation.journal_abbrev            'To be Published' 
_citation.journal_volume            ? 
_citation.page_first                ? 
_citation.page_last                 ? 
_citation.year                      ? 
_citation.journal_id_ASTM           ? 
_citation.country                   ? 
_citation.journal_id_ISSN           ? 
_citation.journal_id_CSD            0353 
_citation.book_publisher            ? 
_citation.pdbx_database_id_PubMed   ? 
_citation.pdbx_database_id_DOI      ? 
# 
loop_
_citation_author.citation_id 
_citation_author.name 
_citation_author.ordinal 
_citation_author.identifier_ORCID 
primary 'An, J.Y.'        1  ? 
primary 'Sharif, H.'      2  ? 
primary 'Barrera, F.N.'   3  ? 
primary 'Karabadzhak, A.' 4  ? 
primary 'Kang, G.B.'      5  ? 
primary 'Park, K.J.'      6  ? 
primary 'Sakkiah, S.'     7  ? 
primary 'Lee, K.W.'       8  ? 
primary 'Lee, S.'         9  ? 
primary 'Engelman, D.M.'  10 ? 
primary 'Wang, J.'        11 ? 
primary 'Eom, S.H.'       12 ? 
# 
loop_
_entity.id 
_entity.type 
_entity.src_method 
_entity.pdbx_description 
_entity.formula_weight 
_entity.pdbx_number_of_molecules 
_entity.pdbx_ec 
_entity.pdbx_mutation 
_entity.pdbx_fragment 
_entity.details 
1 polymer man 'ATP-dependent zinc metalloprotease FtsH' 8096.834 3  3.4.24.- ? 'periplasmic domain, UNP RESIDUES 34-101' ? 
2 water   nat water                                     18.015   87 ?        ? ?                                         ? 
# 
_entity_poly.entity_id                      1 
_entity_poly.type                           'polypeptide(L)' 
_entity_poly.nstd_linkage                   no 
_entity_poly.nstd_monomer                   yes 
_entity_poly.pdbx_seq_one_letter_code       'GA(MSE)GSKLSYTSFVQ(MSE)VEDERSVVSEVVIRDDGVLRVYTKDGRVYEVDAPWAVNDSQLIEKLVSKGIKVSGER' 
_entity_poly.pdbx_seq_one_letter_code_can   GAMGSKLSYTSFVQMVEDERSVVSEVVIRDDGVLRVYTKDGRVYEVDAPWAVNDSQLIEKLVSKGIKVSGER 
_entity_poly.pdbx_strand_id                 A,B,C 
_entity_poly.pdbx_target_identifier         ? 
# 
_pdbx_entity_nonpoly.entity_id   2 
_pdbx_entity_nonpoly.name        water 
_pdbx_entity_nonpoly.comp_id     HOH 
# 
loop_
_entity_poly_seq.entity_id 
_entity_poly_seq.num 
_entity_poly_seq.mon_id 
_entity_poly_seq.hetero 
1 1  GLY n 
1 2  ALA n 
1 3  MSE n 
1 4  GLY n 
1 5  SER n 
1 6  LYS n 
1 7  LEU n 
1 8  SER n 
1 9  TYR n 
1 10 THR n 
1 11 SER n 
1 12 PHE n 
1 13 VAL n 
1 14 GLN n 
1 15 MSE n 
1 16 VAL n 
1 17 GLU n 
1 18 ASP n 
1 19 GLU n 
1 20 ARG n 
1 21 SER n 
1 22 VAL n 
1 23 VAL n 
1 24 SER n 
1 25 GLU n 
1 26 VAL n 
1 27 VAL n 
1 28 ILE n 
1 29 ARG n 
1 30 ASP n 
1 31 ASP n 
1 32 GLY n 
1 33 VAL n 
1 34 LEU n 
1 35 ARG n 
1 36 VAL n 
1 37 TYR n 
1 38 THR n 
1 39 LYS n 
1 40 ASP n 
1 41 GLY n 
1 42 ARG n 
1 43 VAL n 
1 44 TYR n 
1 45 GLU n 
1 46 VAL n 
1 47 ASP n 
1 48 ALA n 
1 49 PRO n 
1 50 TRP n 
1 51 ALA n 
1 52 VAL n 
1 53 ASN n 
1 54 ASP n 
1 55 SER n 
1 56 GLN n 
1 57 LEU n 
1 58 ILE n 
1 59 GLU n 
1 60 LYS n 
1 61 LEU n 
1 62 VAL n 
1 63 SER n 
1 64 LYS n 
1 65 GLY n 
1 66 ILE n 
1 67 LYS n 
1 68 VAL n 
1 69 SER n 
1 70 GLY n 
1 71 GLU n 
1 72 ARG n 
# 
_entity_src_gen.entity_id                          1 
_entity_src_gen.pdbx_src_id                        1 
_entity_src_gen.pdbx_alt_source_flag               sample 
_entity_src_gen.pdbx_seq_type                      ? 
_entity_src_gen.pdbx_beg_seq_num                   ? 
_entity_src_gen.pdbx_end_seq_num                   ? 
_entity_src_gen.gene_src_common_name               ? 
_entity_src_gen.gene_src_genus                     ? 
_entity_src_gen.pdbx_gene_src_gene                 'ftsH, TM_0580' 
_entity_src_gen.gene_src_species                   ? 
_entity_src_gen.gene_src_strain                    MSB8 
_entity_src_gen.gene_src_tissue                    ? 
_entity_src_gen.gene_src_tissue_fraction           ? 
_entity_src_gen.gene_src_details                   ? 
_entity_src_gen.pdbx_gene_src_fragment             ? 
_entity_src_gen.pdbx_gene_src_scientific_name      'Thermotoga maritima' 
_entity_src_gen.pdbx_gene_src_ncbi_taxonomy_id     243274 
_entity_src_gen.pdbx_gene_src_variant              ? 
_entity_src_gen.pdbx_gene_src_cell_line            ? 
_entity_src_gen.pdbx_gene_src_atcc                 ? 
_entity_src_gen.pdbx_gene_src_organ                ? 
_entity_src_gen.pdbx_gene_src_organelle            ? 
_entity_src_gen.pdbx_gene_src_cell                 ? 
_entity_src_gen.pdbx_gene_src_cellular_location    ? 
_entity_src_gen.host_org_common_name               ? 
_entity_src_gen.pdbx_host_org_scientific_name      'Escherichia coli' 
_entity_src_gen.pdbx_host_org_ncbi_taxonomy_id     562 
_entity_src_gen.host_org_genus                     ? 
_entity_src_gen.pdbx_host_org_gene                 ? 
_entity_src_gen.pdbx_host_org_organ                ? 
_entity_src_gen.host_org_species                   ? 
_entity_src_gen.pdbx_host_org_tissue               ? 
_entity_src_gen.pdbx_host_org_tissue_fraction      ? 
_entity_src_gen.pdbx_host_org_strain               ? 
_entity_src_gen.pdbx_host_org_variant              ? 
_entity_src_gen.pdbx_host_org_cell_line            ? 
_entity_src_gen.pdbx_host_org_atcc                 ? 
_entity_src_gen.pdbx_host_org_culture_collection   ? 
_entity_src_gen.pdbx_host_org_cell                 ? 
_entity_src_gen.pdbx_host_org_organelle            ? 
_entity_src_gen.pdbx_host_org_cellular_location    ? 
_entity_src_gen.pdbx_host_org_vector_type          ? 
_entity_src_gen.pdbx_host_org_vector               ? 
_entity_src_gen.host_org_details                   ? 
_entity_src_gen.expression_system_id               ? 
_entity_src_gen.plasmid_name                       ? 
_entity_src_gen.plasmid_details                    ? 
_entity_src_gen.pdbx_description                   ? 
# 
loop_
_chem_comp.id 
_chem_comp.type 
_chem_comp.mon_nstd_flag 
_chem_comp.name 
_chem_comp.pdbx_synonyms 
_chem_comp.formula 
_chem_comp.formula_weight 
ALA 'L-peptide linking' y ALANINE          ? 'C3 H7 N O2'     89.093  
ARG 'L-peptide linking' y ARGININE         ? 'C6 H15 N4 O2 1' 175.209 
ASN 'L-peptide linking' y ASPARAGINE       ? 'C4 H8 N2 O3'    132.118 
ASP 'L-peptide linking' y 'ASPARTIC ACID'  ? 'C4 H7 N O4'     133.103 
GLN 'L-peptide linking' y GLUTAMINE        ? 'C5 H10 N2 O3'   146.144 
GLU 'L-peptide linking' y 'GLUTAMIC ACID'  ? 'C5 H9 N O4'     147.129 
GLY 'peptide linking'   y GLYCINE          ? 'C2 H5 N O2'     75.067  
HOH non-polymer         . WATER            ? 'H2 O'           18.015  
ILE 'L-peptide linking' y ISOLEUCINE       ? 'C6 H13 N O2'    131.173 
LEU 'L-peptide linking' y LEUCINE          ? 'C6 H13 N O2'    131.173 
LYS 'L-peptide linking' y LYSINE           ? 'C6 H15 N2 O2 1' 147.195 
MSE 'L-peptide linking' n SELENOMETHIONINE ? 'C5 H11 N O2 Se' 196.106 
PHE 'L-peptide linking' y PHENYLALANINE    ? 'C9 H11 N O2'    165.189 
PRO 'L-peptide linking' y PROLINE          ? 'C5 H9 N O2'     115.130 
SER 'L-peptide linking' y SERINE           ? 'C3 H7 N O3'     105.093 
THR 'L-peptide linking' y THREONINE        ? 'C4 H9 N O3'     119.119 
TRP 'L-peptide linking' y TRYPTOPHAN       ? 'C11 H12 N2 O2'  204.225 
TYR 'L-peptide linking' y TYROSINE         ? 'C9 H11 N O3'    181.189 
VAL 'L-peptide linking' y VALINE           ? 'C5 H11 N O2'    117.146 
# 
loop_
_pdbx_poly_seq_scheme.asym_id 
_pdbx_poly_seq_scheme.entity_id 
_pdbx_poly_seq_scheme.seq_id 
_pdbx_poly_seq_scheme.mon_id 
_pdbx_poly_seq_scheme.ndb_seq_num 
_pdbx_poly_seq_scheme.pdb_seq_num 
_pdbx_poly_seq_scheme.auth_seq_num 
_pdbx_poly_seq_scheme.pdb_mon_id 
_pdbx_poly_seq_scheme.auth_mon_id 
_pdbx_poly_seq_scheme.pdb_strand_id 
_pdbx_poly_seq_scheme.pdb_ins_code 
_pdbx_poly_seq_scheme.hetero 
A 1 1  GLY 1  30  ?   ?   ?   A . n 
A 1 2  ALA 2  31  ?   ?   ?   A . n 
A 1 3  MSE 3  32  ?   ?   ?   A . n 
A 1 4  GLY 4  33  ?   ?   ?   A . n 
A 1 5  SER 5  34  34  SER SER A . n 
A 1 6  LYS 6  35  35  LYS LYS A . n 
A 1 7  LEU 7  36  36  LEU LEU A . n 
A 1 8  SER 8  37  37  SER SER A . n 
A 1 9  TYR 9  38  38  TYR TYR A . n 
A 1 10 THR 10 39  39  THR THR A . n 
A 1 11 SER 11 40  40  SER SER A . n 
A 1 12 PHE 12 41  41  PHE PHE A . n 
A 1 13 VAL 13 42  42  VAL VAL A . n 
A 1 14 GLN 14 43  43  GLN GLN A . n 
A 1 15 MSE 15 44  44  MSE MSE A . n 
A 1 16 VAL 16 45  45  VAL VAL A . n 
A 1 17 GLU 17 46  46  GLU GLU A . n 
A 1 18 ASP 18 47  47  ASP ASP A . n 
A 1 19 GLU 19 48  48  GLU GLU A . n 
A 1 20 ARG 20 49  49  ARG ARG A . n 
A 1 21 SER 21 50  50  SER SER A . n 
A 1 22 VAL 22 51  51  VAL VAL A . n 
A 1 23 VAL 23 52  52  VAL VAL A . n 
A 1 24 SER 24 53  53  SER SER A . n 
A 1 25 GLU 25 54  54  GLU GLU A . n 
A 1 26 VAL 26 55  55  VAL VAL A . n 
A 1 27 VAL 27 56  56  VAL VAL A . n 
A 1 28 ILE 28 57  57  ILE ILE A . n 
A 1 29 ARG 29 58  58  ARG ARG A . n 
A 1 30 ASP 30 59  59  ASP ASP A . n 
A 1 31 ASP 31 60  60  ASP ASP A . n 
A 1 32 GLY 32 61  61  GLY GLY A . n 
A 1 33 VAL 33 62  62  VAL VAL A . n 
A 1 34 LEU 34 63  63  LEU LEU A . n 
A 1 35 ARG 35 64  64  ARG ARG A . n 
A 1 36 VAL 36 65  65  VAL VAL A . n 
A 1 37 TYR 37 66  66  TYR TYR A . n 
A 1 38 THR 38 67  67  THR THR A . n 
A 1 39 LYS 39 68  68  LYS LYS A . n 
A 1 40 ASP 40 69  69  ASP ASP A . n 
A 1 41 GLY 41 70  70  GLY GLY A . n 
A 1 42 ARG 42 71  71  ARG ARG A . n 
A 1 43 VAL 43 72  72  VAL VAL A . n 
A 1 44 TYR 44 73  73  TYR TYR A . n 
A 1 45 GLU 45 74  74  GLU GLU A . n 
A 1 46 VAL 46 75  75  VAL VAL A . n 
A 1 47 ASP 47 76  76  ASP ASP A . n 
A 1 48 ALA 48 77  77  ALA ALA A . n 
A 1 49 PRO 49 78  78  PRO PRO A . n 
A 1 50 TRP 50 79  79  TRP TRP A . n 
A 1 51 ALA 51 80  80  ALA ALA A . n 
A 1 52 VAL 52 81  81  VAL VAL A . n 
A 1 53 ASN 53 82  82  ASN ASN A . n 
A 1 54 ASP 54 83  83  ASP ASP A . n 
A 1 55 SER 55 84  84  SER SER A . n 
A 1 56 GLN 56 85  85  GLN GLN A . n 
A 1 57 LEU 57 86  86  LEU LEU A . n 
A 1 58 ILE 58 87  87  ILE ILE A . n 
A 1 59 GLU 59 88  88  GLU GLU A . n 
A 1 60 LYS 60 89  89  LYS LYS A . n 
A 1 61 LEU 61 90  90  LEU LEU A . n 
A 1 62 VAL 62 91  91  VAL VAL A . n 
A 1 63 SER 63 92  92  SER SER A . n 
A 1 64 LYS 64 93  93  LYS LYS A . n 
A 1 65 GLY 65 94  94  GLY GLY A . n 
A 1 66 ILE 66 95  95  ILE ILE A . n 
A 1 67 LYS 67 96  96  LYS LYS A . n 
A 1 68 VAL 68 97  97  VAL VAL A . n 
A 1 69 SER 69 98  98  SER SER A . n 
A 1 70 GLY 70 99  99  GLY GLY A . n 
A 1 71 GLU 71 100 100 GLU GLU A . n 
A 1 72 ARG 72 101 101 ARG ARG A . n 
B 1 1  GLY 1  30  ?   ?   ?   B . n 
B 1 2  ALA 2  31  ?   ?   ?   B . n 
B 1 3  MSE 3  32  ?   ?   ?   B . n 
B 1 4  GLY 4  33  ?   ?   ?   B . n 
B 1 5  SER 5  34  34  SER SER B . n 
B 1 6  LYS 6  35  35  LYS LYS B . n 
B 1 7  LEU 7  36  36  LEU LEU B . n 
B 1 8  SER 8  37  37  SER SER B . n 
B 1 9  TYR 9  38  38  TYR TYR B . n 
B 1 10 THR 10 39  39  THR THR B . n 
B 1 11 SER 11 40  40  SER SER B . n 
B 1 12 PHE 12 41  41  PHE PHE B . n 
B 1 13 VAL 13 42  42  VAL VAL B . n 
B 1 14 GLN 14 43  43  GLN GLN B . n 
B 1 15 MSE 15 44  44  MSE MSE B . n 
B 1 16 VAL 16 45  45  VAL VAL B . n 
B 1 17 GLU 17 46  46  GLU GLU B . n 
B 1 18 ASP 18 47  47  ASP ASP B . n 
B 1 19 GLU 19 48  48  GLU GLU B . n 
B 1 20 ARG 20 49  49  ARG ARG B . n 
B 1 21 SER 21 50  50  SER SER B . n 
B 1 22 VAL 22 51  51  VAL VAL B . n 
B 1 23 VAL 23 52  52  VAL VAL B . n 
B 1 24 SER 24 53  53  SER SER B . n 
B 1 25 GLU 25 54  54  GLU GLU B . n 
B 1 26 VAL 26 55  55  VAL VAL B . n 
B 1 27 VAL 27 56  56  VAL VAL B . n 
B 1 28 ILE 28 57  57  ILE ILE B . n 
B 1 29 ARG 29 58  58  ARG ARG B . n 
B 1 30 ASP 30 59  59  ASP ASP B . n 
B 1 31 ASP 31 60  60  ASP ASP B . n 
B 1 32 GLY 32 61  61  GLY GLY B . n 
B 1 33 VAL 33 62  62  VAL VAL B . n 
B 1 34 LEU 34 63  63  LEU LEU B . n 
B 1 35 ARG 35 64  64  ARG ARG B . n 
B 1 36 VAL 36 65  65  VAL VAL B . n 
B 1 37 TYR 37 66  66  TYR TYR B . n 
B 1 38 THR 38 67  67  THR THR B . n 
B 1 39 LYS 39 68  68  LYS LYS B . n 
B 1 40 ASP 40 69  69  ASP ASP B . n 
B 1 41 GLY 41 70  70  GLY GLY B . n 
B 1 42 ARG 42 71  71  ARG ARG B . n 
B 1 43 VAL 43 72  72  VAL VAL B . n 
B 1 44 TYR 44 73  73  TYR TYR B . n 
B 1 45 GLU 45 74  74  GLU GLU B . n 
B 1 46 VAL 46 75  75  VAL VAL B . n 
B 1 47 ASP 47 76  76  ASP ASP B . n 
B 1 48 ALA 48 77  77  ALA ALA B . n 
B 1 49 PRO 49 78  78  PRO PRO B . n 
B 1 50 TRP 50 79  79  TRP TRP B . n 
B 1 51 ALA 51 80  80  ALA ALA B . n 
B 1 52 VAL 52 81  81  VAL VAL B . n 
B 1 53 ASN 53 82  82  ASN ASN B . n 
B 1 54 ASP 54 83  83  ASP ASP B . n 
B 1 55 SER 55 84  84  SER SER B . n 
B 1 56 GLN 56 85  85  GLN GLN B . n 
B 1 57 LEU 57 86  86  LEU LEU B . n 
B 1 58 ILE 58 87  87  ILE ILE B . n 
B 1 59 GLU 59 88  88  GLU GLU B . n 
B 1 60 LYS 60 89  89  LYS LYS B . n 
B 1 61 LEU 61 90  90  LEU LEU B . n 
B 1 62 VAL 62 91  91  VAL VAL B . n 
B 1 63 SER 63 92  92  SER SER B . n 
B 1 64 LYS 64 93  93  LYS LYS B . n 
B 1 65 GLY 65 94  94  GLY GLY B . n 
B 1 66 ILE 66 95  95  ILE ILE B . n 
B 1 67 LYS 67 96  96  LYS LYS B . n 
B 1 68 VAL 68 97  97  VAL VAL B . n 
B 1 69 SER 69 98  98  SER SER B . n 
B 1 70 GLY 70 99  99  GLY GLY B . n 
B 1 71 GLU 71 100 100 GLU GLU B . n 
B 1 72 ARG 72 101 ?   ?   ?   B . n 
C 1 1  GLY 1  30  ?   ?   ?   C . n 
C 1 2  ALA 2  31  ?   ?   ?   C . n 
C 1 3  MSE 3  32  ?   ?   ?   C . n 
C 1 4  GLY 4  33  ?   ?   ?   C . n 
C 1 5  SER 5  34  ?   ?   ?   C . n 
C 1 6  LYS 6  35  35  LYS LYS C . n 
C 1 7  LEU 7  36  36  LEU LEU C . n 
C 1 8  SER 8  37  37  SER SER C . n 
C 1 9  TYR 9  38  38  TYR TYR C . n 
C 1 10 THR 10 39  39  THR THR C . n 
C 1 11 SER 11 40  40  SER SER C . n 
C 1 12 PHE 12 41  41  PHE PHE C . n 
C 1 13 VAL 13 42  42  VAL VAL C . n 
C 1 14 GLN 14 43  43  GLN GLN C . n 
C 1 15 MSE 15 44  44  MSE MSE C . n 
C 1 16 VAL 16 45  45  VAL VAL C . n 
C 1 17 GLU 17 46  46  GLU GLU C . n 
C 1 18 ASP 18 47  47  ASP ASP C . n 
C 1 19 GLU 19 48  48  GLU GLU C . n 
C 1 20 ARG 20 49  49  ARG ARG C . n 
C 1 21 SER 21 50  50  SER ALA C . n 
C 1 22 VAL 22 51  51  VAL VAL C . n 
C 1 23 VAL 23 52  52  VAL VAL C . n 
C 1 24 SER 24 53  53  SER SER C . n 
C 1 25 GLU 25 54  54  GLU GLU C . n 
C 1 26 VAL 26 55  55  VAL VAL C . n 
C 1 27 VAL 27 56  56  VAL VAL C . n 
C 1 28 ILE 28 57  57  ILE ILE C . n 
C 1 29 ARG 29 58  58  ARG ARG C . n 
C 1 30 ASP 30 59  59  ASP ASP C . n 
C 1 31 ASP 31 60  60  ASP ASP C . n 
C 1 32 GLY 32 61  61  GLY GLY C . n 
C 1 33 VAL 33 62  62  VAL VAL C . n 
C 1 34 LEU 34 63  63  LEU LEU C . n 
C 1 35 ARG 35 64  64  ARG ARG C . n 
C 1 36 VAL 36 65  65  VAL VAL C . n 
C 1 37 TYR 37 66  66  TYR TYR C . n 
C 1 38 THR 38 67  67  THR THR C . n 
C 1 39 LYS 39 68  68  LYS LYS C . n 
C 1 40 ASP 40 69  69  ASP ASP C . n 
C 1 41 GLY 41 70  70  GLY GLY C . n 
C 1 42 ARG 42 71  71  ARG ARG C . n 
C 1 43 VAL 43 72  72  VAL VAL C . n 
C 1 44 TYR 44 73  73  TYR TYR C . n 
C 1 45 GLU 45 74  74  GLU GLU C . n 
C 1 46 VAL 46 75  75  VAL VAL C . n 
C 1 47 ASP 47 76  76  ASP ASP C . n 
C 1 48 ALA 48 77  77  ALA ALA C . n 
C 1 49 PRO 49 78  78  PRO PRO C . n 
C 1 50 TRP 50 79  79  TRP TRP C . n 
C 1 51 ALA 51 80  80  ALA ALA C . n 
C 1 52 VAL 52 81  81  VAL VAL C . n 
C 1 53 ASN 53 82  82  ASN ASN C . n 
C 1 54 ASP 54 83  83  ASP ASP C . n 
C 1 55 SER 55 84  84  SER SER C . n 
C 1 56 GLN 56 85  85  GLN GLN C . n 
C 1 57 LEU 57 86  86  LEU LEU C . n 
C 1 58 ILE 58 87  87  ILE ILE C . n 
C 1 59 GLU 59 88  88  GLU GLU C . n 
C 1 60 LYS 60 89  89  LYS LYS C . n 
C 1 61 LEU 61 90  90  LEU LEU C . n 
C 1 62 VAL 62 91  91  VAL VAL C . n 
C 1 63 SER 63 92  92  SER SER C . n 
C 1 64 LYS 64 93  93  LYS LYS C . n 
C 1 65 GLY 65 94  94  GLY GLY C . n 
C 1 66 ILE 66 95  95  ILE ILE C . n 
C 1 67 LYS 67 96  96  LYS LYS C . n 
C 1 68 VAL 68 97  97  VAL VAL C . n 
C 1 69 SER 69 98  98  SER SER C . n 
C 1 70 GLY 70 99  99  GLY GLY C . n 
C 1 71 GLU 71 100 100 GLU GLU C . n 
C 1 72 ARG 72 101 101 ARG ARG C . n 
# 
loop_
_pdbx_nonpoly_scheme.asym_id 
_pdbx_nonpoly_scheme.entity_id 
_pdbx_nonpoly_scheme.mon_id 
_pdbx_nonpoly_scheme.ndb_seq_num 
_pdbx_nonpoly_scheme.pdb_seq_num 
_pdbx_nonpoly_scheme.auth_seq_num 
_pdbx_nonpoly_scheme.pdb_mon_id 
_pdbx_nonpoly_scheme.auth_mon_id 
_pdbx_nonpoly_scheme.pdb_strand_id 
_pdbx_nonpoly_scheme.pdb_ins_code 
D 2 HOH 1  201 4  HOH HOH A . 
D 2 HOH 2  202 5  HOH HOH A . 
D 2 HOH 3  203 11 HOH HOH A . 
D 2 HOH 4  204 13 HOH HOH A . 
D 2 HOH 5  205 17 HOH HOH A . 
D 2 HOH 6  206 21 HOH HOH A . 
D 2 HOH 7  207 27 HOH HOH A . 
D 2 HOH 8  208 28 HOH HOH A . 
D 2 HOH 9  209 29 HOH HOH A . 
D 2 HOH 10 210 30 HOH HOH A . 
D 2 HOH 11 211 32 HOH HOH A . 
D 2 HOH 12 212 33 HOH HOH A . 
D 2 HOH 13 213 34 HOH HOH A . 
D 2 HOH 14 214 36 HOH HOH A . 
D 2 HOH 15 215 38 HOH HOH A . 
D 2 HOH 16 216 39 HOH HOH A . 
D 2 HOH 17 217 49 HOH HOH A . 
D 2 HOH 18 218 51 HOH HOH A . 
D 2 HOH 19 219 52 HOH HOH A . 
D 2 HOH 20 220 54 HOH HOH A . 
D 2 HOH 21 221 59 HOH HOH A . 
D 2 HOH 22 222 65 HOH HOH A . 
D 2 HOH 23 223 66 HOH HOH A . 
D 2 HOH 24 224 71 HOH HOH A . 
D 2 HOH 25 225 76 HOH HOH A . 
D 2 HOH 26 226 80 HOH HOH A . 
D 2 HOH 27 227 82 HOH HOH A . 
D 2 HOH 28 228 83 HOH HOH A . 
D 2 HOH 29 229 84 HOH HOH A . 
D 2 HOH 30 230 86 HOH HOH A . 
E 2 HOH 1  201 1  HOH HOH B . 
E 2 HOH 2  202 2  HOH HOH B . 
E 2 HOH 3  203 6  HOH HOH B . 
E 2 HOH 4  204 7  HOH HOH B . 
E 2 HOH 5  205 8  HOH HOH B . 
E 2 HOH 6  206 9  HOH HOH B . 
E 2 HOH 7  207 10 HOH HOH B . 
E 2 HOH 8  208 12 HOH HOH B . 
E 2 HOH 9  209 14 HOH HOH B . 
E 2 HOH 10 210 15 HOH HOH B . 
E 2 HOH 11 211 16 HOH HOH B . 
E 2 HOH 12 212 20 HOH HOH B . 
E 2 HOH 13 213 23 HOH HOH B . 
E 2 HOH 14 214 24 HOH HOH B . 
E 2 HOH 15 215 31 HOH HOH B . 
E 2 HOH 16 216 37 HOH HOH B . 
E 2 HOH 17 217 40 HOH HOH B . 
E 2 HOH 18 218 41 HOH HOH B . 
E 2 HOH 19 219 42 HOH HOH B . 
E 2 HOH 20 220 44 HOH HOH B . 
E 2 HOH 21 221 45 HOH HOH B . 
E 2 HOH 22 222 46 HOH HOH B . 
E 2 HOH 23 223 48 HOH HOH B . 
E 2 HOH 24 224 50 HOH HOH B . 
E 2 HOH 25 225 53 HOH HOH B . 
E 2 HOH 26 226 55 HOH HOH B . 
E 2 HOH 27 227 56 HOH HOH B . 
E 2 HOH 28 228 57 HOH HOH B . 
E 2 HOH 29 229 58 HOH HOH B . 
E 2 HOH 30 230 60 HOH HOH B . 
E 2 HOH 31 231 62 HOH HOH B . 
E 2 HOH 32 232 63 HOH HOH B . 
E 2 HOH 33 233 64 HOH HOH B . 
E 2 HOH 34 234 67 HOH HOH B . 
E 2 HOH 35 235 68 HOH HOH B . 
E 2 HOH 36 236 74 HOH HOH B . 
E 2 HOH 37 237 75 HOH HOH B . 
E 2 HOH 38 238 77 HOH HOH B . 
E 2 HOH 39 239 78 HOH HOH B . 
E 2 HOH 40 240 85 HOH HOH B . 
E 2 HOH 41 241 87 HOH HOH B . 
F 2 HOH 1  201 3  HOH HOH C . 
F 2 HOH 2  202 18 HOH HOH C . 
F 2 HOH 3  203 19 HOH HOH C . 
F 2 HOH 4  204 22 HOH HOH C . 
F 2 HOH 5  205 25 HOH HOH C . 
F 2 HOH 6  206 26 HOH HOH C . 
F 2 HOH 7  207 35 HOH HOH C . 
F 2 HOH 8  208 43 HOH HOH C . 
F 2 HOH 9  209 47 HOH HOH C . 
F 2 HOH 10 210 61 HOH HOH C . 
F 2 HOH 11 211 70 HOH HOH C . 
F 2 HOH 12 212 72 HOH HOH C . 
F 2 HOH 13 213 73 HOH HOH C . 
F 2 HOH 14 214 79 HOH HOH C . 
F 2 HOH 15 215 81 HOH HOH C . 
F 2 HOH 16 216 88 HOH HOH C . 
# 
_pdbx_unobs_or_zero_occ_atoms.id               1 
_pdbx_unobs_or_zero_occ_atoms.PDB_model_num    1 
_pdbx_unobs_or_zero_occ_atoms.polymer_flag     Y 
_pdbx_unobs_or_zero_occ_atoms.occupancy_flag   1 
_pdbx_unobs_or_zero_occ_atoms.auth_asym_id     C 
_pdbx_unobs_or_zero_occ_atoms.auth_comp_id     SER 
_pdbx_unobs_or_zero_occ_atoms.auth_seq_id      50 
_pdbx_unobs_or_zero_occ_atoms.PDB_ins_code     ? 
_pdbx_unobs_or_zero_occ_atoms.auth_atom_id     OG 
_pdbx_unobs_or_zero_occ_atoms.label_alt_id     ? 
_pdbx_unobs_or_zero_occ_atoms.label_asym_id    C 
_pdbx_unobs_or_zero_occ_atoms.label_comp_id    SER 
_pdbx_unobs_or_zero_occ_atoms.label_seq_id     21 
_pdbx_unobs_or_zero_occ_atoms.label_atom_id    OG 
# 
loop_
_software.name 
_software.classification 
_software.version 
_software.citation_id 
_software.pdbx_ordinal 
HKL-2000 'data collection' .                           ? 1 
SOLVE    phasing           .                           ? 2 
PHENIX   refinement        '(phenix.refine: 1.8_1069)' ? 3 
HKL-2000 'data reduction'  .                           ? 4 
HKL-2000 'data scaling'    .                           ? 5 
# 
_cell.entry_id           4Q0F 
_cell.length_a           42.032 
_cell.length_b           66.125 
_cell.length_c           72.033 
_cell.angle_alpha        90.00 
_cell.angle_beta         90.00 
_cell.angle_gamma        90.00 
_cell.Z_PDB              12 
_cell.pdbx_unique_axis   ? 
_cell.length_a_esd       ? 
_cell.length_b_esd       ? 
_cell.length_c_esd       ? 
_cell.angle_alpha_esd    ? 
_cell.angle_beta_esd     ? 
_cell.angle_gamma_esd    ? 
# 
_symmetry.entry_id                         4Q0F 
_symmetry.space_group_name_H-M             'P 21 21 2' 
_symmetry.pdbx_full_space_group_name_H-M   ? 
_symmetry.cell_setting                     ? 
_symmetry.Int_Tables_number                18 
_symmetry.space_group_name_Hall            ? 
# 
_exptl.entry_id          4Q0F 
_exptl.method            'X-RAY DIFFRACTION' 
_exptl.crystals_number   1 
# 
_exptl_crystal.id                    1 
_exptl_crystal.density_meas          ? 
_exptl_crystal.density_Matthews      2.06 
_exptl_crystal.density_percent_sol   40.31 
_exptl_crystal.description           ? 
_exptl_crystal.F_000                 ? 
_exptl_crystal.preparation           ? 
# 
_exptl_crystal_grow.crystal_id      1 
_exptl_crystal_grow.method          'VAPOR DIFFUSION, HANGING DROP' 
_exptl_crystal_grow.temp            294 
_exptl_crystal_grow.temp_details    ? 
_exptl_crystal_grow.pH              6.0 
_exptl_crystal_grow.pdbx_details    '15% (w/v) PEG 2000, 0.1M MES-NaOH (pH 6.0) , VAPOR DIFFUSION, HANGING DROP, temperature 294K' 
_exptl_crystal_grow.pdbx_pH_range   . 
# 
_diffrn.id                     1 
_diffrn.ambient_temp           100 
_diffrn.ambient_temp_details   ? 
_diffrn.crystal_id             1 
# 
_diffrn_detector.diffrn_id              1 
_diffrn_detector.detector               CCD 
_diffrn_detector.type                   'ADSC QUANTUM 315' 
_diffrn_detector.pdbx_collection_date   2010-04-28 
_diffrn_detector.details                ? 
# 
_diffrn_radiation.diffrn_id                        1 
_diffrn_radiation.wavelength_id                    1 
_diffrn_radiation.pdbx_monochromatic_or_laue_m_l   M 
_diffrn_radiation.monochromator                    'Si 111 CHANNEL' 
_diffrn_radiation.pdbx_diffrn_protocol             MAD 
_diffrn_radiation.pdbx_scattering_type             x-ray 
# 
loop_
_diffrn_radiation_wavelength.id 
_diffrn_radiation_wavelength.wavelength 
_diffrn_radiation_wavelength.wt 
1 0.97924 1.0 
2 0.97901 1.0 
3 0.97134 1.0 
4 0.98696 1.0 
# 
_diffrn_source.diffrn_id                   1 
_diffrn_source.source                      SYNCHROTRON 
_diffrn_source.type                        'PAL/PLS BEAMLINE 5C (4A)' 
_diffrn_source.pdbx_synchrotron_site       PAL/PLS 
_diffrn_source.pdbx_synchrotron_beamline   '5C (4A)' 
_diffrn_source.pdbx_wavelength             ? 
_diffrn_source.pdbx_wavelength_list        '0.97924, 0.97901, 0.97134, 0.98696' 
# 
_reflns.entry_id                     4Q0F 
_reflns.observed_criterion_sigma_I   0 
_reflns.observed_criterion_sigma_F   0 
_reflns.d_resolution_low             50 
_reflns.d_resolution_high            1.948 
_reflns.number_obs                   15191 
_reflns.number_all                   15227 
_reflns.percent_possible_obs         99.8 
_reflns.pdbx_Rmerge_I_obs            ? 
_reflns.pdbx_Rsym_value              ? 
_reflns.pdbx_netI_over_sigmaI        ? 
_reflns.B_iso_Wilson_estimate        ? 
_reflns.pdbx_redundancy              ? 
_reflns.R_free_details               ? 
_reflns.limit_h_max                  ? 
_reflns.limit_h_min                  ? 
_reflns.limit_k_max                  ? 
_reflns.limit_k_min                  ? 
_reflns.limit_l_max                  ? 
_reflns.limit_l_min                  ? 
_reflns.observed_criterion_F_max     ? 
_reflns.observed_criterion_F_min     ? 
_reflns.pdbx_chi_squared             ? 
_reflns.pdbx_scaling_rejects         ? 
_reflns.pdbx_ordinal                 1 
_reflns.pdbx_diffrn_id               1 
# 
_reflns_shell.d_res_high                  1.95 
_reflns_shell.d_res_low                   1.98 
_reflns_shell.percent_possible_all        100 
_reflns_shell.Rmerge_I_obs                ? 
_reflns_shell.pdbx_Rsym_value             ? 
_reflns_shell.meanI_over_sigI_obs         ? 
_reflns_shell.pdbx_redundancy             ? 
_reflns_shell.percent_possible_obs        ? 
_reflns_shell.number_unique_all           ? 
_reflns_shell.number_measured_all         ? 
_reflns_shell.number_measured_obs         ? 
_reflns_shell.number_unique_obs           ? 
_reflns_shell.pdbx_chi_squared            ? 
_reflns_shell.pdbx_rejects                ? 
_reflns_shell.pdbx_netI_over_sigmaI_obs   ? 
_reflns_shell.number_possible             ? 
_reflns_shell.Rmerge_F_all                ? 
_reflns_shell.Rmerge_F_obs                ? 
_reflns_shell.Rmerge_I_all                ? 
_reflns_shell.meanI_over_sigI_all         ? 
_reflns_shell.pdbx_Rrim_I_all             ? 
_reflns_shell.pdbx_Rpim_I_all             ? 
_reflns_shell.pdbx_ordinal                1 
_reflns_shell.pdbx_diffrn_id              1 
# 
_refine.entry_id                                 4Q0F 
_refine.ls_number_reflns_obs                     15081 
_refine.ls_number_reflns_all                     15227 
_refine.pdbx_ls_sigma_I                          ? 
_refine.pdbx_ls_sigma_F                          1.01 
_refine.pdbx_data_cutoff_high_absF               ? 
_refine.pdbx_data_cutoff_low_absF                ? 
_refine.pdbx_data_cutoff_high_rms_absF           ? 
_refine.ls_d_res_low                             36.304 
_refine.ls_d_res_high                            1.948 
_refine.ls_percent_reflns_obs                    98.80 
_refine.ls_R_factor_obs                          0.2112 
_refine.ls_R_factor_all                          0.2112 
_refine.ls_R_factor_R_work                       0.2091 
_refine.ls_R_factor_R_free                       0.2543 
_refine.ls_R_factor_R_free_error                 ? 
_refine.ls_R_factor_R_free_error_details         ? 
_refine.ls_percent_reflns_R_free                 5.01 
_refine.ls_number_reflns_R_free                  756 
_refine.ls_number_parameters                     ? 
_refine.ls_number_restraints                     ? 
_refine.occupancy_min                            ? 
_refine.occupancy_max                            ? 
_refine.correlation_coeff_Fo_to_Fc               ? 
_refine.correlation_coeff_Fo_to_Fc_free          ? 
_refine.B_iso_mean                               ? 
_refine.aniso_B[1][1]                            ? 
_refine.aniso_B[2][2]                            ? 
_refine.aniso_B[3][3]                            ? 
_refine.aniso_B[1][2]                            ? 
_refine.aniso_B[1][3]                            ? 
_refine.aniso_B[2][3]                            ? 
_refine.solvent_model_details                    'FLAT BULK SOLVENT MODEL' 
_refine.solvent_model_param_ksol                 ? 
_refine.solvent_model_param_bsol                 ? 
_refine.pdbx_solvent_vdw_probe_radii             1.11 
_refine.pdbx_solvent_ion_probe_radii             ? 
_refine.pdbx_solvent_shrinkage_radii             0.90 
_refine.pdbx_ls_cross_valid_method               ? 
_refine.details                                  ? 
_refine.pdbx_starting_model                      ? 
_refine.pdbx_method_to_determine_struct          MAD 
_refine.pdbx_isotropic_thermal_model             ? 
_refine.pdbx_stereochemistry_target_values       ML 
_refine.pdbx_stereochem_target_val_spec_case     ? 
_refine.pdbx_R_Free_selection_details            RANDOM 
_refine.pdbx_overall_ESU_R                       ? 
_refine.pdbx_overall_ESU_R_Free                  ? 
_refine.overall_SU_ML                            0.21 
_refine.pdbx_overall_phase_error                 25.30 
_refine.overall_SU_B                             ? 
_refine.overall_SU_R_Cruickshank_DPI             ? 
_refine.ls_redundancy_reflns_obs                 ? 
_refine.B_iso_min                                ? 
_refine.B_iso_max                                ? 
_refine.overall_SU_R_free                        ? 
_refine.ls_wR_factor_R_free                      ? 
_refine.ls_wR_factor_R_work                      ? 
_refine.overall_FOM_free_R_set                   ? 
_refine.overall_FOM_work_R_set                   ? 
_refine.pdbx_diffrn_id                           1 
_refine.pdbx_refine_id                           'X-RAY DIFFRACTION' 
_refine.pdbx_TLS_residual_ADP_flag               ? 
_refine.pdbx_overall_SU_R_free_Cruickshank_DPI   ? 
_refine.pdbx_overall_SU_R_Blow_DPI               ? 
_refine.pdbx_overall_SU_R_free_Blow_DPI          ? 
# 
_refine_hist.pdbx_refine_id                   'X-RAY DIFFRACTION' 
_refine_hist.cycle_id                         LAST 
_refine_hist.pdbx_number_atoms_protein        1599 
_refine_hist.pdbx_number_atoms_nucleic_acid   0 
_refine_hist.pdbx_number_atoms_ligand         0 
_refine_hist.number_atoms_solvent             87 
_refine_hist.number_atoms_total               1686 
_refine_hist.d_res_high                       1.948 
_refine_hist.d_res_low                        36.304 
# 
loop_
_refine_ls_restr.type 
_refine_ls_restr.dev_ideal 
_refine_ls_restr.dev_ideal_target 
_refine_ls_restr.weight 
_refine_ls_restr.number 
_refine_ls_restr.pdbx_restraint_function 
_refine_ls_restr.pdbx_refine_id 
f_bond_d           0.003  ? ? 1617 ? 'X-RAY DIFFRACTION' 
f_angle_d          0.639  ? ? 2182 ? 'X-RAY DIFFRACTION' 
f_dihedral_angle_d 12.621 ? ? 609  ? 'X-RAY DIFFRACTION' 
f_chiral_restr     0.045  ? ? 256  ? 'X-RAY DIFFRACTION' 
f_plane_restr      0.002  ? ? 276  ? 'X-RAY DIFFRACTION' 
# 
loop_
_refine_ls_shell.pdbx_refine_id 
_refine_ls_shell.pdbx_total_number_of_bins_used 
_refine_ls_shell.d_res_high 
_refine_ls_shell.d_res_low 
_refine_ls_shell.number_reflns_R_work 
_refine_ls_shell.R_factor_R_work 
_refine_ls_shell.percent_reflns_obs 
_refine_ls_shell.R_factor_R_free 
_refine_ls_shell.R_factor_R_free_error 
_refine_ls_shell.percent_reflns_R_free 
_refine_ls_shell.number_reflns_R_free 
_refine_ls_shell.number_reflns_all 
_refine_ls_shell.R_factor_all 
_refine_ls_shell.redundancy_reflns_obs 
_refine_ls_shell.number_reflns_obs 
'X-RAY DIFFRACTION' 5 1.9475 2.0979  2737 0.2334 97.00  0.2846 . . 134 . . . . 
'X-RAY DIFFRACTION' 5 2.0979 2.3089  2784 0.2394 99.00  0.2887 . . 187 . . . . 
'X-RAY DIFFRACTION' 5 2.3089 2.6430  2878 0.2158 100.00 0.2521 . . 148 . . . . 
'X-RAY DIFFRACTION' 5 2.6430 3.3295  2885 0.2138 100.00 0.2453 . . 161 . . . . 
'X-RAY DIFFRACTION' 5 3.3295 36.3098 3041 0.1902 99.00  0.2362 . . 126 . . . . 
# 
_struct.entry_id                  4Q0F 
_struct.title                     'Crystal Structure of Thermotoga maritima FtsH Periplasmic domain' 
_struct.pdbx_model_details        ? 
_struct.pdbx_CASP_flag            ? 
_struct.pdbx_model_type_details   ? 
# 
_struct_keywords.entry_id        4Q0F 
_struct_keywords.pdbx_keywords   HYDROLASE 
_struct_keywords.text            'ATP-dependent proteolysis, HYDROLASE' 
# 
loop_
_struct_asym.id 
_struct_asym.pdbx_blank_PDB_chainid_flag 
_struct_asym.pdbx_modified 
_struct_asym.entity_id 
_struct_asym.details 
A N N 1 ? 
B N N 1 ? 
C N N 1 ? 
D N N 2 ? 
E N N 2 ? 
F N N 2 ? 
# 
_struct_ref.id                         1 
_struct_ref.db_name                    UNP 
_struct_ref.db_code                    FTSH_THEMA 
_struct_ref.pdbx_db_accession          Q9WZ49 
_struct_ref.entity_id                  1 
_struct_ref.pdbx_seq_one_letter_code   SKLSYTSFVQMVEDERSVVSEVVIRDDGVLRVYTKDGRVYEVDAPWAVNDSQLIEKLVSKGIKVSGER 
_struct_ref.pdbx_align_begin           34 
_struct_ref.pdbx_db_isoform            ? 
# 
loop_
_struct_ref_seq.align_id 
_struct_ref_seq.ref_id 
_struct_ref_seq.pdbx_PDB_id_code 
_struct_ref_seq.pdbx_strand_id 
_struct_ref_seq.seq_align_beg 
_struct_ref_seq.pdbx_seq_align_beg_ins_code 
_struct_ref_seq.seq_align_end 
_struct_ref_seq.pdbx_seq_align_end_ins_code 
_struct_ref_seq.pdbx_db_accession 
_struct_ref_seq.db_align_beg 
_struct_ref_seq.pdbx_db_align_beg_ins_code 
_struct_ref_seq.db_align_end 
_struct_ref_seq.pdbx_db_align_end_ins_code 
_struct_ref_seq.pdbx_auth_seq_align_beg 
_struct_ref_seq.pdbx_auth_seq_align_end 
1 1 4Q0F A 5 ? 72 ? Q9WZ49 34 ? 101 ? 34 101 
2 1 4Q0F B 5 ? 72 ? Q9WZ49 34 ? 101 ? 34 101 
3 1 4Q0F C 5 ? 72 ? Q9WZ49 34 ? 101 ? 34 101 
# 
loop_
_struct_ref_seq_dif.align_id 
_struct_ref_seq_dif.pdbx_pdb_id_code 
_struct_ref_seq_dif.mon_id 
_struct_ref_seq_dif.pdbx_pdb_strand_id 
_struct_ref_seq_dif.seq_num 
_struct_ref_seq_dif.pdbx_pdb_ins_code 
_struct_ref_seq_dif.pdbx_seq_db_name 
_struct_ref_seq_dif.pdbx_seq_db_accession_code 
_struct_ref_seq_dif.db_mon_id 
_struct_ref_seq_dif.pdbx_seq_db_seq_num 
_struct_ref_seq_dif.details 
_struct_ref_seq_dif.pdbx_auth_seq_num 
_struct_ref_seq_dif.pdbx_ordinal 
1 4Q0F GLY A 1 ? UNP Q9WZ49 ? ? 'expression tag' 30 1  
1 4Q0F ALA A 2 ? UNP Q9WZ49 ? ? 'expression tag' 31 2  
1 4Q0F MSE A 3 ? UNP Q9WZ49 ? ? 'expression tag' 32 3  
1 4Q0F GLY A 4 ? UNP Q9WZ49 ? ? 'expression tag' 33 4  
2 4Q0F GLY B 1 ? UNP Q9WZ49 ? ? 'expression tag' 30 5  
2 4Q0F ALA B 2 ? UNP Q9WZ49 ? ? 'expression tag' 31 6  
2 4Q0F MSE B 3 ? UNP Q9WZ49 ? ? 'expression tag' 32 7  
2 4Q0F GLY B 4 ? UNP Q9WZ49 ? ? 'expression tag' 33 8  
3 4Q0F GLY C 1 ? UNP Q9WZ49 ? ? 'expression tag' 30 9  
3 4Q0F ALA C 2 ? UNP Q9WZ49 ? ? 'expression tag' 31 10 
3 4Q0F MSE C 3 ? UNP Q9WZ49 ? ? 'expression tag' 32 11 
3 4Q0F GLY C 4 ? UNP Q9WZ49 ? ? 'expression tag' 33 12 
# 
_pdbx_struct_assembly.id                   1 
_pdbx_struct_assembly.details              author_defined_assembly 
_pdbx_struct_assembly.method_details       ? 
_pdbx_struct_assembly.oligomeric_details   hexameric 
_pdbx_struct_assembly.oligomeric_count     6 
# 
_pdbx_struct_assembly_gen.assembly_id       1 
_pdbx_struct_assembly_gen.oper_expression   1,2 
_pdbx_struct_assembly_gen.asym_id_list      A,B,C,D,E,F 
# 
loop_
_pdbx_struct_oper_list.id 
_pdbx_struct_oper_list.type 
_pdbx_struct_oper_list.name 
_pdbx_struct_oper_list.symmetry_operation 
_pdbx_struct_oper_list.matrix[1][1] 
_pdbx_struct_oper_list.matrix[1][2] 
_pdbx_struct_oper_list.matrix[1][3] 
_pdbx_struct_oper_list.vector[1] 
_pdbx_struct_oper_list.matrix[2][1] 
_pdbx_struct_oper_list.matrix[2][2] 
_pdbx_struct_oper_list.matrix[2][3] 
_pdbx_struct_oper_list.vector[2] 
_pdbx_struct_oper_list.matrix[3][1] 
_pdbx_struct_oper_list.matrix[3][2] 
_pdbx_struct_oper_list.matrix[3][3] 
_pdbx_struct_oper_list.vector[3] 
1 'identity operation'         1_555 x,y,z       1.0000000000 0.0000000000 0.0000000000 0.0000000000  0.0000000000 1.0000000000  0.0000000000 0.0000000000   0.0000000000 0.0000000000 1.0000000000  0.0000000000   
2 'crystal symmetry operation' 2_775 -x+2,-y+2,z 0.1249374497 0.9592889289 0.2532891322 17.3208013659 0.9592889289 -0.1819676291 0.2159919739 -11.9022920663 0.2532891322 0.2159919739 -0.9429698207 -31.8492982222 
# 
_struct_biol.id        1 
_struct_biol.details   ? 
# 
loop_
_struct_conf.conf_type_id 
_struct_conf.id 
_struct_conf.pdbx_PDB_helix_id 
_struct_conf.beg_label_comp_id 
_struct_conf.beg_label_asym_id 
_struct_conf.beg_label_seq_id 
_struct_conf.pdbx_beg_PDB_ins_code 
_struct_conf.end_label_comp_id 
_struct_conf.end_label_asym_id 
_struct_conf.end_label_seq_id 
_struct_conf.pdbx_end_PDB_ins_code 
_struct_conf.beg_auth_comp_id 
_struct_conf.beg_auth_asym_id 
_struct_conf.beg_auth_seq_id 
_struct_conf.end_auth_comp_id 
_struct_conf.end_auth_asym_id 
_struct_conf.end_auth_seq_id 
_struct_conf.pdbx_PDB_helix_class 
_struct_conf.details 
_struct_conf.pdbx_PDB_helix_length 
HELX_P HELX_P1 1 SER A 8  ? ASP A 18 ? SER A 37 ASP A 47 1 ? 11 
HELX_P HELX_P2 2 TRP A 50 ? ASN A 53 ? TRP A 79 ASN A 82 5 ? 4  
HELX_P HELX_P3 3 ASP A 54 ? LYS A 64 ? ASP A 83 LYS A 93 1 ? 11 
HELX_P HELX_P4 4 SER B 8  ? ASP B 18 ? SER B 37 ASP B 47 1 ? 11 
HELX_P HELX_P5 5 PRO B 49 ? VAL B 52 ? PRO B 78 VAL B 81 5 ? 4  
HELX_P HELX_P6 6 ASP B 54 ? LYS B 64 ? ASP B 83 LYS B 93 1 ? 11 
HELX_P HELX_P7 7 SER C 8  ? ASP C 18 ? SER C 37 ASP C 47 1 ? 11 
HELX_P HELX_P8 8 PRO C 49 ? ASN C 53 ? PRO C 78 ASN C 82 5 ? 5  
HELX_P HELX_P9 9 ASP C 54 ? LYS C 64 ? ASP C 83 LYS C 93 1 ? 11 
# 
_struct_conf_type.id          HELX_P 
_struct_conf_type.criteria    ? 
_struct_conf_type.reference   ? 
# 
loop_
_struct_conn.id 
_struct_conn.conn_type_id 
_struct_conn.pdbx_leaving_atom_flag 
_struct_conn.pdbx_PDB_id 
_struct_conn.ptnr1_label_asym_id 
_struct_conn.ptnr1_label_comp_id 
_struct_conn.ptnr1_label_seq_id 
_struct_conn.ptnr1_label_atom_id 
_struct_conn.pdbx_ptnr1_label_alt_id 
_struct_conn.pdbx_ptnr1_PDB_ins_code 
_struct_conn.pdbx_ptnr1_standard_comp_id 
_struct_conn.ptnr1_symmetry 
_struct_conn.ptnr2_label_asym_id 
_struct_conn.ptnr2_label_comp_id 
_struct_conn.ptnr2_label_seq_id 
_struct_conn.ptnr2_label_atom_id 
_struct_conn.pdbx_ptnr2_label_alt_id 
_struct_conn.pdbx_ptnr2_PDB_ins_code 
_struct_conn.ptnr1_auth_asym_id 
_struct_conn.ptnr1_auth_comp_id 
_struct_conn.ptnr1_auth_seq_id 
_struct_conn.ptnr2_auth_asym_id 
_struct_conn.ptnr2_auth_comp_id 
_struct_conn.ptnr2_auth_seq_id 
_struct_conn.ptnr2_symmetry 
_struct_conn.pdbx_ptnr3_label_atom_id 
_struct_conn.pdbx_ptnr3_label_seq_id 
_struct_conn.pdbx_ptnr3_label_comp_id 
_struct_conn.pdbx_ptnr3_label_asym_id 
_struct_conn.pdbx_ptnr3_label_alt_id 
_struct_conn.pdbx_ptnr3_PDB_ins_code 
_struct_conn.details 
_struct_conn.pdbx_dist_value 
_struct_conn.pdbx_value_order 
_struct_conn.pdbx_role 
covale1 covale both ? A GLN 14 C ? ? ? 1_555 A MSE 15 N ? ? A GLN 43 A MSE 44 1_555 ? ? ? ? ? ? ? 1.328 ? ? 
covale2 covale both ? A MSE 15 C ? ? ? 1_555 A VAL 16 N ? ? A MSE 44 A VAL 45 1_555 ? ? ? ? ? ? ? 1.330 ? ? 
covale3 covale both ? B GLN 14 C ? ? ? 1_555 B MSE 15 N ? ? B GLN 43 B MSE 44 1_555 ? ? ? ? ? ? ? 1.329 ? ? 
covale4 covale both ? B MSE 15 C ? ? ? 1_555 B VAL 16 N ? ? B MSE 44 B VAL 45 1_555 ? ? ? ? ? ? ? 1.328 ? ? 
covale5 covale both ? C GLN 14 C ? ? ? 1_555 C MSE 15 N ? ? C GLN 43 C MSE 44 1_555 ? ? ? ? ? ? ? 1.332 ? ? 
covale6 covale both ? C MSE 15 C ? ? ? 1_555 C VAL 16 N ? ? C MSE 44 C VAL 45 1_555 ? ? ? ? ? ? ? 1.330 ? ? 
# 
_struct_conn_type.id          covale 
_struct_conn_type.criteria    ? 
_struct_conn_type.reference   ? 
# 
loop_
_pdbx_modification_feature.ordinal 
_pdbx_modification_feature.label_comp_id 
_pdbx_modification_feature.label_asym_id 
_pdbx_modification_feature.label_seq_id 
_pdbx_modification_feature.label_alt_id 
_pdbx_modification_feature.modified_residue_label_comp_id 
_pdbx_modification_feature.modified_residue_label_asym_id 
_pdbx_modification_feature.modified_residue_label_seq_id 
_pdbx_modification_feature.modified_residue_label_alt_id 
_pdbx_modification_feature.auth_comp_id 
_pdbx_modification_feature.auth_asym_id 
_pdbx_modification_feature.auth_seq_id 
_pdbx_modification_feature.PDB_ins_code 
_pdbx_modification_feature.symmetry 
_pdbx_modification_feature.modified_residue_auth_comp_id 
_pdbx_modification_feature.modified_residue_auth_asym_id 
_pdbx_modification_feature.modified_residue_auth_seq_id 
_pdbx_modification_feature.modified_residue_PDB_ins_code 
_pdbx_modification_feature.modified_residue_symmetry 
_pdbx_modification_feature.comp_id_linking_atom 
_pdbx_modification_feature.modified_residue_id_linking_atom 
_pdbx_modification_feature.modified_residue_id 
_pdbx_modification_feature.ref_pcm_id 
_pdbx_modification_feature.ref_comp_id 
_pdbx_modification_feature.type 
_pdbx_modification_feature.category 
1 MSE A 15 ? . . . . MSE A 44 ? 1_555 . . . . . . . MET 1 MSE Selenomethionine 'Named protein modification' 
2 MSE B 15 ? . . . . MSE B 44 ? 1_555 . . . . . . . MET 1 MSE Selenomethionine 'Named protein modification' 
3 MSE C 15 ? . . . . MSE C 44 ? 1_555 . . . . . . . MET 1 MSE Selenomethionine 'Named protein modification' 
# 
loop_
_struct_sheet.id 
_struct_sheet.type 
_struct_sheet.number_strands 
_struct_sheet.details 
A ? 4 ? 
B ? 4 ? 
C ? 4 ? 
# 
loop_
_struct_sheet_order.sheet_id 
_struct_sheet_order.range_id_1 
_struct_sheet_order.range_id_2 
_struct_sheet_order.offset 
_struct_sheet_order.sense 
A 1 2 ? anti-parallel 
A 2 3 ? anti-parallel 
A 3 4 ? parallel      
B 1 2 ? anti-parallel 
B 2 3 ? anti-parallel 
B 3 4 ? parallel      
C 1 2 ? anti-parallel 
C 2 3 ? anti-parallel 
C 3 4 ? parallel      
# 
loop_
_struct_sheet_range.sheet_id 
_struct_sheet_range.id 
_struct_sheet_range.beg_label_comp_id 
_struct_sheet_range.beg_label_asym_id 
_struct_sheet_range.beg_label_seq_id 
_struct_sheet_range.pdbx_beg_PDB_ins_code 
_struct_sheet_range.end_label_comp_id 
_struct_sheet_range.end_label_asym_id 
_struct_sheet_range.end_label_seq_id 
_struct_sheet_range.pdbx_end_PDB_ins_code 
_struct_sheet_range.beg_auth_comp_id 
_struct_sheet_range.beg_auth_asym_id 
_struct_sheet_range.beg_auth_seq_id 
_struct_sheet_range.end_auth_comp_id 
_struct_sheet_range.end_auth_asym_id 
_struct_sheet_range.end_auth_seq_id 
A 1 VAL A 43 ? ASP A 47 ? VAL A 72 ASP A 76  
A 2 VAL A 33 ? THR A 38 ? VAL A 62 THR A 67  
A 3 VAL A 23 ? ARG A 29 ? VAL A 52 ARG A 58  
A 4 LYS A 67 ? GLU A 71 ? LYS A 96 GLU A 100 
B 1 VAL B 43 ? ASP B 47 ? VAL B 72 ASP B 76  
B 2 VAL B 33 ? THR B 38 ? VAL B 62 THR B 67  
B 3 VAL B 23 ? ARG B 29 ? VAL B 52 ARG B 58  
B 4 LYS B 67 ? GLU B 71 ? LYS B 96 GLU B 100 
C 1 VAL C 43 ? ASP C 47 ? VAL C 72 ASP C 76  
C 2 VAL C 33 ? THR C 38 ? VAL C 62 THR C 67  
C 3 VAL C 23 ? ARG C 29 ? VAL C 52 ARG C 58  
C 4 LYS C 67 ? GLU C 71 ? LYS C 96 GLU C 100 
# 
loop_
_pdbx_struct_sheet_hbond.sheet_id 
_pdbx_struct_sheet_hbond.range_id_1 
_pdbx_struct_sheet_hbond.range_id_2 
_pdbx_struct_sheet_hbond.range_1_label_atom_id 
_pdbx_struct_sheet_hbond.range_1_label_comp_id 
_pdbx_struct_sheet_hbond.range_1_label_asym_id 
_pdbx_struct_sheet_hbond.range_1_label_seq_id 
_pdbx_struct_sheet_hbond.range_1_PDB_ins_code 
_pdbx_struct_sheet_hbond.range_1_auth_atom_id 
_pdbx_struct_sheet_hbond.range_1_auth_comp_id 
_pdbx_struct_sheet_hbond.range_1_auth_asym_id 
_pdbx_struct_sheet_hbond.range_1_auth_seq_id 
_pdbx_struct_sheet_hbond.range_2_label_atom_id 
_pdbx_struct_sheet_hbond.range_2_label_comp_id 
_pdbx_struct_sheet_hbond.range_2_label_asym_id 
_pdbx_struct_sheet_hbond.range_2_label_seq_id 
_pdbx_struct_sheet_hbond.range_2_PDB_ins_code 
_pdbx_struct_sheet_hbond.range_2_auth_atom_id 
_pdbx_struct_sheet_hbond.range_2_auth_comp_id 
_pdbx_struct_sheet_hbond.range_2_auth_asym_id 
_pdbx_struct_sheet_hbond.range_2_auth_seq_id 
A 1 2 O VAL A 46 ? O VAL A 75 N LEU A 34 ? N LEU A 63 
A 2 3 O TYR A 37 ? O TYR A 66 N GLU A 25 ? N GLU A 54 
A 3 4 N ILE A 28 ? N ILE A 57 O SER A 69 ? O SER A 98 
B 1 2 O VAL B 46 ? O VAL B 75 N LEU B 34 ? N LEU B 63 
B 2 3 O TYR B 37 ? O TYR B 66 N GLU B 25 ? N GLU B 54 
B 3 4 N VAL B 26 ? N VAL B 55 O LYS B 67 ? O LYS B 96 
C 1 2 O TYR C 44 ? O TYR C 73 N VAL C 36 ? N VAL C 65 
C 2 3 O TYR C 37 ? O TYR C 66 N GLU C 25 ? N GLU C 54 
C 3 4 N VAL C 26 ? N VAL C 55 O LYS C 67 ? O LYS C 96 
# 
_pdbx_entry_details.entry_id                   4Q0F 
_pdbx_entry_details.compound_details           ? 
_pdbx_entry_details.source_details             ? 
_pdbx_entry_details.nonpolymer_details         ? 
_pdbx_entry_details.sequence_details           ? 
_pdbx_entry_details.has_ligand_of_interest     ? 
_pdbx_entry_details.has_protein_modification   Y 
# 
loop_
_pdbx_validate_torsion.id 
_pdbx_validate_torsion.PDB_model_num 
_pdbx_validate_torsion.auth_comp_id 
_pdbx_validate_torsion.auth_asym_id 
_pdbx_validate_torsion.auth_seq_id 
_pdbx_validate_torsion.PDB_ins_code 
_pdbx_validate_torsion.label_alt_id 
_pdbx_validate_torsion.phi 
_pdbx_validate_torsion.psi 
1 1 ARG A 49 ? ? -100.30 41.18  
2 1 ALA A 77 ? ? -153.32 83.47  
3 1 ASN A 82 ? ? -116.44 69.55  
4 1 ALA B 77 ? ? -154.71 77.56  
5 1 SER C 50 ? ? -57.85  100.07 
6 1 ALA C 77 ? ? -156.17 84.03  
# 
loop_
_pdbx_struct_mod_residue.id 
_pdbx_struct_mod_residue.label_asym_id 
_pdbx_struct_mod_residue.label_comp_id 
_pdbx_struct_mod_residue.label_seq_id 
_pdbx_struct_mod_residue.auth_asym_id 
_pdbx_struct_mod_residue.auth_comp_id 
_pdbx_struct_mod_residue.auth_seq_id 
_pdbx_struct_mod_residue.PDB_ins_code 
_pdbx_struct_mod_residue.parent_comp_id 
_pdbx_struct_mod_residue.details 
1 A MSE 15 A MSE 44 ? MET SELENOMETHIONINE 
2 B MSE 15 B MSE 44 ? MET SELENOMETHIONINE 
3 C MSE 15 C MSE 44 ? MET SELENOMETHIONINE 
# 
loop_
_pdbx_struct_special_symmetry.id 
_pdbx_struct_special_symmetry.PDB_model_num 
_pdbx_struct_special_symmetry.auth_asym_id 
_pdbx_struct_special_symmetry.auth_comp_id 
_pdbx_struct_special_symmetry.auth_seq_id 
_pdbx_struct_special_symmetry.PDB_ins_code 
_pdbx_struct_special_symmetry.label_asym_id 
_pdbx_struct_special_symmetry.label_comp_id 
_pdbx_struct_special_symmetry.label_seq_id 
1 1 B HOH 239 ? E HOH . 
2 1 B HOH 241 ? E HOH . 
# 
loop_
_pdbx_unobs_or_zero_occ_residues.id 
_pdbx_unobs_or_zero_occ_residues.PDB_model_num 
_pdbx_unobs_or_zero_occ_residues.polymer_flag 
_pdbx_unobs_or_zero_occ_residues.occupancy_flag 
_pdbx_unobs_or_zero_occ_residues.auth_asym_id 
_pdbx_unobs_or_zero_occ_residues.auth_comp_id 
_pdbx_unobs_or_zero_occ_residues.auth_seq_id 
_pdbx_unobs_or_zero_occ_residues.PDB_ins_code 
_pdbx_unobs_or_zero_occ_residues.label_asym_id 
_pdbx_unobs_or_zero_occ_residues.label_comp_id 
_pdbx_unobs_or_zero_occ_residues.label_seq_id 
1  1 Y 1 A GLY 30  ? A GLY 1  
2  1 Y 1 A ALA 31  ? A ALA 2  
3  1 Y 1 A MSE 32  ? A MSE 3  
4  1 Y 1 A GLY 33  ? A GLY 4  
5  1 Y 1 B GLY 30  ? B GLY 1  
6  1 Y 1 B ALA 31  ? B ALA 2  
7  1 Y 1 B MSE 32  ? B MSE 3  
8  1 Y 1 B GLY 33  ? B GLY 4  
9  1 Y 1 B ARG 101 ? B ARG 72 
10 1 Y 1 C GLY 30  ? C GLY 1  
11 1 Y 1 C ALA 31  ? C ALA 2  
12 1 Y 1 C MSE 32  ? C MSE 3  
13 1 Y 1 C GLY 33  ? C GLY 4  
14 1 Y 1 C SER 34  ? C SER 5  
# 
loop_
_chem_comp_atom.comp_id 
_chem_comp_atom.atom_id 
_chem_comp_atom.type_symbol 
_chem_comp_atom.pdbx_aromatic_flag 
_chem_comp_atom.pdbx_stereo_config 
_chem_comp_atom.pdbx_ordinal 
ALA N    N  N N 1   
ALA CA   C  N S 2   
ALA C    C  N N 3   
ALA O    O  N N 4   
ALA CB   C  N N 5   
ALA OXT  O  N N 6   
ALA H    H  N N 7   
ALA H2   H  N N 8   
ALA HA   H  N N 9   
ALA HB1  H  N N 10  
ALA HB2  H  N N 11  
ALA HB3  H  N N 12  
ALA HXT  H  N N 13  
ARG N    N  N N 14  
ARG CA   C  N S 15  
ARG C    C  N N 16  
ARG O    O  N N 17  
ARG CB   C  N N 18  
ARG CG   C  N N 19  
ARG CD   C  N N 20  
ARG NE   N  N N 21  
ARG CZ   C  N N 22  
ARG NH1  N  N N 23  
ARG NH2  N  N N 24  
ARG OXT  O  N N 25  
ARG H    H  N N 26  
ARG H2   H  N N 27  
ARG HA   H  N N 28  
ARG HB2  H  N N 29  
ARG HB3  H  N N 30  
ARG HG2  H  N N 31  
ARG HG3  H  N N 32  
ARG HD2  H  N N 33  
ARG HD3  H  N N 34  
ARG HE   H  N N 35  
ARG HH11 H  N N 36  
ARG HH12 H  N N 37  
ARG HH21 H  N N 38  
ARG HH22 H  N N 39  
ARG HXT  H  N N 40  
ASN N    N  N N 41  
ASN CA   C  N S 42  
ASN C    C  N N 43  
ASN O    O  N N 44  
ASN CB   C  N N 45  
ASN CG   C  N N 46  
ASN OD1  O  N N 47  
ASN ND2  N  N N 48  
ASN OXT  O  N N 49  
ASN H    H  N N 50  
ASN H2   H  N N 51  
ASN HA   H  N N 52  
ASN HB2  H  N N 53  
ASN HB3  H  N N 54  
ASN HD21 H  N N 55  
ASN HD22 H  N N 56  
ASN HXT  H  N N 57  
ASP N    N  N N 58  
ASP CA   C  N S 59  
ASP C    C  N N 60  
ASP O    O  N N 61  
ASP CB   C  N N 62  
ASP CG   C  N N 63  
ASP OD1  O  N N 64  
ASP OD2  O  N N 65  
ASP OXT  O  N N 66  
ASP H    H  N N 67  
ASP H2   H  N N 68  
ASP HA   H  N N 69  
ASP HB2  H  N N 70  
ASP HB3  H  N N 71  
ASP HD2  H  N N 72  
ASP HXT  H  N N 73  
GLN N    N  N N 74  
GLN CA   C  N S 75  
GLN C    C  N N 76  
GLN O    O  N N 77  
GLN CB   C  N N 78  
GLN CG   C  N N 79  
GLN CD   C  N N 80  
GLN OE1  O  N N 81  
GLN NE2  N  N N 82  
GLN OXT  O  N N 83  
GLN H    H  N N 84  
GLN H2   H  N N 85  
GLN HA   H  N N 86  
GLN HB2  H  N N 87  
GLN HB3  H  N N 88  
GLN HG2  H  N N 89  
GLN HG3  H  N N 90  
GLN HE21 H  N N 91  
GLN HE22 H  N N 92  
GLN HXT  H  N N 93  
GLU N    N  N N 94  
GLU CA   C  N S 95  
GLU C    C  N N 96  
GLU O    O  N N 97  
GLU CB   C  N N 98  
GLU CG   C  N N 99  
GLU CD   C  N N 100 
GLU OE1  O  N N 101 
GLU OE2  O  N N 102 
GLU OXT  O  N N 103 
GLU H    H  N N 104 
GLU H2   H  N N 105 
GLU HA   H  N N 106 
GLU HB2  H  N N 107 
GLU HB3  H  N N 108 
GLU HG2  H  N N 109 
GLU HG3  H  N N 110 
GLU HE2  H  N N 111 
GLU HXT  H  N N 112 
GLY N    N  N N 113 
GLY CA   C  N N 114 
GLY C    C  N N 115 
GLY O    O  N N 116 
GLY OXT  O  N N 117 
GLY H    H  N N 118 
GLY H2   H  N N 119 
GLY HA2  H  N N 120 
GLY HA3  H  N N 121 
GLY HXT  H  N N 122 
HOH O    O  N N 123 
HOH H1   H  N N 124 
HOH H2   H  N N 125 
ILE N    N  N N 126 
ILE CA   C  N S 127 
ILE C    C  N N 128 
ILE O    O  N N 129 
ILE CB   C  N S 130 
ILE CG1  C  N N 131 
ILE CG2  C  N N 132 
ILE CD1  C  N N 133 
ILE OXT  O  N N 134 
ILE H    H  N N 135 
ILE H2   H  N N 136 
ILE HA   H  N N 137 
ILE HB   H  N N 138 
ILE HG12 H  N N 139 
ILE HG13 H  N N 140 
ILE HG21 H  N N 141 
ILE HG22 H  N N 142 
ILE HG23 H  N N 143 
ILE HD11 H  N N 144 
ILE HD12 H  N N 145 
ILE HD13 H  N N 146 
ILE HXT  H  N N 147 
LEU N    N  N N 148 
LEU CA   C  N S 149 
LEU C    C  N N 150 
LEU O    O  N N 151 
LEU CB   C  N N 152 
LEU CG   C  N N 153 
LEU CD1  C  N N 154 
LEU CD2  C  N N 155 
LEU OXT  O  N N 156 
LEU H    H  N N 157 
LEU H2   H  N N 158 
LEU HA   H  N N 159 
LEU HB2  H  N N 160 
LEU HB3  H  N N 161 
LEU HG   H  N N 162 
LEU HD11 H  N N 163 
LEU HD12 H  N N 164 
LEU HD13 H  N N 165 
LEU HD21 H  N N 166 
LEU HD22 H  N N 167 
LEU HD23 H  N N 168 
LEU HXT  H  N N 169 
LYS N    N  N N 170 
LYS CA   C  N S 171 
LYS C    C  N N 172 
LYS O    O  N N 173 
LYS CB   C  N N 174 
LYS CG   C  N N 175 
LYS CD   C  N N 176 
LYS CE   C  N N 177 
LYS NZ   N  N N 178 
LYS OXT  O  N N 179 
LYS H    H  N N 180 
LYS H2   H  N N 181 
LYS HA   H  N N 182 
LYS HB2  H  N N 183 
LYS HB3  H  N N 184 
LYS HG2  H  N N 185 
LYS HG3  H  N N 186 
LYS HD2  H  N N 187 
LYS HD3  H  N N 188 
LYS HE2  H  N N 189 
LYS HE3  H  N N 190 
LYS HZ1  H  N N 191 
LYS HZ2  H  N N 192 
LYS HZ3  H  N N 193 
LYS HXT  H  N N 194 
MSE N    N  N N 195 
MSE CA   C  N S 196 
MSE C    C  N N 197 
MSE O    O  N N 198 
MSE OXT  O  N N 199 
MSE CB   C  N N 200 
MSE CG   C  N N 201 
MSE SE   SE N N 202 
MSE CE   C  N N 203 
MSE H    H  N N 204 
MSE H2   H  N N 205 
MSE HA   H  N N 206 
MSE HXT  H  N N 207 
MSE HB2  H  N N 208 
MSE HB3  H  N N 209 
MSE HG2  H  N N 210 
MSE HG3  H  N N 211 
MSE HE1  H  N N 212 
MSE HE2  H  N N 213 
MSE HE3  H  N N 214 
PHE N    N  N N 215 
PHE CA   C  N S 216 
PHE C    C  N N 217 
PHE O    O  N N 218 
PHE CB   C  N N 219 
PHE CG   C  Y N 220 
PHE CD1  C  Y N 221 
PHE CD2  C  Y N 222 
PHE CE1  C  Y N 223 
PHE CE2  C  Y N 224 
PHE CZ   C  Y N 225 
PHE OXT  O  N N 226 
PHE H    H  N N 227 
PHE H2   H  N N 228 
PHE HA   H  N N 229 
PHE HB2  H  N N 230 
PHE HB3  H  N N 231 
PHE HD1  H  N N 232 
PHE HD2  H  N N 233 
PHE HE1  H  N N 234 
PHE HE2  H  N N 235 
PHE HZ   H  N N 236 
PHE HXT  H  N N 237 
PRO N    N  N N 238 
PRO CA   C  N S 239 
PRO C    C  N N 240 
PRO O    O  N N 241 
PRO CB   C  N N 242 
PRO CG   C  N N 243 
PRO CD   C  N N 244 
PRO OXT  O  N N 245 
PRO H    H  N N 246 
PRO HA   H  N N 247 
PRO HB2  H  N N 248 
PRO HB3  H  N N 249 
PRO HG2  H  N N 250 
PRO HG3  H  N N 251 
PRO HD2  H  N N 252 
PRO HD3  H  N N 253 
PRO HXT  H  N N 254 
SER N    N  N N 255 
SER CA   C  N S 256 
SER C    C  N N 257 
SER O    O  N N 258 
SER CB   C  N N 259 
SER OG   O  N N 260 
SER OXT  O  N N 261 
SER H    H  N N 262 
SER H2   H  N N 263 
SER HA   H  N N 264 
SER HB2  H  N N 265 
SER HB3  H  N N 266 
SER HG   H  N N 267 
SER HXT  H  N N 268 
THR N    N  N N 269 
THR CA   C  N S 270 
THR C    C  N N 271 
THR O    O  N N 272 
THR CB   C  N R 273 
THR OG1  O  N N 274 
THR CG2  C  N N 275 
THR OXT  O  N N 276 
THR H    H  N N 277 
THR H2   H  N N 278 
THR HA   H  N N 279 
THR HB   H  N N 280 
THR HG1  H  N N 281 
THR HG21 H  N N 282 
THR HG22 H  N N 283 
THR HG23 H  N N 284 
THR HXT  H  N N 285 
TRP N    N  N N 286 
TRP CA   C  N S 287 
TRP C    C  N N 288 
TRP O    O  N N 289 
TRP CB   C  N N 290 
TRP CG   C  Y N 291 
TRP CD1  C  Y N 292 
TRP CD2  C  Y N 293 
TRP NE1  N  Y N 294 
TRP CE2  C  Y N 295 
TRP CE3  C  Y N 296 
TRP CZ2  C  Y N 297 
TRP CZ3  C  Y N 298 
TRP CH2  C  Y N 299 
TRP OXT  O  N N 300 
TRP H    H  N N 301 
TRP H2   H  N N 302 
TRP HA   H  N N 303 
TRP HB2  H  N N 304 
TRP HB3  H  N N 305 
TRP HD1  H  N N 306 
TRP HE1  H  N N 307 
TRP HE3  H  N N 308 
TRP HZ2  H  N N 309 
TRP HZ3  H  N N 310 
TRP HH2  H  N N 311 
TRP HXT  H  N N 312 
TYR N    N  N N 313 
TYR CA   C  N S 314 
TYR C    C  N N 315 
TYR O    O  N N 316 
TYR CB   C  N N 317 
TYR CG   C  Y N 318 
TYR CD1  C  Y N 319 
TYR CD2  C  Y N 320 
TYR CE1  C  Y N 321 
TYR CE2  C  Y N 322 
TYR CZ   C  Y N 323 
TYR OH   O  N N 324 
TYR OXT  O  N N 325 
TYR H    H  N N 326 
TYR H2   H  N N 327 
TYR HA   H  N N 328 
TYR HB2  H  N N 329 
TYR HB3  H  N N 330 
TYR HD1  H  N N 331 
TYR HD2  H  N N 332 
TYR HE1  H  N N 333 
TYR HE2  H  N N 334 
TYR HH   H  N N 335 
TYR HXT  H  N N 336 
VAL N    N  N N 337 
VAL CA   C  N S 338 
VAL C    C  N N 339 
VAL O    O  N N 340 
VAL CB   C  N N 341 
VAL CG1  C  N N 342 
VAL CG2  C  N N 343 
VAL OXT  O  N N 344 
VAL H    H  N N 345 
VAL H2   H  N N 346 
VAL HA   H  N N 347 
VAL HB   H  N N 348 
VAL HG11 H  N N 349 
VAL HG12 H  N N 350 
VAL HG13 H  N N 351 
VAL HG21 H  N N 352 
VAL HG22 H  N N 353 
VAL HG23 H  N N 354 
VAL HXT  H  N N 355 
# 
loop_
_chem_comp_bond.comp_id 
_chem_comp_bond.atom_id_1 
_chem_comp_bond.atom_id_2 
_chem_comp_bond.value_order 
_chem_comp_bond.pdbx_aromatic_flag 
_chem_comp_bond.pdbx_stereo_config 
_chem_comp_bond.pdbx_ordinal 
ALA N   CA   sing N N 1   
ALA N   H    sing N N 2   
ALA N   H2   sing N N 3   
ALA CA  C    sing N N 4   
ALA CA  CB   sing N N 5   
ALA CA  HA   sing N N 6   
ALA C   O    doub N N 7   
ALA C   OXT  sing N N 8   
ALA CB  HB1  sing N N 9   
ALA CB  HB2  sing N N 10  
ALA CB  HB3  sing N N 11  
ALA OXT HXT  sing N N 12  
ARG N   CA   sing N N 13  
ARG N   H    sing N N 14  
ARG N   H2   sing N N 15  
ARG CA  C    sing N N 16  
ARG CA  CB   sing N N 17  
ARG CA  HA   sing N N 18  
ARG C   O    doub N N 19  
ARG C   OXT  sing N N 20  
ARG CB  CG   sing N N 21  
ARG CB  HB2  sing N N 22  
ARG CB  HB3  sing N N 23  
ARG CG  CD   sing N N 24  
ARG CG  HG2  sing N N 25  
ARG CG  HG3  sing N N 26  
ARG CD  NE   sing N N 27  
ARG CD  HD2  sing N N 28  
ARG CD  HD3  sing N N 29  
ARG NE  CZ   sing N N 30  
ARG NE  HE   sing N N 31  
ARG CZ  NH1  sing N N 32  
ARG CZ  NH2  doub N N 33  
ARG NH1 HH11 sing N N 34  
ARG NH1 HH12 sing N N 35  
ARG NH2 HH21 sing N N 36  
ARG NH2 HH22 sing N N 37  
ARG OXT HXT  sing N N 38  
ASN N   CA   sing N N 39  
ASN N   H    sing N N 40  
ASN N   H2   sing N N 41  
ASN CA  C    sing N N 42  
ASN CA  CB   sing N N 43  
ASN CA  HA   sing N N 44  
ASN C   O    doub N N 45  
ASN C   OXT  sing N N 46  
ASN CB  CG   sing N N 47  
ASN CB  HB2  sing N N 48  
ASN CB  HB3  sing N N 49  
ASN CG  OD1  doub N N 50  
ASN CG  ND2  sing N N 51  
ASN ND2 HD21 sing N N 52  
ASN ND2 HD22 sing N N 53  
ASN OXT HXT  sing N N 54  
ASP N   CA   sing N N 55  
ASP N   H    sing N N 56  
ASP N   H2   sing N N 57  
ASP CA  C    sing N N 58  
ASP CA  CB   sing N N 59  
ASP CA  HA   sing N N 60  
ASP C   O    doub N N 61  
ASP C   OXT  sing N N 62  
ASP CB  CG   sing N N 63  
ASP CB  HB2  sing N N 64  
ASP CB  HB3  sing N N 65  
ASP CG  OD1  doub N N 66  
ASP CG  OD2  sing N N 67  
ASP OD2 HD2  sing N N 68  
ASP OXT HXT  sing N N 69  
GLN N   CA   sing N N 70  
GLN N   H    sing N N 71  
GLN N   H2   sing N N 72  
GLN CA  C    sing N N 73  
GLN CA  CB   sing N N 74  
GLN CA  HA   sing N N 75  
GLN C   O    doub N N 76  
GLN C   OXT  sing N N 77  
GLN CB  CG   sing N N 78  
GLN CB  HB2  sing N N 79  
GLN CB  HB3  sing N N 80  
GLN CG  CD   sing N N 81  
GLN CG  HG2  sing N N 82  
GLN CG  HG3  sing N N 83  
GLN CD  OE1  doub N N 84  
GLN CD  NE2  sing N N 85  
GLN NE2 HE21 sing N N 86  
GLN NE2 HE22 sing N N 87  
GLN OXT HXT  sing N N 88  
GLU N   CA   sing N N 89  
GLU N   H    sing N N 90  
GLU N   H2   sing N N 91  
GLU CA  C    sing N N 92  
GLU CA  CB   sing N N 93  
GLU CA  HA   sing N N 94  
GLU C   O    doub N N 95  
GLU C   OXT  sing N N 96  
GLU CB  CG   sing N N 97  
GLU CB  HB2  sing N N 98  
GLU CB  HB3  sing N N 99  
GLU CG  CD   sing N N 100 
GLU CG  HG2  sing N N 101 
GLU CG  HG3  sing N N 102 
GLU CD  OE1  doub N N 103 
GLU CD  OE2  sing N N 104 
GLU OE2 HE2  sing N N 105 
GLU OXT HXT  sing N N 106 
GLY N   CA   sing N N 107 
GLY N   H    sing N N 108 
GLY N   H2   sing N N 109 
GLY CA  C    sing N N 110 
GLY CA  HA2  sing N N 111 
GLY CA  HA3  sing N N 112 
GLY C   O    doub N N 113 
GLY C   OXT  sing N N 114 
GLY OXT HXT  sing N N 115 
HOH O   H1   sing N N 116 
HOH O   H2   sing N N 117 
ILE N   CA   sing N N 118 
ILE N   H    sing N N 119 
ILE N   H2   sing N N 120 
ILE CA  C    sing N N 121 
ILE CA  CB   sing N N 122 
ILE CA  HA   sing N N 123 
ILE C   O    doub N N 124 
ILE C   OXT  sing N N 125 
ILE CB  CG1  sing N N 126 
ILE CB  CG2  sing N N 127 
ILE CB  HB   sing N N 128 
ILE CG1 CD1  sing N N 129 
ILE CG1 HG12 sing N N 130 
ILE CG1 HG13 sing N N 131 
ILE CG2 HG21 sing N N 132 
ILE CG2 HG22 sing N N 133 
ILE CG2 HG23 sing N N 134 
ILE CD1 HD11 sing N N 135 
ILE CD1 HD12 sing N N 136 
ILE CD1 HD13 sing N N 137 
ILE OXT HXT  sing N N 138 
LEU N   CA   sing N N 139 
LEU N   H    sing N N 140 
LEU N   H2   sing N N 141 
LEU CA  C    sing N N 142 
LEU CA  CB   sing N N 143 
LEU CA  HA   sing N N 144 
LEU C   O    doub N N 145 
LEU C   OXT  sing N N 146 
LEU CB  CG   sing N N 147 
LEU CB  HB2  sing N N 148 
LEU CB  HB3  sing N N 149 
LEU CG  CD1  sing N N 150 
LEU CG  CD2  sing N N 151 
LEU CG  HG   sing N N 152 
LEU CD1 HD11 sing N N 153 
LEU CD1 HD12 sing N N 154 
LEU CD1 HD13 sing N N 155 
LEU CD2 HD21 sing N N 156 
LEU CD2 HD22 sing N N 157 
LEU CD2 HD23 sing N N 158 
LEU OXT HXT  sing N N 159 
LYS N   CA   sing N N 160 
LYS N   H    sing N N 161 
LYS N   H2   sing N N 162 
LYS CA  C    sing N N 163 
LYS CA  CB   sing N N 164 
LYS CA  HA   sing N N 165 
LYS C   O    doub N N 166 
LYS C   OXT  sing N N 167 
LYS CB  CG   sing N N 168 
LYS CB  HB2  sing N N 169 
LYS CB  HB3  sing N N 170 
LYS CG  CD   sing N N 171 
LYS CG  HG2  sing N N 172 
LYS CG  HG3  sing N N 173 
LYS CD  CE   sing N N 174 
LYS CD  HD2  sing N N 175 
LYS CD  HD3  sing N N 176 
LYS CE  NZ   sing N N 177 
LYS CE  HE2  sing N N 178 
LYS CE  HE3  sing N N 179 
LYS NZ  HZ1  sing N N 180 
LYS NZ  HZ2  sing N N 181 
LYS NZ  HZ3  sing N N 182 
LYS OXT HXT  sing N N 183 
MSE N   CA   sing N N 184 
MSE N   H    sing N N 185 
MSE N   H2   sing N N 186 
MSE CA  C    sing N N 187 
MSE CA  CB   sing N N 188 
MSE CA  HA   sing N N 189 
MSE C   O    doub N N 190 
MSE C   OXT  sing N N 191 
MSE OXT HXT  sing N N 192 
MSE CB  CG   sing N N 193 
MSE CB  HB2  sing N N 194 
MSE CB  HB3  sing N N 195 
MSE CG  SE   sing N N 196 
MSE CG  HG2  sing N N 197 
MSE CG  HG3  sing N N 198 
MSE SE  CE   sing N N 199 
MSE CE  HE1  sing N N 200 
MSE CE  HE2  sing N N 201 
MSE CE  HE3  sing N N 202 
PHE N   CA   sing N N 203 
PHE N   H    sing N N 204 
PHE N   H2   sing N N 205 
PHE CA  C    sing N N 206 
PHE CA  CB   sing N N 207 
PHE CA  HA   sing N N 208 
PHE C   O    doub N N 209 
PHE C   OXT  sing N N 210 
PHE CB  CG   sing N N 211 
PHE CB  HB2  sing N N 212 
PHE CB  HB3  sing N N 213 
PHE CG  CD1  doub Y N 214 
PHE CG  CD2  sing Y N 215 
PHE CD1 CE1  sing Y N 216 
PHE CD1 HD1  sing N N 217 
PHE CD2 CE2  doub Y N 218 
PHE CD2 HD2  sing N N 219 
PHE CE1 CZ   doub Y N 220 
PHE CE1 HE1  sing N N 221 
PHE CE2 CZ   sing Y N 222 
PHE CE2 HE2  sing N N 223 
PHE CZ  HZ   sing N N 224 
PHE OXT HXT  sing N N 225 
PRO N   CA   sing N N 226 
PRO N   CD   sing N N 227 
PRO N   H    sing N N 228 
PRO CA  C    sing N N 229 
PRO CA  CB   sing N N 230 
PRO CA  HA   sing N N 231 
PRO C   O    doub N N 232 
PRO C   OXT  sing N N 233 
PRO CB  CG   sing N N 234 
PRO CB  HB2  sing N N 235 
PRO CB  HB3  sing N N 236 
PRO CG  CD   sing N N 237 
PRO CG  HG2  sing N N 238 
PRO CG  HG3  sing N N 239 
PRO CD  HD2  sing N N 240 
PRO CD  HD3  sing N N 241 
PRO OXT HXT  sing N N 242 
SER N   CA   sing N N 243 
SER N   H    sing N N 244 
SER N   H2   sing N N 245 
SER CA  C    sing N N 246 
SER CA  CB   sing N N 247 
SER CA  HA   sing N N 248 
SER C   O    doub N N 249 
SER C   OXT  sing N N 250 
SER CB  OG   sing N N 251 
SER CB  HB2  sing N N 252 
SER CB  HB3  sing N N 253 
SER OG  HG   sing N N 254 
SER OXT HXT  sing N N 255 
THR N   CA   sing N N 256 
THR N   H    sing N N 257 
THR N   H2   sing N N 258 
THR CA  C    sing N N 259 
THR CA  CB   sing N N 260 
THR CA  HA   sing N N 261 
THR C   O    doub N N 262 
THR C   OXT  sing N N 263 
THR CB  OG1  sing N N 264 
THR CB  CG2  sing N N 265 
THR CB  HB   sing N N 266 
THR OG1 HG1  sing N N 267 
THR CG2 HG21 sing N N 268 
THR CG2 HG22 sing N N 269 
THR CG2 HG23 sing N N 270 
THR OXT HXT  sing N N 271 
TRP N   CA   sing N N 272 
TRP N   H    sing N N 273 
TRP N   H2   sing N N 274 
TRP CA  C    sing N N 275 
TRP CA  CB   sing N N 276 
TRP CA  HA   sing N N 277 
TRP C   O    doub N N 278 
TRP C   OXT  sing N N 279 
TRP CB  CG   sing N N 280 
TRP CB  HB2  sing N N 281 
TRP CB  HB3  sing N N 282 
TRP CG  CD1  doub Y N 283 
TRP CG  CD2  sing Y N 284 
TRP CD1 NE1  sing Y N 285 
TRP CD1 HD1  sing N N 286 
TRP CD2 CE2  doub Y N 287 
TRP CD2 CE3  sing Y N 288 
TRP NE1 CE2  sing Y N 289 
TRP NE1 HE1  sing N N 290 
TRP CE2 CZ2  sing Y N 291 
TRP CE3 CZ3  doub Y N 292 
TRP CE3 HE3  sing N N 293 
TRP CZ2 CH2  doub Y N 294 
TRP CZ2 HZ2  sing N N 295 
TRP CZ3 CH2  sing Y N 296 
TRP CZ3 HZ3  sing N N 297 
TRP CH2 HH2  sing N N 298 
TRP OXT HXT  sing N N 299 
TYR N   CA   sing N N 300 
TYR N   H    sing N N 301 
TYR N   H2   sing N N 302 
TYR CA  C    sing N N 303 
TYR CA  CB   sing N N 304 
TYR CA  HA   sing N N 305 
TYR C   O    doub N N 306 
TYR C   OXT  sing N N 307 
TYR CB  CG   sing N N 308 
TYR CB  HB2  sing N N 309 
TYR CB  HB3  sing N N 310 
TYR CG  CD1  doub Y N 311 
TYR CG  CD2  sing Y N 312 
TYR CD1 CE1  sing Y N 313 
TYR CD1 HD1  sing N N 314 
TYR CD2 CE2  doub Y N 315 
TYR CD2 HD2  sing N N 316 
TYR CE1 CZ   doub Y N 317 
TYR CE1 HE1  sing N N 318 
TYR CE2 CZ   sing Y N 319 
TYR CE2 HE2  sing N N 320 
TYR CZ  OH   sing N N 321 
TYR OH  HH   sing N N 322 
TYR OXT HXT  sing N N 323 
VAL N   CA   sing N N 324 
VAL N   H    sing N N 325 
VAL N   H2   sing N N 326 
VAL CA  C    sing N N 327 
VAL CA  CB   sing N N 328 
VAL CA  HA   sing N N 329 
VAL C   O    doub N N 330 
VAL C   OXT  sing N N 331 
VAL CB  CG1  sing N N 332 
VAL CB  CG2  sing N N 333 
VAL CB  HB   sing N N 334 
VAL CG1 HG11 sing N N 335 
VAL CG1 HG12 sing N N 336 
VAL CG1 HG13 sing N N 337 
VAL CG2 HG21 sing N N 338 
VAL CG2 HG22 sing N N 339 
VAL CG2 HG23 sing N N 340 
VAL OXT HXT  sing N N 341 
# 
_atom_sites.entry_id                    4Q0F 
_atom_sites.fract_transf_matrix[1][1]   -0.00754511 
_atom_sites.fract_transf_matrix[1][2]   0.01360132 
_atom_sites.fract_transf_matrix[1][3]   -0.01800242 
_atom_sites.fract_transf_matrix[2][1]   -0.00877854 
_atom_sites.fract_transf_matrix[2][2]   0.00777244 
_atom_sites.fract_transf_matrix[2][3]   0.00955152 
_atom_sites.fract_transf_matrix[3][1]   0.01041196 
_atom_sites.fract_transf_matrix[3][2]   0.00887879 
_atom_sites.fract_transf_matrix[3][3]   0.00234434 
_atom_sites.fract_transf_vector[1]      0.859588 
_atom_sites.fract_transf_vector[2]      1.274394 
_atom_sites.fract_transf_vector[3]      0.254364 
# 
loop_
_atom_type.symbol 
C  
N  
O  
SE 
# 
loop_
_atom_site.group_PDB 
_atom_site.id 
_atom_site.type_symbol 
_atom_site.label_atom_id 
_atom_site.label_alt_id 
_atom_site.label_comp_id 
_atom_site.label_asym_id 
_atom_site.label_entity_id 
_atom_site.label_seq_id 
_atom_site.pdbx_PDB_ins_code 
_atom_site.Cartn_x 
_atom_site.Cartn_y 
_atom_site.Cartn_z 
_atom_site.occupancy 
_atom_site.B_iso_or_equiv 
_atom_site.pdbx_formal_charge 
_atom_site.auth_seq_id 
_atom_site.auth_comp_id 
_atom_site.auth_asym_id 
_atom_site.auth_atom_id 
_atom_site.pdbx_PDB_model_num 
ATOM   1    N  N   . SER A 1 5  ? 3.098   0.311   -19.212 1.00 45.22  ? 34  SER A N   1 
ATOM   2    C  CA  . SER A 1 5  ? 2.696   -0.756  -18.301 1.00 47.12  ? 34  SER A CA  1 
ATOM   3    C  C   . SER A 1 5  ? 3.376   -0.617  -16.943 1.00 39.12  ? 34  SER A C   1 
ATOM   4    O  O   . SER A 1 5  ? 2.728   -0.707  -15.903 1.00 44.42  ? 34  SER A O   1 
ATOM   5    C  CB  . SER A 1 5  ? 3.004   -2.125  -18.909 1.00 59.15  ? 34  SER A CB  1 
ATOM   6    O  OG  . SER A 1 5  ? 2.576   -3.168  -18.051 1.00 63.60  ? 34  SER A OG  1 
ATOM   7    N  N   . LYS A 1 6  ? 4.686   -0.402  -16.952 1.00 35.61  ? 35  LYS A N   1 
ATOM   8    C  CA  . LYS A 1 6  ? 5.418   -0.171  -15.712 1.00 28.84  ? 35  LYS A CA  1 
ATOM   9    C  C   . LYS A 1 6  ? 5.230   1.269   -15.243 1.00 29.29  ? 35  LYS A C   1 
ATOM   10   O  O   . LYS A 1 6  ? 5.334   2.209   -16.030 1.00 37.52  ? 35  LYS A O   1 
ATOM   11   C  CB  . LYS A 1 6  ? 6.904   -0.499  -15.885 1.00 40.33  ? 35  LYS A CB  1 
ATOM   12   C  CG  . LYS A 1 6  ? 7.811   0.050   -14.787 1.00 49.58  ? 35  LYS A CG  1 
ATOM   13   C  CD  . LYS A 1 6  ? 7.462   -0.494  -13.406 1.00 72.66  ? 35  LYS A CD  1 
ATOM   14   C  CE  . LYS A 1 6  ? 8.213   0.273   -12.323 1.00 75.46  ? 35  LYS A CE  1 
ATOM   15   N  NZ  . LYS A 1 6  ? 7.675   0.022   -10.956 1.00 40.74  ? 35  LYS A NZ  1 
ATOM   16   N  N   . LEU A 1 7  ? 4.945   1.427   -13.956 1.00 28.35  ? 36  LEU A N   1 
ATOM   17   C  CA  . LEU A 1 7  ? 4.715   2.736   -13.368 1.00 19.38  ? 36  LEU A CA  1 
ATOM   18   C  C   . LEU A 1 7  ? 5.536   2.871   -12.091 1.00 26.44  ? 36  LEU A C   1 
ATOM   19   O  O   . LEU A 1 7  ? 5.535   1.971   -11.251 1.00 23.45  ? 36  LEU A O   1 
ATOM   20   C  CB  . LEU A 1 7  ? 3.231   2.900   -13.049 1.00 29.09  ? 36  LEU A CB  1 
ATOM   21   C  CG  . LEU A 1 7  ? 2.721   4.294   -12.691 1.00 31.92  ? 36  LEU A CG  1 
ATOM   22   C  CD1 . LEU A 1 7  ? 2.685   5.178   -13.927 1.00 41.92  ? 36  LEU A CD1 1 
ATOM   23   C  CD2 . LEU A 1 7  ? 1.349   4.198   -12.049 1.00 33.92  ? 36  LEU A CD2 1 
ATOM   24   N  N   . SER A 1 8  ? 6.239   3.989   -11.946 1.00 24.21  ? 37  SER A N   1 
ATOM   25   C  CA  . SER A 1 8  ? 7.008   4.241   -10.734 1.00 23.14  ? 37  SER A CA  1 
ATOM   26   C  C   . SER A 1 8  ? 6.055   4.468   -9.570  1.00 21.60  ? 37  SER A C   1 
ATOM   27   O  O   . SER A 1 8  ? 4.904   4.856   -9.770  1.00 17.70  ? 37  SER A O   1 
ATOM   28   C  CB  . SER A 1 8  ? 7.914   5.459   -10.909 1.00 24.42  ? 37  SER A CB  1 
ATOM   29   O  OG  . SER A 1 8  ? 7.155   6.655   -10.946 1.00 24.30  ? 37  SER A OG  1 
ATOM   30   N  N   . TYR A 1 9  ? 6.531   4.218   -8.354  1.00 17.80  ? 38  TYR A N   1 
ATOM   31   C  CA  . TYR A 1 9  ? 5.709   4.409   -7.168  1.00 16.07  ? 38  TYR A CA  1 
ATOM   32   C  C   . TYR A 1 9  ? 5.303   5.873   -7.010  1.00 16.06  ? 38  TYR A C   1 
ATOM   33   O  O   . TYR A 1 9  ? 4.190   6.177   -6.576  1.00 17.39  ? 38  TYR A O   1 
ATOM   34   C  CB  . TYR A 1 9  ? 6.441   3.925   -5.915  1.00 15.26  ? 38  TYR A CB  1 
ATOM   35   C  CG  . TYR A 1 9  ? 5.614   4.039   -4.656  1.00 19.01  ? 38  TYR A CG  1 
ATOM   36   C  CD1 . TYR A 1 9  ? 4.574   3.154   -4.405  1.00 18.66  ? 38  TYR A CD1 1 
ATOM   37   C  CD2 . TYR A 1 9  ? 5.871   5.031   -3.720  1.00 19.67  ? 38  TYR A CD2 1 
ATOM   38   C  CE1 . TYR A 1 9  ? 3.812   3.252   -3.259  1.00 21.00  ? 38  TYR A CE1 1 
ATOM   39   C  CE2 . TYR A 1 9  ? 5.113   5.137   -2.568  1.00 20.34  ? 38  TYR A CE2 1 
ATOM   40   C  CZ  . TYR A 1 9  ? 4.086   4.244   -2.344  1.00 24.15  ? 38  TYR A CZ  1 
ATOM   41   O  OH  . TYR A 1 9  ? 3.327   4.342   -1.200  1.00 29.36  ? 38  TYR A OH  1 
ATOM   42   N  N   . THR A 1 10 ? 6.210   6.773   -7.373  1.00 21.41  ? 39  THR A N   1 
ATOM   43   C  CA  . THR A 1 10 ? 5.938   8.204   -7.304  1.00 22.07  ? 39  THR A CA  1 
ATOM   44   C  C   . THR A 1 10 ? 4.793   8.587   -8.239  1.00 20.14  ? 39  THR A C   1 
ATOM   45   O  O   . THR A 1 10 ? 3.880   9.312   -7.846  1.00 25.07  ? 39  THR A O   1 
ATOM   46   C  CB  . THR A 1 10 ? 7.190   9.036   -7.649  1.00 17.41  ? 39  THR A CB  1 
ATOM   47   O  OG1 . THR A 1 10 ? 8.245   8.708   -6.737  1.00 17.95  ? 39  THR A OG1 1 
ATOM   48   C  CG2 . THR A 1 10 ? 6.889   10.524  -7.548  1.00 20.81  ? 39  THR A CG2 1 
ATOM   49   N  N   . SER A 1 11 ? 4.841   8.086   -9.470  1.00 18.61  ? 40  SER A N   1 
ATOM   50   C  CA  . SER A 1 11 ? 3.785   8.343   -10.446 1.00 20.33  ? 40  SER A CA  1 
ATOM   51   C  C   . SER A 1 11 ? 2.457   7.744   -9.987  1.00 23.37  ? 40  SER A C   1 
ATOM   52   O  O   . SER A 1 11 ? 1.389   8.308   -10.235 1.00 26.00  ? 40  SER A O   1 
ATOM   53   C  CB  . SER A 1 11 ? 4.168   7.781   -11.817 1.00 25.43  ? 40  SER A CB  1 
ATOM   54   O  OG  . SER A 1 11 ? 5.334   8.410   -12.319 1.00 37.36  ? 40  SER A OG  1 
ATOM   55   N  N   . PHE A 1 12 ? 2.531   6.597   -9.319  1.00 14.97  ? 41  PHE A N   1 
ATOM   56   C  CA  . PHE A 1 12 ? 1.347   5.957   -8.758  1.00 19.60  ? 41  PHE A CA  1 
ATOM   57   C  C   . PHE A 1 12 ? 0.696   6.844   -7.701  1.00 19.06  ? 41  PHE A C   1 
ATOM   58   O  O   . PHE A 1 12 ? -0.516  7.075   -7.726  1.00 17.37  ? 41  PHE A O   1 
ATOM   59   C  CB  . PHE A 1 12 ? 1.703   4.593   -8.164  1.00 19.50  ? 41  PHE A CB  1 
ATOM   60   C  CG  . PHE A 1 12 ? 0.645   4.031   -7.257  1.00 17.36  ? 41  PHE A CG  1 
ATOM   61   C  CD1 . PHE A 1 12 ? -0.583  3.639   -7.762  1.00 21.57  ? 41  PHE A CD1 1 
ATOM   62   C  CD2 . PHE A 1 12 ? 0.883   3.887   -5.901  1.00 23.82  ? 41  PHE A CD2 1 
ATOM   63   C  CE1 . PHE A 1 12 ? -1.557  3.122   -6.927  1.00 19.46  ? 41  PHE A CE1 1 
ATOM   64   C  CE2 . PHE A 1 12 ? -0.087  3.370   -5.062  1.00 20.35  ? 41  PHE A CE2 1 
ATOM   65   C  CZ  . PHE A 1 12 ? -1.308  2.986   -5.576  1.00 18.64  ? 41  PHE A CZ  1 
ATOM   66   N  N   . VAL A 1 13 ? 1.511   7.341   -6.774  1.00 16.44  ? 42  VAL A N   1 
ATOM   67   C  CA  . VAL A 1 13 ? 1.019   8.237   -5.732  1.00 21.32  ? 42  VAL A CA  1 
ATOM   68   C  C   . VAL A 1 13 ? 0.444   9.511   -6.349  1.00 22.18  ? 42  VAL A C   1 
ATOM   69   O  O   . VAL A 1 13 ? -0.572  10.031  -5.886  1.00 26.62  ? 42  VAL A O   1 
ATOM   70   C  CB  . VAL A 1 13 ? 2.122   8.574   -4.705  1.00 22.67  ? 42  VAL A CB  1 
ATOM   71   C  CG1 . VAL A 1 13 ? 1.631   9.609   -3.704  1.00 26.60  ? 42  VAL A CG1 1 
ATOM   72   C  CG2 . VAL A 1 13 ? 2.568   7.312   -3.985  1.00 19.36  ? 42  VAL A CG2 1 
ATOM   73   N  N   . GLN A 1 14 ? 1.089   9.994   -7.408  1.00 23.04  ? 43  GLN A N   1 
ATOM   74   C  CA  . GLN A 1 14 ? 0.586   11.137  -8.167  1.00 26.00  ? 43  GLN A CA  1 
ATOM   75   C  C   . GLN A 1 14 ? -0.815  10.874  -8.700  1.00 33.25  ? 43  GLN A C   1 
ATOM   76   O  O   . GLN A 1 14 ? -1.712  11.708  -8.563  1.00 26.60  ? 43  GLN A O   1 
ATOM   77   C  CB  . GLN A 1 14 ? 1.526   11.465  -9.327  1.00 28.64  ? 43  GLN A CB  1 
ATOM   78   C  CG  . GLN A 1 14 ? 2.823   12.088  -8.878  1.00 35.23  ? 43  GLN A CG  1 
ATOM   79   C  CD  . GLN A 1 14 ? 3.779   12.394  -10.011 1.00 38.19  ? 43  GLN A CD  1 
ATOM   80   O  OE1 . GLN A 1 14 ? 3.702   11.800  -11.085 1.00 39.86  ? 43  GLN A OE1 1 
ATOM   81   N  NE2 . GLN A 1 14 ? 4.692   13.329  -9.773  1.00 32.93  ? 43  GLN A NE2 1 
HETATM 82   N  N   . MSE A 1 15 ? -0.994  9.706   -9.307  1.00 21.03  ? 44  MSE A N   1 
HETATM 83   C  CA  . MSE A 1 15 ? -2.285  9.326   -9.865  1.00 23.91  ? 44  MSE A CA  1 
HETATM 84   C  C   . MSE A 1 15 ? -3.356  9.193   -8.790  1.00 21.22  ? 44  MSE A C   1 
HETATM 85   O  O   . MSE A 1 15 ? -4.513  9.554   -9.011  1.00 24.28  ? 44  MSE A O   1 
HETATM 86   C  CB  . MSE A 1 15 ? -2.159  8.025   -10.656 1.00 22.18  ? 44  MSE A CB  1 
HETATM 87   C  CG  . MSE A 1 15 ? -1.549  8.208   -12.031 1.00 31.44  ? 44  MSE A CG  1 
HETATM 88   SE SE  . MSE A 1 15 ? -1.264  6.510   -12.929 0.77 45.97  ? 44  MSE A SE  1 
HETATM 89   C  CE  . MSE A 1 15 ? -3.003  5.705   -12.609 1.00 23.96  ? 44  MSE A CE  1 
ATOM   90   N  N   . VAL A 1 16 ? -2.971  8.679   -7.625  1.00 22.42  ? 45  VAL A N   1 
ATOM   91   C  CA  . VAL A 1 16 ? -3.914  8.544   -6.520  1.00 21.33  ? 45  VAL A CA  1 
ATOM   92   C  C   . VAL A 1 16 ? -4.338  9.905   -5.970  1.00 31.29  ? 45  VAL A C   1 
ATOM   93   O  O   . VAL A 1 16 ? -5.528  10.161  -5.778  1.00 24.22  ? 45  VAL A O   1 
ATOM   94   C  CB  . VAL A 1 16 ? -3.337  7.679   -5.382  1.00 25.19  ? 45  VAL A CB  1 
ATOM   95   C  CG1 . VAL A 1 16 ? -4.248  7.720   -4.165  1.00 23.52  ? 45  VAL A CG1 1 
ATOM   96   C  CG2 . VAL A 1 16 ? -3.143  6.247   -5.857  1.00 20.60  ? 45  VAL A CG2 1 
ATOM   97   N  N   . GLU A 1 17 ? -3.363  10.779  -5.737  1.00 23.74  ? 46  GLU A N   1 
ATOM   98   C  CA  . GLU A 1 17 ? -3.622  12.086  -5.141  1.00 26.42  ? 46  GLU A CA  1 
ATOM   99   C  C   . GLU A 1 17 ? -4.283  13.063  -6.103  1.00 30.64  ? 46  GLU A C   1 
ATOM   100  O  O   . GLU A 1 17 ? -4.733  14.133  -5.692  1.00 42.65  ? 46  GLU A O   1 
ATOM   101  C  CB  . GLU A 1 17 ? -2.325  12.701  -4.617  1.00 33.62  ? 46  GLU A CB  1 
ATOM   102  C  CG  . GLU A 1 17 ? -1.685  11.941  -3.475  1.00 37.80  ? 46  GLU A CG  1 
ATOM   103  C  CD  . GLU A 1 17 ? -0.461  12.649  -2.942  1.00 49.79  ? 46  GLU A CD  1 
ATOM   104  O  OE1 . GLU A 1 17 ? -0.075  13.676  -3.536  1.00 49.60  ? 46  GLU A OE1 1 
ATOM   105  O  OE2 . GLU A 1 17 ? 0.109   12.187  -1.933  1.00 57.92  ? 46  GLU A OE2 1 
ATOM   106  N  N   . ASP A 1 18 ? -4.324  12.699  -7.380  1.00 25.90  ? 47  ASP A N   1 
ATOM   107  C  CA  . ASP A 1 18 ? -4.946  13.535  -8.401  1.00 29.53  ? 47  ASP A CA  1 
ATOM   108  C  C   . ASP A 1 18 ? -6.391  13.848  -8.019  1.00 43.21  ? 47  ASP A C   1 
ATOM   109  O  O   . ASP A 1 18 ? -7.148  12.955  -7.648  1.00 35.83  ? 47  ASP A O   1 
ATOM   110  C  CB  . ASP A 1 18 ? -4.892  12.834  -9.760  1.00 41.77  ? 47  ASP A CB  1 
ATOM   111  C  CG  . ASP A 1 18 ? -5.158  13.778  -10.915 1.00 54.78  ? 47  ASP A CG  1 
ATOM   112  O  OD1 . ASP A 1 18 ? -5.963  14.716  -10.749 1.00 52.92  ? 47  ASP A OD1 1 
ATOM   113  O  OD2 . ASP A 1 18 ? -4.554  13.585  -11.991 1.00 57.05  ? 47  ASP A OD2 1 
ATOM   114  N  N   . GLU A 1 19 ? -6.765  15.123  -8.101  1.00 55.87  ? 48  GLU A N   1 
ATOM   115  C  CA  . GLU A 1 19 ? -8.112  15.546  -7.728  1.00 52.76  ? 48  GLU A CA  1 
ATOM   116  C  C   . GLU A 1 19 ? -9.178  14.979  -8.665  1.00 48.67  ? 48  GLU A C   1 
ATOM   117  O  O   . GLU A 1 19 ? -10.307 14.720  -8.248  1.00 51.71  ? 48  GLU A O   1 
ATOM   118  C  CB  . GLU A 1 19 ? -8.207  17.072  -7.650  1.00 72.24  ? 48  GLU A CB  1 
ATOM   119  C  CG  . GLU A 1 19 ? -7.726  17.807  -8.889  1.00 92.19  ? 48  GLU A CG  1 
ATOM   120  C  CD  . GLU A 1 19 ? -7.711  19.309  -8.693  1.00 100.99 ? 48  GLU A CD  1 
ATOM   121  O  OE1 . GLU A 1 19 ? -6.732  19.823  -8.110  1.00 94.51  ? 48  GLU A OE1 1 
ATOM   122  O  OE2 . GLU A 1 19 ? -8.680  19.976  -9.113  1.00 111.34 ? 48  GLU A OE2 1 
ATOM   123  N  N   . ARG A 1 20 ? -8.816  14.788  -9.930  1.00 42.12  ? 49  ARG A N   1 
ATOM   124  C  CA  . ARG A 1 20 ? -9.691  14.121  -10.888 1.00 47.87  ? 49  ARG A CA  1 
ATOM   125  C  C   . ARG A 1 20 ? -9.250  12.672  -11.052 1.00 39.36  ? 49  ARG A C   1 
ATOM   126  O  O   . ARG A 1 20 ? -9.245  12.147  -12.166 1.00 52.71  ? 49  ARG A O   1 
ATOM   127  C  CB  . ARG A 1 20 ? -9.650  14.831  -12.244 1.00 56.34  ? 49  ARG A CB  1 
ATOM   128  C  CG  . ARG A 1 20 ? -8.258  15.298  -12.644 1.00 71.48  ? 49  ARG A CG  1 
ATOM   129  C  CD  . ARG A 1 20 ? -7.960  15.104  -14.124 1.00 72.32  ? 49  ARG A CD  1 
ATOM   130  N  NE  . ARG A 1 20 ? -6.550  15.365  -14.419 1.00 80.28  ? 49  ARG A NE  1 
ATOM   131  C  CZ  . ARG A 1 20 ? -5.677  14.444  -14.819 1.00 78.16  ? 49  ARG A CZ  1 
ATOM   132  N  NH1 . ARG A 1 20 ? -6.059  13.187  -14.998 1.00 66.19  ? 49  ARG A NH1 1 
ATOM   133  N  NH2 . ARG A 1 20 ? -4.415  14.784  -15.052 1.00 83.51  ? 49  ARG A NH2 1 
ATOM   134  N  N   . SER A 1 21 ? -8.895  12.038  -9.934  1.00 35.48  ? 50  SER A N   1 
ATOM   135  C  CA  . SER A 1 21 ? -8.252  10.720  -9.927  1.00 35.71  ? 50  SER A CA  1 
ATOM   136  C  C   . SER A 1 21 ? -8.912  9.690   -10.834 1.00 22.01  ? 50  SER A C   1 
ATOM   137  O  O   . SER A 1 21 ? -10.112 9.434   -10.744 1.00 30.19  ? 50  SER A O   1 
ATOM   138  C  CB  . SER A 1 21 ? -8.158  10.162  -8.506  1.00 58.89  ? 50  SER A CB  1 
ATOM   139  O  OG  . SER A 1 21 ? -7.368  8.985   -8.476  1.00 51.23  ? 50  SER A OG  1 
ATOM   140  N  N   . VAL A 1 22 ? -8.100  9.101   -11.704 1.00 21.36  ? 51  VAL A N   1 
ATOM   141  C  CA  . VAL A 1 22 ? -8.576  8.153   -12.696 1.00 26.10  ? 51  VAL A CA  1 
ATOM   142  C  C   . VAL A 1 22 ? -8.402  6.718   -12.194 1.00 16.78  ? 51  VAL A C   1 
ATOM   143  O  O   . VAL A 1 22 ? -8.806  5.765   -12.857 1.00 20.70  ? 51  VAL A O   1 
ATOM   144  C  CB  . VAL A 1 22 ? -7.825  8.355   -14.035 1.00 41.37  ? 51  VAL A CB  1 
ATOM   145  C  CG1 . VAL A 1 22 ? -6.408  7.804   -13.941 1.00 42.36  ? 51  VAL A CG1 1 
ATOM   146  C  CG2 . VAL A 1 22 ? -8.587  7.728   -15.198 1.00 42.06  ? 51  VAL A CG2 1 
ATOM   147  N  N   . VAL A 1 23 ? -7.814  6.566   -11.012 1.00 19.21  ? 52  VAL A N   1 
ATOM   148  C  CA  . VAL A 1 23 ? -7.596  5.237   -10.444 1.00 16.45  ? 52  VAL A CA  1 
ATOM   149  C  C   . VAL A 1 23 ? -8.899  4.616   -9.950  1.00 19.14  ? 52  VAL A C   1 
ATOM   150  O  O   . VAL A 1 23 ? -9.569  5.169   -9.078  1.00 15.57  ? 52  VAL A O   1 
ATOM   151  C  CB  . VAL A 1 23 ? -6.585  5.264   -9.284  1.00 17.69  ? 52  VAL A CB  1 
ATOM   152  C  CG1 . VAL A 1 23 ? -6.361  3.854   -8.744  1.00 9.93   ? 52  VAL A CG1 1 
ATOM   153  C  CG2 . VAL A 1 23 ? -5.274  5.882   -9.738  1.00 19.29  ? 52  VAL A CG2 1 
ATOM   154  N  N   . SER A 1 24 ? -9.248  3.462   -10.508 1.00 12.29  ? 53  SER A N   1 
ATOM   155  C  CA  . SER A 1 24 ? -10.471 2.766   -10.129 1.00 14.28  ? 53  SER A CA  1 
ATOM   156  C  C   . SER A 1 24 ? -10.193 1.586   -9.202  1.00 12.80  ? 53  SER A C   1 
ATOM   157  O  O   . SER A 1 24 ? -10.974 1.306   -8.293  1.00 14.74  ? 53  SER A O   1 
ATOM   158  C  CB  . SER A 1 24 ? -11.225 2.289   -11.371 1.00 21.89  ? 53  SER A CB  1 
ATOM   159  O  OG  . SER A 1 24 ? -10.427 1.414   -12.149 1.00 27.53  ? 53  SER A OG  1 
ATOM   160  N  N   . GLU A 1 25 ? -9.079  0.899   -9.428  1.00 10.95  ? 54  GLU A N   1 
ATOM   161  C  CA  . GLU A 1 25 ? -8.766  -0.294  -8.649  1.00 15.00  ? 54  GLU A CA  1 
ATOM   162  C  C   . GLU A 1 25 ? -7.267  -0.486  -8.432  1.00 14.20  ? 54  GLU A C   1 
ATOM   163  O  O   . GLU A 1 25 ? -6.457  -0.223  -9.321  1.00 14.10  ? 54  GLU A O   1 
ATOM   164  C  CB  . GLU A 1 25 ? -9.367  -1.537  -9.316  1.00 14.14  ? 54  GLU A CB  1 
ATOM   165  C  CG  . GLU A 1 25 ? -9.185  -2.824  -8.528  1.00 19.48  ? 54  GLU A CG  1 
ATOM   166  C  CD  . GLU A 1 25 ? -9.846  -4.015  -9.197  1.00 26.29  ? 54  GLU A CD  1 
ATOM   167  O  OE1 . GLU A 1 25 ? -9.660  -5.150  -8.710  1.00 33.69  ? 54  GLU A OE1 1 
ATOM   168  O  OE2 . GLU A 1 25 ? -10.553 -3.816  -10.206 1.00 34.99  ? 54  GLU A OE2 1 
ATOM   169  N  N   . VAL A 1 26 ? -6.908  -0.934  -7.233  1.00 11.97  ? 55  VAL A N   1 
ATOM   170  C  CA  . VAL A 1 26 ? -5.533  -1.291  -6.922  1.00 10.87  ? 55  VAL A CA  1 
ATOM   171  C  C   . VAL A 1 26 ? -5.494  -2.707  -6.365  1.00 13.59  ? 55  VAL A C   1 
ATOM   172  O  O   . VAL A 1 26 ? -6.100  -2.995  -5.333  1.00 10.83  ? 55  VAL A O   1 
ATOM   173  C  CB  . VAL A 1 26 ? -4.906  -0.330  -5.893  1.00 15.96  ? 55  VAL A CB  1 
ATOM   174  C  CG1 . VAL A 1 26 ? -3.501  -0.787  -5.529  1.00 15.65  ? 55  VAL A CG1 1 
ATOM   175  C  CG2 . VAL A 1 26 ? -4.883  1.095   -6.432  1.00 11.39  ? 55  VAL A CG2 1 
ATOM   176  N  N   . VAL A 1 27 ? -4.794  -3.595  -7.063  1.00 10.08  ? 56  VAL A N   1 
ATOM   177  C  CA  . VAL A 1 27 ? -4.630  -4.964  -6.596  1.00 10.06  ? 56  VAL A CA  1 
ATOM   178  C  C   . VAL A 1 27 ? -3.273  -5.116  -5.926  1.00 14.85  ? 56  VAL A C   1 
ATOM   179  O  O   . VAL A 1 27 ? -2.237  -4.841  -6.530  1.00 14.08  ? 56  VAL A O   1 
ATOM   180  C  CB  . VAL A 1 27 ? -4.752  -5.978  -7.746  1.00 15.01  ? 56  VAL A CB  1 
ATOM   181  C  CG1 . VAL A 1 27 ? -4.530  -7.389  -7.227  1.00 11.92  ? 56  VAL A CG1 1 
ATOM   182  C  CG2 . VAL A 1 27 ? -6.112  -5.861  -8.415  1.00 14.22  ? 56  VAL A CG2 1 
ATOM   183  N  N   . ILE A 1 28 ? -3.284  -5.548  -4.671  1.00 10.88  ? 57  ILE A N   1 
ATOM   184  C  CA  . ILE A 1 28 ? -2.055  -5.679  -3.901  1.00 12.77  ? 57  ILE A CA  1 
ATOM   185  C  C   . ILE A 1 28 ? -1.611  -7.137  -3.826  1.00 18.46  ? 57  ILE A C   1 
ATOM   186  O  O   . ILE A 1 28 ? -2.158  -7.926  -3.057  1.00 15.66  ? 57  ILE A O   1 
ATOM   187  C  CB  . ILE A 1 28 ? -2.227  -5.106  -2.482  1.00 16.02  ? 57  ILE A CB  1 
ATOM   188  C  CG1 . ILE A 1 28 ? -2.700  -3.651  -2.553  1.00 15.04  ? 57  ILE A CG1 1 
ATOM   189  C  CG2 . ILE A 1 28 ? -0.928  -5.199  -1.706  1.00 13.19  ? 57  ILE A CG2 1 
ATOM   190  C  CD1 . ILE A 1 28 ? -2.930  -3.014  -1.200  1.00 15.25  ? 57  ILE A CD1 1 
ATOM   191  N  N   . ARG A 1 29 ? -0.622  -7.490  -4.641  1.00 15.36  ? 58  ARG A N   1 
ATOM   192  C  CA  . ARG A 1 29 ? -0.112  -8.856  -4.685  1.00 15.33  ? 58  ARG A CA  1 
ATOM   193  C  C   . ARG A 1 29 ? 0.838   -9.120  -3.526  1.00 20.93  ? 58  ARG A C   1 
ATOM   194  O  O   . ARG A 1 29 ? 1.511   -8.209  -3.044  1.00 20.22  ? 58  ARG A O   1 
ATOM   195  C  CB  . ARG A 1 29 ? 0.605   -9.116  -6.009  1.00 21.46  ? 58  ARG A CB  1 
ATOM   196  C  CG  . ARG A 1 29 ? -0.279  -9.019  -7.238  1.00 28.84  ? 58  ARG A CG  1 
ATOM   197  C  CD  . ARG A 1 29 ? 0.553   -9.105  -8.508  1.00 37.55  ? 58  ARG A CD  1 
ATOM   198  N  NE  . ARG A 1 29 ? 1.605   -10.114 -8.403  1.00 37.65  ? 58  ARG A NE  1 
ATOM   199  C  CZ  . ARG A 1 29 ? 1.423   -11.411 -8.627  1.00 48.93  ? 58  ARG A CZ  1 
ATOM   200  N  NH1 . ARG A 1 29 ? 0.225   -11.866 -8.969  1.00 40.76  ? 58  ARG A NH1 1 
ATOM   201  N  NH2 . ARG A 1 29 ? 2.438   -12.256 -8.507  1.00 45.67  ? 58  ARG A NH2 1 
ATOM   202  N  N   . ASP A 1 30 ? 0.907   -10.373 -3.092  1.00 21.62  ? 59  ASP A N   1 
ATOM   203  C  CA  . ASP A 1 30 ? 1.730   -10.734 -1.941  1.00 24.55  ? 59  ASP A CA  1 
ATOM   204  C  C   . ASP A 1 30 ? 3.227   -10.745 -2.256  1.00 26.05  ? 59  ASP A C   1 
ATOM   205  O  O   . ASP A 1 30 ? 4.054   -10.859 -1.352  1.00 34.69  ? 59  ASP A O   1 
ATOM   206  C  CB  . ASP A 1 30 ? 1.288   -12.081 -1.359  1.00 35.94  ? 59  ASP A CB  1 
ATOM   207  C  CG  . ASP A 1 30 ? 1.408   -13.218 -2.354  1.00 45.69  ? 59  ASP A CG  1 
ATOM   208  O  OD1 . ASP A 1 30 ? 1.619   -12.947 -3.556  1.00 48.20  ? 59  ASP A OD1 1 
ATOM   209  O  OD2 . ASP A 1 30 ? 1.281   -14.389 -1.934  1.00 61.52  ? 59  ASP A OD2 1 
ATOM   210  N  N   . ASP A 1 31 ? 3.572   -10.625 -3.535  1.00 31.24  ? 60  ASP A N   1 
ATOM   211  C  CA  . ASP A 1 31 ? 4.975   -10.590 -3.937  1.00 32.89  ? 60  ASP A CA  1 
ATOM   212  C  C   . ASP A 1 31 ? 5.480   -9.159  -4.117  1.00 35.20  ? 60  ASP A C   1 
ATOM   213  O  O   . ASP A 1 31 ? 6.528   -8.932  -4.719  1.00 29.35  ? 60  ASP A O   1 
ATOM   214  C  CB  . ASP A 1 31 ? 5.205   -11.417 -5.208  1.00 21.64  ? 60  ASP A CB  1 
ATOM   215  C  CG  . ASP A 1 31 ? 4.524   -10.826 -6.426  1.00 27.88  ? 60  ASP A CG  1 
ATOM   216  O  OD1 . ASP A 1 31 ? 3.588   -10.018 -6.259  1.00 32.56  ? 60  ASP A OD1 1 
ATOM   217  O  OD2 . ASP A 1 31 ? 4.923   -11.175 -7.558  1.00 37.86  ? 60  ASP A OD2 1 
ATOM   218  N  N   . GLY A 1 32 ? 4.723   -8.200  -3.593  1.00 26.69  ? 61  GLY A N   1 
ATOM   219  C  CA  . GLY A 1 32 ? 5.145   -6.811  -3.586  1.00 24.47  ? 61  GLY A CA  1 
ATOM   220  C  C   . GLY A 1 32 ? 4.897   -6.063  -4.882  1.00 25.97  ? 61  GLY A C   1 
ATOM   221  O  O   . GLY A 1 32 ? 5.514   -5.028  -5.134  1.00 25.63  ? 61  GLY A O   1 
ATOM   222  N  N   . VAL A 1 33 ? 3.996   -6.582  -5.708  1.00 21.99  ? 62  VAL A N   1 
ATOM   223  C  CA  . VAL A 1 33 ? 3.641   -5.919  -6.957  1.00 20.80  ? 62  VAL A CA  1 
ATOM   224  C  C   . VAL A 1 33 ? 2.212   -5.386  -6.899  1.00 22.77  ? 62  VAL A C   1 
ATOM   225  O  O   . VAL A 1 33 ? 1.290   -6.091  -6.493  1.00 23.27  ? 62  VAL A O   1 
ATOM   226  C  CB  . VAL A 1 33 ? 3.796   -6.862  -8.170  1.00 26.44  ? 62  VAL A CB  1 
ATOM   227  C  CG1 . VAL A 1 33 ? 3.321   -6.180  -9.446  1.00 24.97  ? 62  VAL A CG1 1 
ATOM   228  C  CG2 . VAL A 1 33 ? 5.243   -7.306  -8.312  1.00 29.01  ? 62  VAL A CG2 1 
ATOM   229  N  N   . LEU A 1 34 ? 2.035   -4.129  -7.290  1.00 14.94  ? 63  LEU A N   1 
ATOM   230  C  CA  . LEU A 1 34 ? 0.713   -3.523  -7.334  1.00 16.85  ? 63  LEU A CA  1 
ATOM   231  C  C   . LEU A 1 34 ? 0.199   -3.506  -8.765  1.00 16.47  ? 63  LEU A C   1 
ATOM   232  O  O   . LEU A 1 34 ? 0.916   -3.119  -9.683  1.00 19.93  ? 63  LEU A O   1 
ATOM   233  C  CB  . LEU A 1 34 ? 0.757   -2.092  -6.791  1.00 16.96  ? 63  LEU A CB  1 
ATOM   234  C  CG  . LEU A 1 34 ? 1.322   -1.876  -5.385  1.00 22.33  ? 63  LEU A CG  1 
ATOM   235  C  CD1 . LEU A 1 34 ? 1.248   -0.404  -5.009  1.00 21.69  ? 63  LEU A CD1 1 
ATOM   236  C  CD2 . LEU A 1 34 ? 0.586   -2.729  -4.365  1.00 22.27  ? 63  LEU A CD2 1 
ATOM   237  N  N   . ARG A 1 35 ? -1.040  -3.937  -8.958  1.00 12.27  ? 64  ARG A N   1 
ATOM   238  C  CA  . ARG A 1 35 ? -1.673  -3.820  -10.262 1.00 9.25   ? 64  ARG A CA  1 
ATOM   239  C  C   . ARG A 1 35 ? -2.722  -2.716  -10.193 1.00 16.64  ? 64  ARG A C   1 
ATOM   240  O  O   . ARG A 1 35 ? -3.697  -2.822  -9.449  1.00 14.03  ? 64  ARG A O   1 
ATOM   241  C  CB  . ARG A 1 35 ? -2.290  -5.151  -10.696 1.00 18.79  ? 64  ARG A CB  1 
ATOM   242  C  CG  . ARG A 1 35 ? -2.516  -5.259  -12.193 1.00 23.16  ? 64  ARG A CG  1 
ATOM   243  C  CD  . ARG A 1 35 ? -2.708  -6.701  -12.644 1.00 21.76  ? 64  ARG A CD  1 
ATOM   244  N  NE  . ARG A 1 35 ? -3.902  -7.311  -12.066 1.00 28.39  ? 64  ARG A NE  1 
ATOM   245  C  CZ  . ARG A 1 35 ? -3.882  -8.267  -11.144 1.00 35.84  ? 64  ARG A CZ  1 
ATOM   246  N  NH1 . ARG A 1 35 ? -2.724  -8.732  -10.693 1.00 32.30  ? 64  ARG A NH1 1 
ATOM   247  N  NH2 . ARG A 1 35 ? -5.019  -8.763  -10.676 1.00 30.20  ? 64  ARG A NH2 1 
ATOM   248  N  N   . VAL A 1 36 ? -2.505  -1.652  -10.960 1.00 12.83  ? 65  VAL A N   1 
ATOM   249  C  CA  . VAL A 1 36 ? -3.330  -0.452  -10.873 1.00 15.65  ? 65  VAL A CA  1 
ATOM   250  C  C   . VAL A 1 36 ? -4.209  -0.272  -12.106 1.00 14.59  ? 65  VAL A C   1 
ATOM   251  O  O   . VAL A 1 36 ? -3.714  -0.192  -13.225 1.00 14.05  ? 65  VAL A O   1 
ATOM   252  C  CB  . VAL A 1 36 ? -2.456  0.805   -10.692 1.00 12.87  ? 65  VAL A CB  1 
ATOM   253  C  CG1 . VAL A 1 36 ? -3.326  2.041   -10.514 1.00 15.55  ? 65  VAL A CG1 1 
ATOM   254  C  CG2 . VAL A 1 36 ? -1.517  0.630   -9.507  1.00 15.90  ? 65  VAL A CG2 1 
ATOM   255  N  N   . TYR A 1 37 ? -5.518  -0.203  -11.891 1.00 11.57  ? 66  TYR A N   1 
ATOM   256  C  CA  . TYR A 1 37 ? -6.469  -0.057  -12.986 1.00 14.55  ? 66  TYR A CA  1 
ATOM   257  C  C   . TYR A 1 37 ? -7.018  1.361   -13.022 1.00 17.68  ? 66  TYR A C   1 
ATOM   258  O  O   . TYR A 1 37 ? -7.273  1.956   -11.979 1.00 10.68  ? 66  TYR A O   1 
ATOM   259  C  CB  . TYR A 1 37 ? -7.621  -1.052  -12.826 1.00 14.35  ? 66  TYR A CB  1 
ATOM   260  C  CG  . TYR A 1 37 ? -7.208  -2.503  -12.931 1.00 15.64  ? 66  TYR A CG  1 
ATOM   261  C  CD1 . TYR A 1 37 ? -6.637  -3.164  -11.849 1.00 14.59  ? 66  TYR A CD1 1 
ATOM   262  C  CD2 . TYR A 1 37 ? -7.392  -3.211  -14.109 1.00 14.79  ? 66  TYR A CD2 1 
ATOM   263  C  CE1 . TYR A 1 37 ? -6.258  -4.490  -11.942 1.00 18.77  ? 66  TYR A CE1 1 
ATOM   264  C  CE2 . TYR A 1 37 ? -7.019  -4.538  -14.210 1.00 19.64  ? 66  TYR A CE2 1 
ATOM   265  C  CZ  . TYR A 1 37 ? -6.453  -5.173  -13.124 1.00 17.69  ? 66  TYR A CZ  1 
ATOM   266  O  OH  . TYR A 1 37 ? -6.082  -6.493  -13.225 1.00 21.90  ? 66  TYR A OH  1 
ATOM   267  N  N   . THR A 1 38 ? -7.202  1.899   -14.222 1.00 15.72  ? 67  THR A N   1 
ATOM   268  C  CA  . THR A 1 38 ? -7.733  3.249   -14.366 1.00 20.45  ? 67  THR A CA  1 
ATOM   269  C  C   . THR A 1 38 ? -9.150  3.238   -14.928 1.00 24.50  ? 67  THR A C   1 
ATOM   270  O  O   . THR A 1 38 ? -9.576  2.263   -15.549 1.00 16.86  ? 67  THR A O   1 
ATOM   271  C  CB  . THR A 1 38 ? -6.845  4.121   -15.271 1.00 21.67  ? 67  THR A CB  1 
ATOM   272  O  OG1 . THR A 1 38 ? -6.913  3.637   -16.616 1.00 22.11  ? 67  THR A OG1 1 
ATOM   273  C  CG2 . THR A 1 38 ? -5.406  4.089   -14.793 1.00 20.69  ? 67  THR A CG2 1 
ATOM   274  N  N   . LYS A 1 39 ? -9.871  4.334   -14.709 1.00 16.27  ? 68  LYS A N   1 
ATOM   275  C  CA  . LYS A 1 39 ? -11.245 4.461   -15.179 1.00 22.36  ? 68  LYS A CA  1 
ATOM   276  C  C   . LYS A 1 39 ? -11.346 4.413   -16.702 1.00 22.64  ? 68  LYS A C   1 
ATOM   277  O  O   . LYS A 1 39 ? -12.364 3.983   -17.243 1.00 26.36  ? 68  LYS A O   1 
ATOM   278  C  CB  . LYS A 1 39 ? -11.880 5.752   -14.655 1.00 34.74  ? 68  LYS A CB  1 
ATOM   279  C  CG  . LYS A 1 39 ? -12.136 5.764   -13.156 1.00 42.98  ? 68  LYS A CG  1 
ATOM   280  C  CD  . LYS A 1 39 ? -12.868 7.031   -12.736 1.00 36.51  ? 68  LYS A CD  1 
ATOM   281  C  CE  . LYS A 1 39 ? -13.210 7.015   -11.254 1.00 45.62  ? 68  LYS A CE  1 
ATOM   282  N  NZ  . LYS A 1 39 ? -11.993 6.994   -10.397 1.00 51.20  ? 68  LYS A NZ  1 
ATOM   283  N  N   . ASP A 1 40 ? -10.294 4.850   -17.389 1.00 22.84  ? 69  ASP A N   1 
ATOM   284  C  CA  . ASP A 1 40 ? -10.311 4.876   -18.852 1.00 26.64  ? 69  ASP A CA  1 
ATOM   285  C  C   . ASP A 1 40 ? -9.796  3.585   -19.494 1.00 32.25  ? 69  ASP A C   1 
ATOM   286  O  O   . ASP A 1 40 ? -9.519  3.547   -20.693 1.00 29.29  ? 69  ASP A O   1 
ATOM   287  C  CB  . ASP A 1 40 ? -9.564  6.099   -19.400 1.00 34.91  ? 69  ASP A CB  1 
ATOM   288  C  CG  . ASP A 1 40 ? -8.150  6.220   -18.866 1.00 39.69  ? 69  ASP A CG  1 
ATOM   289  O  OD1 . ASP A 1 40 ? -7.621  5.228   -18.324 1.00 41.87  ? 69  ASP A OD1 1 
ATOM   290  O  OD2 . ASP A 1 40 ? -7.562  7.314   -18.997 1.00 51.62  ? 69  ASP A OD2 1 
ATOM   291  N  N   . GLY A 1 41 ? -9.666  2.534   -18.691 1.00 26.09  ? 70  GLY A N   1 
ATOM   292  C  CA  . GLY A 1 41 ? -9.350  1.215   -19.208 1.00 19.66  ? 70  GLY A CA  1 
ATOM   293  C  C   . GLY A 1 41 ? -7.877  0.929   -19.432 1.00 19.87  ? 70  GLY A C   1 
ATOM   294  O  O   . GLY A 1 41 ? -7.521  0.181   -20.341 1.00 22.62  ? 70  GLY A O   1 
ATOM   295  N  N   . ARG A 1 42 ? -7.018  1.525   -18.612 1.00 14.92  ? 71  ARG A N   1 
ATOM   296  C  CA  . ARG A 1 42 ? -5.592  1.229   -18.657 1.00 14.37  ? 71  ARG A CA  1 
ATOM   297  C  C   . ARG A 1 42 ? -5.205  0.414   -17.431 1.00 19.73  ? 71  ARG A C   1 
ATOM   298  O  O   . ARG A 1 42 ? -5.859  0.497   -16.391 1.00 13.26  ? 71  ARG A O   1 
ATOM   299  C  CB  . ARG A 1 42 ? -4.765  2.514   -18.685 1.00 24.24  ? 71  ARG A CB  1 
ATOM   300  C  CG  . ARG A 1 42 ? -4.876  3.328   -19.961 1.00 33.61  ? 71  ARG A CG  1 
ATOM   301  C  CD  . ARG A 1 42 ? -4.217  4.684   -19.769 1.00 40.60  ? 71  ARG A CD  1 
ATOM   302  N  NE  . ARG A 1 42 ? -4.836  5.424   -18.673 1.00 42.55  ? 71  ARG A NE  1 
ATOM   303  C  CZ  . ARG A 1 42 ? -4.242  6.399   -17.991 1.00 44.88  ? 71  ARG A CZ  1 
ATOM   304  N  NH1 . ARG A 1 42 ? -2.998  6.756   -18.281 1.00 48.81  ? 71  ARG A NH1 1 
ATOM   305  N  NH2 . ARG A 1 42 ? -4.890  7.013   -17.011 1.00 48.18  ? 71  ARG A NH2 1 
ATOM   306  N  N   . VAL A 1 43 ? -4.142  -0.371  -17.553 1.00 14.82  ? 72  VAL A N   1 
ATOM   307  C  CA  . VAL A 1 43 ? -3.628  -1.124  -16.417 1.00 16.18  ? 72  VAL A CA  1 
ATOM   308  C  C   . VAL A 1 43 ? -2.110  -0.970  -16.319 1.00 21.84  ? 72  VAL A C   1 
ATOM   309  O  O   . VAL A 1 43 ? -1.402  -1.001  -17.324 1.00 19.72  ? 72  VAL A O   1 
ATOM   310  C  CB  . VAL A 1 43 ? -4.047  -2.616  -16.470 1.00 16.16  ? 72  VAL A CB  1 
ATOM   311  C  CG1 . VAL A 1 43 ? -3.533  -3.283  -17.738 1.00 23.15  ? 72  VAL A CG1 1 
ATOM   312  C  CG2 . VAL A 1 43 ? -3.564  -3.359  -15.228 1.00 17.12  ? 72  VAL A CG2 1 
ATOM   313  N  N   . TYR A 1 44 ? -1.626  -0.777  -15.098 1.00 16.30  ? 73  TYR A N   1 
ATOM   314  C  CA  . TYR A 1 44 ? -0.211  -0.562  -14.849 1.00 16.66  ? 73  TYR A CA  1 
ATOM   315  C  C   . TYR A 1 44 ? 0.291   -1.507  -13.773 1.00 17.07  ? 73  TYR A C   1 
ATOM   316  O  O   . TYR A 1 44 ? -0.490  -2.045  -12.992 1.00 17.39  ? 73  TYR A O   1 
ATOM   317  C  CB  . TYR A 1 44 ? 0.037   0.879   -14.399 1.00 17.37  ? 73  TYR A CB  1 
ATOM   318  C  CG  . TYR A 1 44 ? -0.365  1.923   -15.410 1.00 26.64  ? 73  TYR A CG  1 
ATOM   319  C  CD1 . TYR A 1 44 ? 0.509   2.314   -16.415 1.00 27.49  ? 73  TYR A CD1 1 
ATOM   320  C  CD2 . TYR A 1 44 ? -1.615  2.527   -15.356 1.00 29.33  ? 73  TYR A CD2 1 
ATOM   321  C  CE1 . TYR A 1 44 ? 0.149   3.272   -17.341 1.00 28.54  ? 73  TYR A CE1 1 
ATOM   322  C  CE2 . TYR A 1 44 ? -1.984  3.488   -16.278 1.00 25.64  ? 73  TYR A CE2 1 
ATOM   323  C  CZ  . TYR A 1 44 ? -1.097  3.855   -17.267 1.00 34.77  ? 73  TYR A CZ  1 
ATOM   324  O  OH  . TYR A 1 44 ? -1.456  4.810   -18.189 1.00 32.89  ? 73  TYR A OH  1 
ATOM   325  N  N   . GLU A 1 45 ? 1.602   -1.706  -13.733 1.00 16.02  ? 74  GLU A N   1 
ATOM   326  C  CA  . GLU A 1 45 ? 2.214   -2.472  -12.657 1.00 15.06  ? 74  GLU A CA  1 
ATOM   327  C  C   . GLU A 1 45 ? 3.279   -1.650  -11.942 1.00 18.92  ? 74  GLU A C   1 
ATOM   328  O  O   . GLU A 1 45 ? 4.112   -1.000  -12.574 1.00 19.52  ? 74  GLU A O   1 
ATOM   329  C  CB  . GLU A 1 45 ? 2.786   -3.792  -13.175 1.00 26.72  ? 74  GLU A CB  1 
ATOM   330  C  CG  . GLU A 1 45 ? 1.714   -4.827  -13.493 1.00 35.56  ? 74  GLU A CG  1 
ATOM   331  C  CD  . GLU A 1 45 ? 2.289   -6.167  -13.901 1.00 52.95  ? 74  GLU A CD  1 
ATOM   332  O  OE1 . GLU A 1 45 ? 3.485   -6.221  -14.258 1.00 42.24  ? 74  GLU A OE1 1 
ATOM   333  O  OE2 . GLU A 1 45 ? 1.544   -7.169  -13.862 1.00 49.02  ? 74  GLU A OE2 1 
ATOM   334  N  N   . VAL A 1 46 ? 3.229   -1.675  -10.615 1.00 14.72  ? 75  VAL A N   1 
ATOM   335  C  CA  . VAL A 1 46 ? 4.152   -0.916  -9.789  1.00 17.00  ? 75  VAL A CA  1 
ATOM   336  C  C   . VAL A 1 46 ? 4.917   -1.856  -8.870  1.00 18.72  ? 75  VAL A C   1 
ATOM   337  O  O   . VAL A 1 46 ? 4.322   -2.555  -8.055  1.00 22.51  ? 75  VAL A O   1 
ATOM   338  C  CB  . VAL A 1 46 ? 3.406   0.109   -8.918  1.00 17.15  ? 75  VAL A CB  1 
ATOM   339  C  CG1 . VAL A 1 46 ? 4.394   0.924   -8.094  1.00 13.98  ? 75  VAL A CG1 1 
ATOM   340  C  CG2 . VAL A 1 46 ? 2.539   1.015   -9.780  1.00 16.70  ? 75  VAL A CG2 1 
ATOM   341  N  N   . ASP A 1 47 ? 6.237   -1.875  -9.002  1.00 14.42  ? 76  ASP A N   1 
ATOM   342  C  CA  . ASP A 1 47 ? 7.068   -2.682  -8.120  1.00 14.47  ? 76  ASP A CA  1 
ATOM   343  C  C   . ASP A 1 47 ? 7.270   -1.930  -6.810  1.00 20.22  ? 76  ASP A C   1 
ATOM   344  O  O   . ASP A 1 47 ? 8.041   -0.974  -6.750  1.00 20.46  ? 76  ASP A O   1 
ATOM   345  C  CB  . ASP A 1 47 ? 8.415   -2.979  -8.783  1.00 26.55  ? 76  ASP A CB  1 
ATOM   346  C  CG  . ASP A 1 47 ? 9.155   -4.127  -8.120  1.00 28.67  ? 76  ASP A CG  1 
ATOM   347  O  OD1 . ASP A 1 47 ? 8.984   -4.331  -6.900  1.00 28.70  ? 76  ASP A OD1 1 
ATOM   348  O  OD2 . ASP A 1 47 ? 9.912   -4.827  -8.823  1.00 30.18  ? 76  ASP A OD2 1 
ATOM   349  N  N   . ALA A 1 48 ? 6.570   -2.358  -5.764  1.00 15.94  ? 77  ALA A N   1 
ATOM   350  C  CA  . ALA A 1 48 ? 6.646   -1.679  -4.474  1.00 19.90  ? 77  ALA A CA  1 
ATOM   351  C  C   . ALA A 1 48 ? 6.342   -2.612  -3.304  1.00 25.85  ? 77  ALA A C   1 
ATOM   352  O  O   . ALA A 1 48 ? 5.212   -2.652  -2.817  1.00 24.73  ? 77  ALA A O   1 
ATOM   353  C  CB  . ALA A 1 48 ? 5.706   -0.481  -4.452  1.00 28.56  ? 77  ALA A CB  1 
ATOM   354  N  N   . PRO A 1 49 ? 7.356   -3.365  -2.847  1.00 18.20  ? 78  PRO A N   1 
ATOM   355  C  CA  . PRO A 1 49 ? 7.211   -4.283  -1.711  1.00 20.15  ? 78  PRO A CA  1 
ATOM   356  C  C   . PRO A 1 49 ? 6.804   -3.576  -0.417  1.00 19.96  ? 78  PRO A C   1 
ATOM   357  O  O   . PRO A 1 49 ? 6.266   -4.214  0.487   1.00 18.85  ? 78  PRO A O   1 
ATOM   358  C  CB  . PRO A 1 49 ? 8.617   -4.876  -1.564  1.00 24.28  ? 78  PRO A CB  1 
ATOM   359  C  CG  . PRO A 1 49 ? 9.218   -4.759  -2.921  1.00 20.61  ? 78  PRO A CG  1 
ATOM   360  C  CD  . PRO A 1 49 ? 8.685   -3.472  -3.475  1.00 18.69  ? 78  PRO A CD  1 
ATOM   361  N  N   . TRP A 1 50 ? 7.052   -2.272  -0.336  1.00 21.80  ? 79  TRP A N   1 
ATOM   362  C  CA  . TRP A 1 50 ? 6.785   -1.511  0.881   1.00 20.51  ? 79  TRP A CA  1 
ATOM   363  C  C   . TRP A 1 50 ? 5.319   -1.108  1.034   1.00 31.90  ? 79  TRP A C   1 
ATOM   364  O  O   . TRP A 1 50 ? 4.835   -0.917  2.149   1.00 25.34  ? 79  TRP A O   1 
ATOM   365  C  CB  . TRP A 1 50 ? 7.668   -0.264  0.929   1.00 21.92  ? 79  TRP A CB  1 
ATOM   366  C  CG  . TRP A 1 50 ? 7.542   0.592   -0.289  1.00 20.00  ? 79  TRP A CG  1 
ATOM   367  C  CD1 . TRP A 1 50 ? 6.636   1.588   -0.501  1.00 18.94  ? 79  TRP A CD1 1 
ATOM   368  C  CD2 . TRP A 1 50 ? 8.351   0.527   -1.469  1.00 23.97  ? 79  TRP A CD2 1 
ATOM   369  N  NE1 . TRP A 1 50 ? 6.829   2.148   -1.741  1.00 20.77  ? 79  TRP A NE1 1 
ATOM   370  C  CE2 . TRP A 1 50 ? 7.876   1.514   -2.356  1.00 22.00  ? 79  TRP A CE2 1 
ATOM   371  C  CE3 . TRP A 1 50 ? 9.430   -0.270  -1.863  1.00 22.37  ? 79  TRP A CE3 1 
ATOM   372  C  CZ2 . TRP A 1 50 ? 8.444   1.726   -3.609  1.00 16.63  ? 79  TRP A CZ2 1 
ATOM   373  C  CZ3 . TRP A 1 50 ? 9.991   -0.060  -3.108  1.00 25.61  ? 79  TRP A CZ3 1 
ATOM   374  C  CH2 . TRP A 1 50 ? 9.498   0.932   -3.967  1.00 20.38  ? 79  TRP A CH2 1 
ATOM   375  N  N   . ALA A 1 51 ? 4.620   -0.968  -0.087  1.00 21.13  ? 80  ALA A N   1 
ATOM   376  C  CA  . ALA A 1 51 ? 3.213   -0.576  -0.064  1.00 22.87  ? 80  ALA A CA  1 
ATOM   377  C  C   . ALA A 1 51 ? 2.347   -1.701  0.490   1.00 24.54  ? 80  ALA A C   1 
ATOM   378  O  O   . ALA A 1 51 ? 1.276   -1.458  1.045   1.00 34.62  ? 80  ALA A O   1 
ATOM   379  C  CB  . ALA A 1 51 ? 2.753   -0.189  -1.459  1.00 25.50  ? 80  ALA A CB  1 
ATOM   380  N  N   . VAL A 1 52 ? 2.836   -2.929  0.334   1.00 40.10  ? 81  VAL A N   1 
ATOM   381  C  CA  . VAL A 1 52 ? 2.116   -4.145  0.720   1.00 38.36  ? 81  VAL A CA  1 
ATOM   382  C  C   . VAL A 1 52 ? 1.617   -4.139  2.164   1.00 46.40  ? 81  VAL A C   1 
ATOM   383  O  O   . VAL A 1 52 ? 0.492   -4.554  2.442   1.00 41.60  ? 81  VAL A O   1 
ATOM   384  C  CB  . VAL A 1 52 ? 2.964   -5.411  0.427   1.00 63.67  ? 81  VAL A CB  1 
ATOM   385  C  CG1 . VAL A 1 52 ? 3.163   -6.269  1.670   1.00 69.73  ? 81  VAL A CG1 1 
ATOM   386  C  CG2 . VAL A 1 52 ? 2.324   -6.218  -0.679  1.00 58.59  ? 81  VAL A CG2 1 
ATOM   387  N  N   . ASN A 1 53 ? 2.449   -3.671  3.084   1.00 61.67  ? 82  ASN A N   1 
ATOM   388  C  CA  . ASN A 1 53 ? 1.987   -3.432  4.442   1.00 66.29  ? 82  ASN A CA  1 
ATOM   389  C  C   . ASN A 1 53 ? 2.089   -1.936  4.761   1.00 67.44  ? 82  ASN A C   1 
ATOM   390  O  O   . ASN A 1 53 ? 2.934   -1.530  5.543   1.00 72.12  ? 82  ASN A O   1 
ATOM   391  C  CB  . ASN A 1 53 ? 2.754   -4.306  5.464   1.00 93.17  ? 82  ASN A CB  1 
ATOM   392  C  CG  . ASN A 1 53 ? 4.269   -4.194  5.328   1.00 103.55 ? 82  ASN A CG  1 
ATOM   393  O  OD1 . ASN A 1 53 ? 4.776   -3.388  4.544   1.00 89.65  ? 82  ASN A OD1 1 
ATOM   394  N  ND2 . ASN A 1 53 ? 4.998   -5.000  6.098   1.00 128.36 ? 82  ASN A ND2 1 
ATOM   395  N  N   . ASP A 1 54 ? 1.244   -1.121  4.128   1.00 44.12  ? 83  ASP A N   1 
ATOM   396  C  CA  . ASP A 1 54 ? 1.280   0.332   4.298   1.00 40.51  ? 83  ASP A CA  1 
ATOM   397  C  C   . ASP A 1 54 ? -0.130  0.777   4.640   1.00 39.23  ? 83  ASP A C   1 
ATOM   398  O  O   . ASP A 1 54 ? -0.878  1.243   3.779   1.00 38.72  ? 83  ASP A O   1 
ATOM   399  C  CB  . ASP A 1 54 ? 1.753   1.009   3.025   1.00 58.20  ? 83  ASP A CB  1 
ATOM   400  C  CG  . ASP A 1 54 ? 2.605   2.230   3.281   1.00 59.58  ? 83  ASP A CG  1 
ATOM   401  O  OD1 . ASP A 1 54 ? 3.000   2.505   4.442   1.00 82.85  ? 83  ASP A OD1 1 
ATOM   402  O  OD2 . ASP A 1 54 ? 2.902   2.942   2.279   1.00 68.62  ? 83  ASP A OD2 1 
ATOM   403  N  N   . SER A 1 55 ? -0.482  0.618   5.911   1.00 42.56  ? 84  SER A N   1 
ATOM   404  C  CA  . SER A 1 55 ? -1.832  0.878   6.400   1.00 37.31  ? 84  SER A CA  1 
ATOM   405  C  C   . SER A 1 55 ? -2.417  2.250   6.018   1.00 35.41  ? 84  SER A C   1 
ATOM   406  O  O   . SER A 1 55 ? -3.580  2.335   5.630   1.00 44.26  ? 84  SER A O   1 
ATOM   407  C  CB  . SER A 1 55 ? -1.854  0.681   7.909   1.00 33.40  ? 84  SER A CB  1 
ATOM   408  O  OG  . SER A 1 55 ? -3.151  0.875   8.405   1.00 57.95  ? 84  SER A OG  1 
ATOM   409  N  N   . GLN A 1 56 ? -1.637  3.320   6.143   1.00 34.60  ? 85  GLN A N   1 
ATOM   410  C  CA  . GLN A 1 56 ? -2.171  4.637   5.801   1.00 29.14  ? 85  GLN A CA  1 
ATOM   411  C  C   . GLN A 1 56 ? -2.400  4.818   4.293   1.00 29.96  ? 85  GLN A C   1 
ATOM   412  O  O   . GLN A 1 56 ? -3.314  5.531   3.878   1.00 29.51  ? 85  GLN A O   1 
ATOM   413  C  CB  . GLN A 1 56 ? -1.300  5.753   6.379   1.00 104.28 ? 85  GLN A CB  1 
ATOM   414  C  CG  . GLN A 1 56 ? -0.062  6.098   5.598   1.00 122.77 ? 85  GLN A CG  1 
ATOM   415  C  CD  . GLN A 1 56 ? 0.901   4.933   5.383   1.00 122.18 ? 85  GLN A CD  1 
ATOM   416  O  OE1 . GLN A 1 56 ? 0.964   3.992   6.182   1.00 125.66 ? 85  GLN A OE1 1 
ATOM   417  N  NE2 . GLN A 1 56 ? 1.666   5.003   4.287   1.00 124.53 ? 85  GLN A NE2 1 
ATOM   418  N  N   . LEU A 1 57 ? -1.562  4.182   3.477   1.00 35.94  ? 86  LEU A N   1 
ATOM   419  C  CA  . LEU A 1 57 ? -1.758  4.204   2.033   1.00 36.04  ? 86  LEU A CA  1 
ATOM   420  C  C   . LEU A 1 57 ? -3.063  3.503   1.709   1.00 21.02  ? 86  LEU A C   1 
ATOM   421  O  O   . LEU A 1 57 ? -3.878  4.014   0.946   1.00 15.39  ? 86  LEU A O   1 
ATOM   422  C  CB  . LEU A 1 57 ? -0.617  3.498   1.301   1.00 31.61  ? 86  LEU A CB  1 
ATOM   423  C  CG  . LEU A 1 57 ? -0.952  3.155   -0.161  1.00 31.33  ? 86  LEU A CG  1 
ATOM   424  C  CD1 . LEU A 1 57 ? -1.107  4.400   -1.029  1.00 33.94  ? 86  LEU A CD1 1 
ATOM   425  C  CD2 . LEU A 1 57 ? 0.063   2.207   -0.773  1.00 36.51  ? 86  LEU A CD2 1 
ATOM   426  N  N   . ILE A 1 58 ? -3.253  2.333   2.308   1.00 19.88  ? 87  ILE A N   1 
ATOM   427  C  CA  . ILE A 1 58 ? -4.440  1.527   2.067   1.00 16.87  ? 87  ILE A CA  1 
ATOM   428  C  C   . ILE A 1 58 ? -5.704  2.258   2.508   1.00 20.29  ? 87  ILE A C   1 
ATOM   429  O  O   . ILE A 1 58 ? -6.683  2.315   1.768   1.00 17.26  ? 87  ILE A O   1 
ATOM   430  C  CB  . ILE A 1 58 ? -4.332  0.167   2.776   1.00 25.97  ? 87  ILE A CB  1 
ATOM   431  C  CG1 . ILE A 1 58 ? -3.149  -0.615  2.202   1.00 24.74  ? 87  ILE A CG1 1 
ATOM   432  C  CG2 . ILE A 1 58 ? -5.623  -0.620  2.633   1.00 19.43  ? 87  ILE A CG2 1 
ATOM   433  C  CD1 . ILE A 1 58 ? -2.815  -1.867  2.966   1.00 27.10  ? 87  ILE A CD1 1 
ATOM   434  N  N   . GLU A 1 59 ? -5.680  2.839   3.700   1.00 21.28  ? 88  GLU A N   1 
ATOM   435  C  CA  . GLU A 1 59 ? -6.847  3.573   4.176   1.00 26.97  ? 88  GLU A CA  1 
ATOM   436  C  C   . GLU A 1 59 ? -7.083  4.864   3.387   1.00 22.56  ? 88  GLU A C   1 
ATOM   437  O  O   . GLU A 1 59 ? -8.220  5.326   3.277   1.00 32.02  ? 88  GLU A O   1 
ATOM   438  C  CB  . GLU A 1 59 ? -6.766  3.836   5.681   1.00 48.96  ? 88  GLU A CB  1 
ATOM   439  C  CG  . GLU A 1 59 ? -6.821  2.565   6.521   1.00 48.35  ? 88  GLU A CG  1 
ATOM   440  C  CD  . GLU A 1 59 ? -8.042  1.707   6.221   1.00 56.25  ? 88  GLU A CD  1 
ATOM   441  O  OE1 . GLU A 1 59 ? -9.162  2.257   6.157   1.00 55.23  ? 88  GLU A OE1 1 
ATOM   442  O  OE2 . GLU A 1 59 ? -7.878  0.481   6.047   1.00 49.64  ? 88  GLU A OE2 1 
ATOM   443  N  N   . LYS A 1 60 ? -6.020  5.432   2.825   1.00 25.67  ? 89  LYS A N   1 
ATOM   444  C  CA  . LYS A 1 60 ? -6.169  6.583   1.941   1.00 30.80  ? 89  LYS A CA  1 
ATOM   445  C  C   . LYS A 1 60 ? -6.871  6.165   0.653   1.00 27.07  ? 89  LYS A C   1 
ATOM   446  O  O   . LYS A 1 60 ? -7.741  6.875   0.150   1.00 23.52  ? 89  LYS A O   1 
ATOM   447  C  CB  . LYS A 1 60 ? -4.818  7.217   1.609   1.00 44.69  ? 89  LYS A CB  1 
ATOM   448  C  CG  . LYS A 1 60 ? -4.937  8.437   0.708   1.00 42.06  ? 89  LYS A CG  1 
ATOM   449  C  CD  . LYS A 1 60 ? -3.582  8.972   0.276   1.00 49.59  ? 89  LYS A CD  1 
ATOM   450  C  CE  . LYS A 1 60 ? -3.421  10.429  0.678   1.00 62.29  ? 89  LYS A CE  1 
ATOM   451  N  NZ  . LYS A 1 60 ? -2.836  11.255  -0.415  1.00 56.46  ? 89  LYS A NZ  1 
ATOM   452  N  N   . LEU A 1 61 ? -6.481  5.010   0.123   1.00 19.61  ? 90  LEU A N   1 
ATOM   453  C  CA  . LEU A 1 61 ? -7.105  4.470   -1.079  1.00 12.80  ? 90  LEU A CA  1 
ATOM   454  C  C   . LEU A 1 61 ? -8.580  4.166   -0.835  1.00 14.06  ? 90  LEU A C   1 
ATOM   455  O  O   . LEU A 1 61 ? -9.442  4.516   -1.642  1.00 16.03  ? 90  LEU A O   1 
ATOM   456  C  CB  . LEU A 1 61 ? -6.377  3.202   -1.539  1.00 14.20  ? 90  LEU A CB  1 
ATOM   457  C  CG  . LEU A 1 61 ? -4.942  3.346   -2.051  1.00 14.27  ? 90  LEU A CG  1 
ATOM   458  C  CD1 . LEU A 1 61 ? -4.292  1.981   -2.225  1.00 9.92   ? 90  LEU A CD1 1 
ATOM   459  C  CD2 . LEU A 1 61 ? -4.919  4.119   -3.358  1.00 16.84  ? 90  LEU A CD2 1 
ATOM   460  N  N   . VAL A 1 62 ? -8.863  3.516   0.291   1.00 14.76  ? 91  VAL A N   1 
ATOM   461  C  CA  . VAL A 1 62 ? -10.227 3.148   0.654   1.00 20.42  ? 91  VAL A CA  1 
ATOM   462  C  C   . VAL A 1 62 ? -11.109 4.376   0.858   1.00 24.76  ? 91  VAL A C   1 
ATOM   463  O  O   . VAL A 1 62 ? -12.237 4.424   0.366   1.00 20.64  ? 91  VAL A O   1 
ATOM   464  C  CB  . VAL A 1 62 ? -10.259 2.271   1.924   1.00 26.90  ? 91  VAL A CB  1 
ATOM   465  C  CG1 . VAL A 1 62 ? -11.687 2.096   2.421   1.00 27.62  ? 91  VAL A CG1 1 
ATOM   466  C  CG2 . VAL A 1 62 ? -9.616  0.920   1.651   1.00 21.01  ? 91  VAL A CG2 1 
ATOM   467  N  N   . SER A 1 63 ? -10.586 5.370   1.572   1.00 25.41  ? 92  SER A N   1 
ATOM   468  C  CA  . SER A 1 63 ? -11.334 6.599   1.829   1.00 28.77  ? 92  SER A CA  1 
ATOM   469  C  C   . SER A 1 63 ? -11.688 7.323   0.531   1.00 29.88  ? 92  SER A C   1 
ATOM   470  O  O   . SER A 1 63 ? -12.636 8.107   0.488   1.00 26.17  ? 92  SER A O   1 
ATOM   471  C  CB  . SER A 1 63 ? -10.542 7.533   2.745   1.00 33.72  ? 92  SER A CB  1 
ATOM   472  O  OG  . SER A 1 63 ? -9.411  8.064   2.078   1.00 40.38  ? 92  SER A OG  1 
ATOM   473  N  N   . LYS A 1 64 ? -10.922 7.053   -0.521  1.00 25.07  ? 93  LYS A N   1 
ATOM   474  C  CA  . LYS A 1 64 ? -11.168 7.647   -1.831  1.00 23.63  ? 93  LYS A CA  1 
ATOM   475  C  C   . LYS A 1 64 ? -12.143 6.818   -2.663  1.00 21.04  ? 93  LYS A C   1 
ATOM   476  O  O   . LYS A 1 64 ? -12.492 7.197   -3.782  1.00 23.51  ? 93  LYS A O   1 
ATOM   477  C  CB  . LYS A 1 64 ? -9.854  7.823   -2.597  1.00 27.82  ? 93  LYS A CB  1 
ATOM   478  C  CG  . LYS A 1 64 ? -9.063  9.065   -2.219  1.00 32.94  ? 93  LYS A CG  1 
ATOM   479  C  CD  . LYS A 1 64 ? -7.852  9.234   -3.128  1.00 40.45  ? 93  LYS A CD  1 
ATOM   480  C  CE  . LYS A 1 64 ? -7.577  10.701  -3.429  1.00 46.47  ? 93  LYS A CE  1 
ATOM   481  N  NZ  . LYS A 1 64 ? -7.242  11.488  -2.212  1.00 44.87  ? 93  LYS A NZ  1 
ATOM   482  N  N   . GLY A 1 65 ? -12.574 5.686   -2.120  1.00 18.46  ? 94  GLY A N   1 
ATOM   483  C  CA  . GLY A 1 65 ? -13.509 4.824   -2.819  1.00 20.15  ? 94  GLY A CA  1 
ATOM   484  C  C   . GLY A 1 65 ? -12.844 3.961   -3.874  1.00 20.79  ? 94  GLY A C   1 
ATOM   485  O  O   . GLY A 1 65 ? -13.520 3.302   -4.666  1.00 20.75  ? 94  GLY A O   1 
ATOM   486  N  N   . ILE A 1 66 ? -11.516 3.971   -3.892  1.00 15.07  ? 95  ILE A N   1 
ATOM   487  C  CA  . ILE A 1 66 ? -10.758 3.129   -4.808  1.00 13.59  ? 95  ILE A CA  1 
ATOM   488  C  C   . ILE A 1 66 ? -10.850 1.678   -4.357  1.00 17.17  ? 95  ILE A C   1 
ATOM   489  O  O   . ILE A 1 66 ? -10.628 1.371   -3.186  1.00 13.15  ? 95  ILE A O   1 
ATOM   490  C  CB  . ILE A 1 66 ? -9.277  3.557   -4.875  1.00 18.25  ? 95  ILE A CB  1 
ATOM   491  C  CG1 . ILE A 1 66 ? -9.152  4.943   -5.509  1.00 15.27  ? 95  ILE A CG1 1 
ATOM   492  C  CG2 . ILE A 1 66 ? -8.453  2.538   -5.655  1.00 14.91  ? 95  ILE A CG2 1 
ATOM   493  C  CD1 . ILE A 1 66 ? -7.741  5.491   -5.506  1.00 19.33  ? 95  ILE A CD1 1 
ATOM   494  N  N   . LYS A 1 67 ? -11.194 0.789   -5.282  1.00 14.48  ? 96  LYS A N   1 
ATOM   495  C  CA  . LYS A 1 67 ? -11.313 -0.627  -4.962  1.00 13.65  ? 96  LYS A CA  1 
ATOM   496  C  C   . LYS A 1 67 ? -9.946  -1.228  -4.657  1.00 17.02  ? 96  LYS A C   1 
ATOM   497  O  O   . LYS A 1 67 ? -9.076  -1.292  -5.524  1.00 17.05  ? 96  LYS A O   1 
ATOM   498  C  CB  . LYS A 1 67 ? -11.985 -1.383  -6.110  1.00 17.45  ? 96  LYS A CB  1 
ATOM   499  C  CG  . LYS A 1 67 ? -12.230 -2.855  -5.824  1.00 19.39  ? 96  LYS A CG  1 
ATOM   500  C  CD  . LYS A 1 67 ? -13.066 -3.495  -6.920  1.00 19.14  ? 96  LYS A CD  1 
ATOM   501  C  CE  . LYS A 1 67 ? -13.255 -4.983  -6.676  1.00 30.09  ? 96  LYS A CE  1 
ATOM   502  N  NZ  . LYS A 1 67 ? -14.073 -5.621  -7.744  1.00 33.51  ? 96  LYS A NZ  1 
ATOM   503  N  N   . VAL A 1 68 ? -9.763  -1.660  -3.413  1.00 10.05  ? 97  VAL A N   1 
ATOM   504  C  CA  . VAL A 1 68 ? -8.508  -2.261  -2.985  1.00 9.69   ? 97  VAL A CA  1 
ATOM   505  C  C   . VAL A 1 68 ? -8.714  -3.731  -2.661  1.00 16.01  ? 97  VAL A C   1 
ATOM   506  O  O   . VAL A 1 68 ? -9.603  -4.085  -1.886  1.00 12.43  ? 97  VAL A O   1 
ATOM   507  C  CB  . VAL A 1 68 ? -7.943  -1.560  -1.736  1.00 17.35  ? 97  VAL A CB  1 
ATOM   508  C  CG1 . VAL A 1 68 ? -6.647  -2.221  -1.293  1.00 21.13  ? 97  VAL A CG1 1 
ATOM   509  C  CG2 . VAL A 1 68 ? -7.723  -0.086  -2.013  1.00 13.70  ? 97  VAL A CG2 1 
ATOM   510  N  N   . SER A 1 69 ? -7.894  -4.589  -3.256  1.00 16.17  ? 98  SER A N   1 
ATOM   511  C  CA  . SER A 1 69 ? -7.979  -6.015  -2.973  1.00 20.63  ? 98  SER A CA  1 
ATOM   512  C  C   . SER A 1 69 ? -6.620  -6.702  -2.979  1.00 14.44  ? 98  SER A C   1 
ATOM   513  O  O   . SER A 1 69 ? -5.709  -6.300  -3.702  1.00 15.78  ? 98  SER A O   1 
ATOM   514  C  CB  . SER A 1 69 ? -8.932  -6.708  -3.947  1.00 31.16  ? 98  SER A CB  1 
ATOM   515  O  OG  . SER A 1 69 ? -8.665  -6.332  -5.285  1.00 45.24  ? 98  SER A OG  1 
ATOM   516  N  N   . GLY A 1 70 ? -6.492  -7.737  -2.155  1.00 14.12  ? 99  GLY A N   1 
ATOM   517  C  CA  . GLY A 1 70 ? -5.276  -8.521  -2.102  1.00 12.52  ? 99  GLY A CA  1 
ATOM   518  C  C   . GLY A 1 70 ? -5.318  -9.649  -3.111  1.00 16.47  ? 99  GLY A C   1 
ATOM   519  O  O   . GLY A 1 70 ? -6.392  -10.061 -3.555  1.00 13.83  ? 99  GLY A O   1 
ATOM   520  N  N   . GLU A 1 71 ? -4.145  -10.148 -3.478  1.00 13.47  ? 100 GLU A N   1 
ATOM   521  C  CA  . GLU A 1 71 ? -4.044  -11.225 -4.451  1.00 12.98  ? 100 GLU A CA  1 
ATOM   522  C  C   . GLU A 1 71 ? -2.884  -12.143 -4.088  1.00 23.34  ? 100 GLU A C   1 
ATOM   523  O  O   . GLU A 1 71 ? -1.854  -11.686 -3.595  1.00 21.92  ? 100 GLU A O   1 
ATOM   524  C  CB  . GLU A 1 71 ? -3.849  -10.647 -5.855  1.00 18.91  ? 100 GLU A CB  1 
ATOM   525  C  CG  . GLU A 1 71 ? -3.908  -11.669 -6.976  1.00 34.16  ? 100 GLU A CG  1 
ATOM   526  C  CD  . GLU A 1 71 ? -3.782  -11.031 -8.348  1.00 35.68  ? 100 GLU A CD  1 
ATOM   527  O  OE1 . GLU A 1 71 ? -2.651  -10.966 -8.875  1.00 34.06  ? 100 GLU A OE1 1 
ATOM   528  O  OE2 . GLU A 1 71 ? -4.815  -10.595 -8.900  1.00 36.11  ? 100 GLU A OE2 1 
ATOM   529  N  N   . ARG A 1 72 ? -3.060  -13.438 -4.325  1.00 27.15  ? 101 ARG A N   1 
ATOM   530  C  CA  . ARG A 1 72 ? -2.011  -14.412 -4.049  1.00 32.78  ? 101 ARG A CA  1 
ATOM   531  C  C   . ARG A 1 72 ? -2.054  -15.560 -5.053  1.00 36.40  ? 101 ARG A C   1 
ATOM   532  O  O   . ARG A 1 72 ? -1.106  -16.338 -5.161  1.00 43.01  ? 101 ARG A O   1 
ATOM   533  C  CB  . ARG A 1 72 ? -2.138  -14.951 -2.624  1.00 26.97  ? 101 ARG A CB  1 
ATOM   534  C  CG  . ARG A 1 72 ? -3.356  -15.829 -2.395  1.00 39.58  ? 101 ARG A CG  1 
ATOM   535  C  CD  . ARG A 1 72 ? -3.505  -16.176 -0.923  1.00 29.07  ? 101 ARG A CD  1 
ATOM   536  N  NE  . ARG A 1 72 ? -3.788  -14.992 -0.120  1.00 28.38  ? 101 ARG A NE  1 
ATOM   537  C  CZ  . ARG A 1 72 ? -3.670  -14.938 1.204   1.00 34.99  ? 101 ARG A CZ  1 
ATOM   538  N  NH1 . ARG A 1 72 ? -3.262  -16.002 1.880   1.00 22.90  ? 101 ARG A NH1 1 
ATOM   539  N  NH2 . ARG A 1 72 ? -3.954  -13.815 1.849   1.00 24.59  ? 101 ARG A NH2 1 
ATOM   540  N  N   . SER B 1 5  ? -18.818 -14.576 -3.198  1.00 35.85  ? 34  SER B N   1 
ATOM   541  C  CA  . SER B 1 5  ? -17.813 -15.182 -2.332  1.00 37.79  ? 34  SER B CA  1 
ATOM   542  C  C   . SER B 1 5  ? -16.622 -14.256 -2.117  1.00 28.09  ? 34  SER B C   1 
ATOM   543  O  O   . SER B 1 5  ? -16.213 -14.008 -0.984  1.00 26.11  ? 34  SER B O   1 
ATOM   544  C  CB  . SER B 1 5  ? -17.334 -16.512 -2.917  1.00 46.18  ? 34  SER B CB  1 
ATOM   545  O  OG  . SER B 1 5  ? -16.239 -17.025 -2.178  1.00 54.61  ? 34  SER B OG  1 
ATOM   546  N  N   . LYS B 1 6  ? -16.063 -13.756 -3.214  1.00 26.52  ? 35  LYS B N   1 
ATOM   547  C  CA  . LYS B 1 6  ? -14.915 -12.859 -3.148  1.00 20.85  ? 35  LYS B CA  1 
ATOM   548  C  C   . LYS B 1 6  ? -15.353 -11.414 -2.908  1.00 20.87  ? 35  LYS B C   1 
ATOM   549  O  O   . LYS B 1 6  ? -16.255 -10.911 -3.577  1.00 21.44  ? 35  LYS B O   1 
ATOM   550  C  CB  . LYS B 1 6  ? -14.085 -12.952 -4.432  1.00 37.94  ? 35  LYS B CB  1 
ATOM   551  C  CG  . LYS B 1 6  ? -12.834 -12.086 -4.411  1.00 60.14  ? 35  LYS B CG  1 
ATOM   552  C  CD  . LYS B 1 6  ? -11.908 -12.358 -5.596  1.00 79.22  ? 35  LYS B CD  1 
ATOM   553  C  CE  . LYS B 1 6  ? -12.436 -11.761 -6.897  1.00 80.53  ? 35  LYS B CE  1 
ATOM   554  N  NZ  . LYS B 1 6  ? -11.388 -11.708 -7.961  1.00 96.33  ? 35  LYS B NZ  1 
ATOM   555  N  N   . LEU B 1 7  ? -14.703 -10.751 -1.955  1.00 18.65  ? 36  LEU B N   1 
ATOM   556  C  CA  . LEU B 1 7  ? -15.058 -9.384  -1.585  1.00 11.88  ? 36  LEU B CA  1 
ATOM   557  C  C   . LEU B 1 7  ? -13.809 -8.513  -1.458  1.00 13.53  ? 36  LEU B C   1 
ATOM   558  O  O   . LEU B 1 7  ? -12.829 -8.914  -0.831  1.00 13.66  ? 36  LEU B O   1 
ATOM   559  C  CB  . LEU B 1 7  ? -15.831 -9.387  -0.265  1.00 15.13  ? 36  LEU B CB  1 
ATOM   560  C  CG  . LEU B 1 7  ? -16.389 -8.063  0.253   1.00 16.88  ? 36  LEU B CG  1 
ATOM   561  C  CD1 . LEU B 1 7  ? -17.528 -7.588  -0.631  1.00 19.40  ? 36  LEU B CD1 1 
ATOM   562  C  CD2 . LEU B 1 7  ? -16.847 -8.213  1.696   1.00 18.94  ? 36  LEU B CD2 1 
ATOM   563  N  N   . SER B 1 8  ? -13.840 -7.325  -2.055  1.00 11.39  ? 37  SER B N   1 
ATOM   564  C  CA  . SER B 1 8  ? -12.708 -6.408  -1.970  1.00 10.98  ? 37  SER B CA  1 
ATOM   565  C  C   . SER B 1 8  ? -12.580 -5.869  -0.551  1.00 12.59  ? 37  SER B C   1 
ATOM   566  O  O   . SER B 1 8  ? -13.551 -5.857  0.204   1.00 10.13  ? 37  SER B O   1 
ATOM   567  C  CB  . SER B 1 8  ? -12.870 -5.249  -2.955  1.00 12.92  ? 37  SER B CB  1 
ATOM   568  O  OG  . SER B 1 8  ? -13.897 -4.362  -2.540  1.00 13.91  ? 37  SER B OG  1 
ATOM   569  N  N   . TYR B 1 9  ? -11.379 -5.431  -0.187  1.00 9.70   ? 38  TYR B N   1 
ATOM   570  C  CA  . TYR B 1 9  ? -11.161 -4.849  1.132   1.00 12.70  ? 38  TYR B CA  1 
ATOM   571  C  C   . TYR B 1 9  ? -11.943 -3.550  1.279   1.00 14.27  ? 38  TYR B C   1 
ATOM   572  O  O   . TYR B 1 9  ? -12.482 -3.253  2.348   1.00 12.19  ? 38  TYR B O   1 
ATOM   573  C  CB  . TYR B 1 9  ? -9.674  -4.597  1.380   1.00 11.71  ? 38  TYR B CB  1 
ATOM   574  C  CG  . TYR B 1 9  ? -9.394  -3.987  2.734   1.00 9.88   ? 38  TYR B CG  1 
ATOM   575  C  CD1 . TYR B 1 9  ? -9.559  -4.728  3.897   1.00 14.48  ? 38  TYR B CD1 1 
ATOM   576  C  CD2 . TYR B 1 9  ? -8.969  -2.670  2.850   1.00 17.75  ? 38  TYR B CD2 1 
ATOM   577  C  CE1 . TYR B 1 9  ? -9.311  -4.174  5.137   1.00 15.69  ? 38  TYR B CE1 1 
ATOM   578  C  CE2 . TYR B 1 9  ? -8.716  -2.109  4.089   1.00 16.06  ? 38  TYR B CE2 1 
ATOM   579  C  CZ  . TYR B 1 9  ? -8.890  -2.866  5.228   1.00 16.65  ? 38  TYR B CZ  1 
ATOM   580  O  OH  . TYR B 1 9  ? -8.639  -2.315  6.462   1.00 24.24  ? 38  TYR B OH  1 
ATOM   581  N  N   . THR B 1 10 ? -12.002 -2.780  0.197   1.00 7.79   ? 39  THR B N   1 
ATOM   582  C  CA  . THR B 1 10 ? -12.746 -1.525  0.184   1.00 11.03  ? 39  THR B CA  1 
ATOM   583  C  C   . THR B 1 10 ? -14.218 -1.753  0.511   1.00 8.44   ? 39  THR B C   1 
ATOM   584  O  O   . THR B 1 10 ? -14.781 -1.096  1.391   1.00 12.40  ? 39  THR B O   1 
ATOM   585  C  CB  . THR B 1 10 ? -12.626 -0.820  -1.180  1.00 7.35   ? 39  THR B CB  1 
ATOM   586  O  OG1 . THR B 1 10 ? -11.256 -0.480  -1.422  1.00 13.11  ? 39  THR B OG1 1 
ATOM   587  C  CG2 . THR B 1 10 ? -13.468 0.451   -1.204  1.00 12.12  ? 39  THR B CG2 1 
ATOM   588  N  N   . SER B 1 11 ? -14.832 -2.699  -0.192  1.00 8.97   ? 40  SER B N   1 
ATOM   589  C  CA  . SER B 1 11 ? -16.236 -3.019  0.025   1.00 11.12  ? 40  SER B CA  1 
ATOM   590  C  C   . SER B 1 11 ? -16.462 -3.548  1.436   1.00 13.06  ? 40  SER B C   1 
ATOM   591  O  O   . SER B 1 11 ? -17.483 -3.262  2.051   1.00 12.02  ? 40  SER B O   1 
ATOM   592  C  CB  . SER B 1 11 ? -16.730 -4.038  -1.002  1.00 17.05  ? 40  SER B CB  1 
ATOM   593  O  OG  . SER B 1 11 ? -18.101 -4.337  -0.796  1.00 20.97  ? 40  SER B OG  1 
ATOM   594  N  N   . PHE B 1 12 ? -15.508 -4.324  1.939   1.00 9.71   ? 41  PHE B N   1 
ATOM   595  C  CA  . PHE B 1 12 ? -15.569 -4.818  3.311   1.00 9.93   ? 41  PHE B CA  1 
ATOM   596  C  C   . PHE B 1 12 ? -15.625 -3.661  4.305   1.00 10.86  ? 41  PHE B C   1 
ATOM   597  O  O   . PHE B 1 12 ? -16.495 -3.621  5.182   1.00 10.14  ? 41  PHE B O   1 
ATOM   598  C  CB  . PHE B 1 12 ? -14.369 -5.721  3.605   1.00 9.68   ? 41  PHE B CB  1 
ATOM   599  C  CG  . PHE B 1 12 ? -14.149 -5.980  5.068   1.00 12.19  ? 41  PHE B CG  1 
ATOM   600  C  CD1 . PHE B 1 12 ? -15.045 -6.748  5.792   1.00 11.30  ? 41  PHE B CD1 1 
ATOM   601  C  CD2 . PHE B 1 12 ? -13.038 -5.465  5.717   1.00 10.92  ? 41  PHE B CD2 1 
ATOM   602  C  CE1 . PHE B 1 12 ? -14.842 -6.989  7.139   1.00 15.33  ? 41  PHE B CE1 1 
ATOM   603  C  CE2 . PHE B 1 12 ? -12.830 -5.703  7.061   1.00 17.96  ? 41  PHE B CE2 1 
ATOM   604  C  CZ  . PHE B 1 12 ? -13.733 -6.466  7.774   1.00 9.47   ? 41  PHE B CZ  1 
ATOM   605  N  N   . VAL B 1 13 ? -14.702 -2.716  4.156   1.00 8.67   ? 42  VAL B N   1 
ATOM   606  C  CA  . VAL B 1 13 ? -14.657 -1.552  5.039   1.00 9.03   ? 42  VAL B CA  1 
ATOM   607  C  C   . VAL B 1 13 ? -15.953 -0.750  4.949   1.00 10.74  ? 42  VAL B C   1 
ATOM   608  O  O   . VAL B 1 13 ? -16.488 -0.302  5.966   1.00 10.89  ? 42  VAL B O   1 
ATOM   609  C  CB  . VAL B 1 13 ? -13.444 -0.648  4.727   1.00 12.26  ? 42  VAL B CB  1 
ATOM   610  C  CG1 . VAL B 1 13 ? -13.534 0.659   5.498   1.00 15.01  ? 42  VAL B CG1 1 
ATOM   611  C  CG2 . VAL B 1 13 ? -12.145 -1.375  5.053   1.00 14.85  ? 42  VAL B CG2 1 
ATOM   612  N  N   . GLN B 1 14 ? -16.462 -0.587  3.731   1.00 11.66  ? 43  GLN B N   1 
ATOM   613  C  CA  . GLN B 1 14 ? -17.726 0.112   3.516   1.00 11.07  ? 43  GLN B CA  1 
ATOM   614  C  C   . GLN B 1 14 ? -18.895 -0.582  4.215   1.00 14.17  ? 43  GLN B C   1 
ATOM   615  O  O   . GLN B 1 14 ? -19.732 0.071   4.837   1.00 12.71  ? 43  GLN B O   1 
ATOM   616  C  CB  . GLN B 1 14 ? -18.012 0.252   2.019   1.00 14.19  ? 43  GLN B CB  1 
ATOM   617  C  CG  . GLN B 1 14 ? -17.067 1.202   1.303   1.00 12.49  ? 43  GLN B CG  1 
ATOM   618  C  CD  . GLN B 1 14 ? -17.233 1.168   -0.205  1.00 19.33  ? 43  GLN B CD  1 
ATOM   619  O  OE1 . GLN B 1 14 ? -17.934 0.313   -0.746  1.00 13.88  ? 43  GLN B OE1 1 
ATOM   620  N  NE2 . GLN B 1 14 ? -16.582 2.099   -0.892  1.00 19.02  ? 43  GLN B NE2 1 
HETATM 621  N  N   . MSE B 1 15 ? -18.944 -1.906  4.113   1.00 9.31   ? 44  MSE B N   1 
HETATM 622  C  CA  . MSE B 1 15 ? -20.006 -2.690  4.735   1.00 13.68  ? 44  MSE B CA  1 
HETATM 623  C  C   . MSE B 1 15 ? -19.922 -2.633  6.254   1.00 16.10  ? 44  MSE B C   1 
HETATM 624  O  O   . MSE B 1 15 ? -20.939 -2.692  6.944   1.00 18.72  ? 44  MSE B O   1 
HETATM 625  C  CB  . MSE B 1 15 ? -19.955 -4.142  4.259   1.00 14.94  ? 44  MSE B CB  1 
HETATM 626  C  CG  . MSE B 1 15 ? -20.394 -4.339  2.819   1.00 19.97  ? 44  MSE B CG  1 
HETATM 627  SE SE  . MSE B 1 15 ? -20.052 -6.149  2.179   0.57 21.03  ? 44  MSE B SE  1 
HETATM 628  C  CE  . MSE B 1 15 ? -21.070 -7.142  3.509   1.00 17.38  ? 44  MSE B CE  1 
ATOM   629  N  N   . VAL B 1 16 ? -18.703 -2.524  6.772   1.00 14.40  ? 45  VAL B N   1 
ATOM   630  C  CA  . VAL B 1 16 ? -18.506 -2.388  8.210   1.00 16.84  ? 45  VAL B CA  1 
ATOM   631  C  C   . VAL B 1 16 ? -18.946 -1.006  8.698   1.00 20.81  ? 45  VAL B C   1 
ATOM   632  O  O   . VAL B 1 16 ? -19.596 -0.879  9.739   1.00 17.54  ? 45  VAL B O   1 
ATOM   633  C  CB  . VAL B 1 16 ? -17.034 -2.636  8.595   1.00 19.25  ? 45  VAL B CB  1 
ATOM   634  C  CG1 . VAL B 1 16 ? -16.771 -2.215  10.034  1.00 16.75  ? 45  VAL B CG1 1 
ATOM   635  C  CG2 . VAL B 1 16 ? -16.677 -4.099  8.384   1.00 12.01  ? 45  VAL B CG2 1 
ATOM   636  N  N   . GLU B 1 17 ? -18.600 0.023   7.930   1.00 9.20   ? 46  GLU B N   1 
ATOM   637  C  CA  . GLU B 1 17 ? -18.905 1.404   8.300   1.00 18.42  ? 46  GLU B CA  1 
ATOM   638  C  C   . GLU B 1 17 ? -20.375 1.760   8.104   1.00 13.44  ? 46  GLU B C   1 
ATOM   639  O  O   . GLU B 1 17 ? -20.844 2.767   8.634   1.00 16.57  ? 46  GLU B O   1 
ATOM   640  C  CB  . GLU B 1 17 ? -18.032 2.374   7.500   1.00 29.62  ? 46  GLU B CB  1 
ATOM   641  C  CG  . GLU B 1 17 ? -16.550 2.306   7.826   1.00 33.09  ? 46  GLU B CG  1 
ATOM   642  C  CD  . GLU B 1 17 ? -15.707 3.139   6.878   1.00 43.28  ? 46  GLU B CD  1 
ATOM   643  O  OE1 . GLU B 1 17 ? -16.234 3.562   5.827   1.00 46.26  ? 46  GLU B OE1 1 
ATOM   644  O  OE2 . GLU B 1 17 ? -14.519 3.373   7.185   1.00 47.63  ? 46  GLU B OE2 1 
ATOM   645  N  N   . ASP B 1 18 ? -21.085 0.934   7.334   1.00 17.68  ? 47  ASP B N   1 
ATOM   646  C  CA  . ASP B 1 18 ? -22.498 1.145   7.011   1.00 18.66  ? 47  ASP B CA  1 
ATOM   647  C  C   . ASP B 1 18 ? -23.324 1.486   8.249   1.00 19.46  ? 47  ASP B C   1 
ATOM   648  O  O   . ASP B 1 18 ? -23.193 0.838   9.287   1.00 15.64  ? 47  ASP B O   1 
ATOM   649  C  CB  . ASP B 1 18 ? -23.070 -0.112  6.345   1.00 23.18  ? 47  ASP B CB  1 
ATOM   650  C  CG  . ASP B 1 18 ? -24.426 0.122   5.693   1.00 37.61  ? 47  ASP B CG  1 
ATOM   651  O  OD1 . ASP B 1 18 ? -25.047 1.179   5.930   1.00 42.12  ? 47  ASP B OD1 1 
ATOM   652  O  OD2 . ASP B 1 18 ? -24.878 -0.769  4.941   1.00 41.51  ? 47  ASP B OD2 1 
ATOM   653  N  N   . GLU B 1 19 ? -24.169 2.508   8.127   1.00 14.30  ? 48  GLU B N   1 
ATOM   654  C  CA  . GLU B 1 19 ? -25.020 2.950   9.229   1.00 15.04  ? 48  GLU B CA  1 
ATOM   655  C  C   . GLU B 1 19 ? -25.901 1.816   9.748   1.00 18.64  ? 48  GLU B C   1 
ATOM   656  O  O   . GLU B 1 19 ? -26.131 1.699   10.952  1.00 20.68  ? 48  GLU B O   1 
ATOM   657  C  CB  . GLU B 1 19 ? -25.878 4.143   8.798   1.00 20.45  ? 48  GLU B CB  1 
ATOM   658  C  CG  . GLU B 1 19 ? -26.757 4.712   9.902   1.00 30.70  ? 48  GLU B CG  1 
ATOM   659  C  CD  . GLU B 1 19 ? -27.499 5.965   9.469   1.00 28.32  ? 48  GLU B CD  1 
ATOM   660  O  OE1 . GLU B 1 19 ? -26.836 6.983   9.180   1.00 24.56  ? 48  GLU B OE1 1 
ATOM   661  O  OE2 . GLU B 1 19 ? -28.746 5.928   9.414   1.00 30.27  ? 48  GLU B OE2 1 
ATOM   662  N  N   . ARG B 1 20 ? -26.390 0.979   8.837   1.00 18.86  ? 49  ARG B N   1 
ATOM   663  C  CA  . ARG B 1 20 ? -27.106 -0.230  9.233   1.00 29.52  ? 49  ARG B CA  1 
ATOM   664  C  C   . ARG B 1 20 ? -26.419 -1.476  8.668   1.00 28.92  ? 49  ARG B C   1 
ATOM   665  O  O   . ARG B 1 20 ? -26.990 -2.222  7.870   1.00 24.06  ? 49  ARG B O   1 
ATOM   666  C  CB  . ARG B 1 20 ? -28.588 -0.158  8.838   1.00 33.46  ? 49  ARG B CB  1 
ATOM   667  C  CG  . ARG B 1 20 ? -28.855 0.057   7.358   1.00 35.33  ? 49  ARG B CG  1 
ATOM   668  C  CD  . ARG B 1 20 ? -30.199 0.724   7.135   1.00 40.94  ? 49  ARG B CD  1 
ATOM   669  N  NE  . ARG B 1 20 ? -30.111 2.161   7.366   1.00 49.75  ? 49  ARG B NE  1 
ATOM   670  C  CZ  . ARG B 1 20 ? -29.716 3.036   6.447   1.00 35.40  ? 49  ARG B CZ  1 
ATOM   671  N  NH1 . ARG B 1 20 ? -29.377 2.620   5.233   1.00 46.53  ? 49  ARG B NH1 1 
ATOM   672  N  NH2 . ARG B 1 20 ? -29.658 4.326   6.742   1.00 37.95  ? 49  ARG B NH2 1 
ATOM   673  N  N   . SER B 1 21 ? -25.182 -1.690  9.109   1.00 20.34  ? 50  SER B N   1 
ATOM   674  C  CA  . SER B 1 21 ? -24.345 -2.780  8.619   1.00 21.27  ? 50  SER B CA  1 
ATOM   675  C  C   . SER B 1 21 ? -25.027 -4.141  8.707   1.00 22.75  ? 50  SER B C   1 
ATOM   676  O  O   . SER B 1 21 ? -25.691 -4.453  9.694   1.00 22.00  ? 50  SER B O   1 
ATOM   677  C  CB  . SER B 1 21 ? -23.026 -2.814  9.393   1.00 22.40  ? 50  SER B CB  1 
ATOM   678  O  OG  . SER B 1 21 ? -22.204 -3.880  8.951   1.00 17.06  ? 50  SER B OG  1 
ATOM   679  N  N   . VAL B 1 22 ? -24.865 -4.943  7.661   1.00 15.25  ? 51  VAL B N   1 
ATOM   680  C  CA  . VAL B 1 22 ? -25.388 -6.301  7.659   1.00 16.43  ? 51  VAL B CA  1 
ATOM   681  C  C   . VAL B 1 22 ? -24.301 -7.287  8.063   1.00 16.15  ? 51  VAL B C   1 
ATOM   682  O  O   . VAL B 1 22 ? -24.513 -8.495  8.042   1.00 13.58  ? 51  VAL B O   1 
ATOM   683  C  CB  . VAL B 1 22 ? -25.946 -6.698  6.280   1.00 33.94  ? 51  VAL B CB  1 
ATOM   684  C  CG1 . VAL B 1 22 ? -27.141 -5.828  5.921   1.00 33.82  ? 51  VAL B CG1 1 
ATOM   685  C  CG2 . VAL B 1 22 ? -24.860 -6.595  5.220   1.00 28.85  ? 51  VAL B CG2 1 
ATOM   686  N  N   . VAL B 1 23 ? -23.132 -6.769  8.428   1.00 14.83  ? 52  VAL B N   1 
ATOM   687  C  CA  . VAL B 1 23 ? -22.041 -7.628  8.874   1.00 16.23  ? 52  VAL B CA  1 
ATOM   688  C  C   . VAL B 1 23 ? -22.305 -8.117  10.294  1.00 20.63  ? 52  VAL B C   1 
ATOM   689  O  O   . VAL B 1 23 ? -22.487 -7.319  11.215  1.00 13.51  ? 52  VAL B O   1 
ATOM   690  C  CB  . VAL B 1 23 ? -20.678 -6.910  8.811   1.00 17.97  ? 52  VAL B CB  1 
ATOM   691  C  CG1 . VAL B 1 23 ? -19.579 -7.810  9.355   1.00 11.05  ? 52  VAL B CG1 1 
ATOM   692  C  CG2 . VAL B 1 23 ? -20.366 -6.494  7.380   1.00 13.64  ? 52  VAL B CG2 1 
ATOM   693  N  N   . SER B 1 24 ? -22.340 -9.433  10.462  1.00 11.95  ? 53  SER B N   1 
ATOM   694  C  CA  . SER B 1 24 ? -22.610 -10.026 11.764  1.00 17.89  ? 53  SER B CA  1 
ATOM   695  C  C   . SER B 1 24 ? -21.327 -10.495 12.433  1.00 15.82  ? 53  SER B C   1 
ATOM   696  O  O   . SER B 1 24 ? -21.166 -10.354 13.645  1.00 14.19  ? 53  SER B O   1 
ATOM   697  C  CB  . SER B 1 24 ? -23.579 -11.200 11.622  1.00 25.79  ? 53  SER B CB  1 
ATOM   698  O  OG  . SER B 1 24 ? -23.059 -12.172 10.735  1.00 28.96  ? 53  SER B OG  1 
ATOM   699  N  N   . GLU B 1 25 ? -20.414 -11.052 11.643  1.00 12.15  ? 54  GLU B N   1 
ATOM   700  C  CA  . GLU B 1 25 ? -19.185 -11.614 12.193  1.00 11.82  ? 54  GLU B CA  1 
ATOM   701  C  C   . GLU B 1 25 ? -18.008 -11.561 11.224  1.00 12.27  ? 54  GLU B C   1 
ATOM   702  O  O   . GLU B 1 25 ? -18.175 -11.698 10.012  1.00 12.11  ? 54  GLU B O   1 
ATOM   703  C  CB  . GLU B 1 25 ? -19.406 -13.065 12.636  1.00 20.58  ? 54  GLU B CB  1 
ATOM   704  C  CG  . GLU B 1 25 ? -18.195 -13.668 13.338  1.00 32.71  ? 54  GLU B CG  1 
ATOM   705  C  CD  . GLU B 1 25 ? -18.294 -15.165 13.559  1.00 45.25  ? 54  GLU B CD  1 
ATOM   706  O  OE1 . GLU B 1 25 ? -19.415 -15.708 13.497  1.00 35.48  ? 54  GLU B OE1 1 
ATOM   707  O  OE2 . GLU B 1 25 ? -17.241 -15.794 13.796  1.00 46.91  ? 54  GLU B OE2 1 
ATOM   708  N  N   . VAL B 1 26 ? -16.817 -11.369 11.782  1.00 9.50   ? 55  VAL B N   1 
ATOM   709  C  CA  . VAL B 1 26 ? -15.581 -11.417 11.016  1.00 10.20  ? 55  VAL B CA  1 
ATOM   710  C  C   . VAL B 1 26 ? -14.584 -12.377 11.665  1.00 13.96  ? 55  VAL B C   1 
ATOM   711  O  O   . VAL B 1 26 ? -14.307 -12.286 12.863  1.00 11.54  ? 55  VAL B O   1 
ATOM   712  C  CB  . VAL B 1 26 ? -14.933 -10.024 10.910  1.00 9.81   ? 55  VAL B CB  1 
ATOM   713  C  CG1 . VAL B 1 26 ? -13.556 -10.124 10.269  1.00 11.70  ? 55  VAL B CG1 1 
ATOM   714  C  CG2 . VAL B 1 26 ? -15.832 -9.074  10.125  1.00 10.43  ? 55  VAL B CG2 1 
ATOM   715  N  N   . VAL B 1 27 ? -14.056 -13.302 10.873  1.00 11.79  ? 56  VAL B N   1 
ATOM   716  C  CA  . VAL B 1 27 ? -12.983 -14.175 11.337  1.00 11.97  ? 56  VAL B CA  1 
ATOM   717  C  C   . VAL B 1 27 ? -11.673 -13.792 10.660  1.00 14.42  ? 56  VAL B C   1 
ATOM   718  O  O   . VAL B 1 27 ? -11.580 -13.777 9.432   1.00 16.13  ? 56  VAL B O   1 
ATOM   719  C  CB  . VAL B 1 27 ? -13.293 -15.660 11.067  1.00 21.06  ? 56  VAL B CB  1 
ATOM   720  C  CG1 . VAL B 1 27 ? -12.087 -16.525 11.409  1.00 20.15  ? 56  VAL B CG1 1 
ATOM   721  C  CG2 . VAL B 1 27 ? -14.514 -16.100 11.861  1.00 21.24  ? 56  VAL B CG2 1 
ATOM   722  N  N   . ILE B 1 28 ? -10.666 -13.470 11.464  1.00 13.84  ? 57  ILE B N   1 
ATOM   723  C  CA  . ILE B 1 28 ? -9.366  -13.071 10.938  1.00 18.83  ? 57  ILE B CA  1 
ATOM   724  C  C   . ILE B 1 28 ? -8.404  -14.251 10.921  1.00 19.85  ? 57  ILE B C   1 
ATOM   725  O  O   . ILE B 1 28 ? -7.900  -14.669 11.963  1.00 19.61  ? 57  ILE B O   1 
ATOM   726  C  CB  . ILE B 1 28 ? -8.752  -11.925 11.764  1.00 19.20  ? 57  ILE B CB  1 
ATOM   727  C  CG1 . ILE B 1 28 ? -9.723  -10.745 11.835  1.00 22.77  ? 57  ILE B CG1 1 
ATOM   728  C  CG2 . ILE B 1 28 ? -7.421  -11.491 11.166  1.00 20.86  ? 57  ILE B CG2 1 
ATOM   729  C  CD1 . ILE B 1 28 ? -9.178  -9.548  12.582  1.00 29.06  ? 57  ILE B CD1 1 
ATOM   730  N  N   . ARG B 1 29 ? -8.152  -14.788 9.733   1.00 16.14  ? 58  ARG B N   1 
ATOM   731  C  CA  . ARG B 1 29 ? -7.267  -15.940 9.591   1.00 19.75  ? 58  ARG B CA  1 
ATOM   732  C  C   . ARG B 1 29 ? -5.801  -15.529 9.512   1.00 20.27  ? 58  ARG B C   1 
ATOM   733  O  O   . ARG B 1 29 ? -5.475  -14.444 9.028   1.00 13.28  ? 58  ARG B O   1 
ATOM   734  C  CB  . ARG B 1 29 ? -7.656  -16.766 8.364   1.00 24.34  ? 58  ARG B CB  1 
ATOM   735  C  CG  . ARG B 1 29 ? -8.900  -17.613 8.565   1.00 26.94  ? 58  ARG B CG  1 
ATOM   736  C  CD  . ARG B 1 29 ? -9.672  -17.816 7.268   1.00 30.34  ? 58  ARG B CD  1 
ATOM   737  N  NE  . ARG B 1 29 ? -8.853  -18.397 6.208   1.00 44.92  ? 58  ARG B NE  1 
ATOM   738  C  CZ  . ARG B 1 29 ? -9.339  -18.865 5.062   1.00 50.28  ? 58  ARG B CZ  1 
ATOM   739  N  NH1 . ARG B 1 29 ? -10.644 -18.830 4.828   1.00 48.46  ? 58  ARG B NH1 1 
ATOM   740  N  NH2 . ARG B 1 29 ? -8.521  -19.374 4.151   1.00 45.86  ? 58  ARG B NH2 1 
ATOM   741  N  N   . ASP B 1 30 ? -4.927  -16.411 9.988   1.00 18.41  ? 59  ASP B N   1 
ATOM   742  C  CA  . ASP B 1 30 ? -3.487  -16.174 9.976   1.00 31.05  ? 59  ASP B CA  1 
ATOM   743  C  C   . ASP B 1 30 ? -2.954  -15.949 8.566   1.00 25.85  ? 59  ASP B C   1 
ATOM   744  O  O   . ASP B 1 30 ? -2.018  -15.174 8.362   1.00 28.68  ? 59  ASP B O   1 
ATOM   745  C  CB  . ASP B 1 30 ? -2.751  -17.353 10.618  1.00 45.11  ? 59  ASP B CB  1 
ATOM   746  C  CG  . ASP B 1 30 ? -3.081  -17.517 12.089  1.00 61.56  ? 59  ASP B CG  1 
ATOM   747  O  OD1 . ASP B 1 30 ? -3.205  -16.492 12.791  1.00 59.08  ? 59  ASP B OD1 1 
ATOM   748  O  OD2 . ASP B 1 30 ? -3.218  -18.673 12.542  1.00 68.66  ? 59  ASP B OD2 1 
ATOM   749  N  N   . ASP B 1 31 ? -3.557  -16.622 7.590   1.00 22.13  ? 60  ASP B N   1 
ATOM   750  C  CA  . ASP B 1 31 ? -3.077  -16.558 6.212   1.00 22.34  ? 60  ASP B CA  1 
ATOM   751  C  C   . ASP B 1 31 ? -3.468  -15.259 5.505   1.00 26.48  ? 60  ASP B C   1 
ATOM   752  O  O   . ASP B 1 31 ? -3.188  -15.082 4.322   1.00 20.89  ? 60  ASP B O   1 
ATOM   753  C  CB  . ASP B 1 31 ? -3.543  -17.782 5.411   1.00 23.33  ? 60  ASP B CB  1 
ATOM   754  C  CG  . ASP B 1 31 ? -5.048  -17.813 5.197   1.00 40.36  ? 60  ASP B CG  1 
ATOM   755  O  OD1 . ASP B 1 31 ? -5.772  -17.045 5.863   1.00 31.18  ? 60  ASP B OD1 1 
ATOM   756  O  OD2 . ASP B 1 31 ? -5.508  -18.617 4.360   1.00 37.33  ? 60  ASP B OD2 1 
ATOM   757  N  N   . GLY B 1 32 ? -4.115  -14.357 6.236   1.00 20.62  ? 61  GLY B N   1 
ATOM   758  C  CA  . GLY B 1 32 ? -4.449  -13.049 5.705   1.00 26.19  ? 61  GLY B CA  1 
ATOM   759  C  C   . GLY B 1 32 ? -5.794  -12.986 5.006   1.00 19.44  ? 61  GLY B C   1 
ATOM   760  O  O   . GLY B 1 32 ? -6.100  -12.006 4.329   1.00 25.00  ? 61  GLY B O   1 
ATOM   761  N  N   . VAL B 1 33 ? -6.597  -14.033 5.164   1.00 13.05  ? 62  VAL B N   1 
ATOM   762  C  CA  . VAL B 1 33 ? -7.927  -14.057 4.569   1.00 15.04  ? 62  VAL B CA  1 
ATOM   763  C  C   . VAL B 1 33 ? -9.002  -13.839 5.627   1.00 22.85  ? 62  VAL B C   1 
ATOM   764  O  O   . VAL B 1 33 ? -9.125  -14.612 6.575   1.00 27.46  ? 62  VAL B O   1 
ATOM   765  C  CB  . VAL B 1 33 ? -8.206  -15.379 3.831   1.00 22.07  ? 62  VAL B CB  1 
ATOM   766  C  CG1 . VAL B 1 33 ? -9.618  -15.375 3.265   1.00 25.97  ? 62  VAL B CG1 1 
ATOM   767  C  CG2 . VAL B 1 33 ? -7.185  -15.597 2.726   1.00 24.28  ? 62  VAL B CG2 1 
ATOM   768  N  N   . LEU B 1 34 ? -9.773  -12.773 5.459   1.00 17.50  ? 63  LEU B N   1 
ATOM   769  C  CA  . LEU B 1 34 ? -10.875 -12.466 6.358   1.00 12.88  ? 63  LEU B CA  1 
ATOM   770  C  C   . LEU B 1 34 ? -12.134 -13.170 5.878   1.00 17.91  ? 63  LEU B C   1 
ATOM   771  O  O   . LEU B 1 34 ? -12.490 -13.085 4.708   1.00 19.11  ? 63  LEU B O   1 
ATOM   772  C  CB  . LEU B 1 34 ? -11.122 -10.955 6.398   1.00 20.07  ? 63  LEU B CB  1 
ATOM   773  C  CG  . LEU B 1 34 ? -10.331 -10.072 7.368   1.00 30.99  ? 63  LEU B CG  1 
ATOM   774  C  CD1 . LEU B 1 34 ? -8.831  -10.312 7.274   1.00 31.20  ? 63  LEU B CD1 1 
ATOM   775  C  CD2 . LEU B 1 34 ? -10.652 -8.608  7.100   1.00 29.01  ? 63  LEU B CD2 1 
ATOM   776  N  N   . ARG B 1 35 ? -12.807 -13.876 6.776   1.00 16.49  ? 64  ARG B N   1 
ATOM   777  C  CA  . ARG B 1 35 ? -14.102 -14.442 6.436   1.00 14.15  ? 64  ARG B CA  1 
ATOM   778  C  C   . ARG B 1 35 ? -15.196 -13.582 7.055   1.00 15.94  ? 64  ARG B C   1 
ATOM   779  O  O   . ARG B 1 35 ? -15.223 -13.375 8.266   1.00 12.28  ? 64  ARG B O   1 
ATOM   780  C  CB  . ARG B 1 35 ? -14.209 -15.896 6.895   1.00 15.67  ? 64  ARG B CB  1 
ATOM   781  C  CG  . ARG B 1 35 ? -15.567 -16.515 6.632   1.00 19.53  ? 64  ARG B CG  1 
ATOM   782  C  CD  . ARG B 1 35 ? -15.507 -18.031 6.672   1.00 35.17  ? 64  ARG B CD  1 
ATOM   783  N  NE  . ARG B 1 35 ? -15.258 -18.605 5.353   1.00 28.51  ? 64  ARG B NE  1 
ATOM   784  C  CZ  . ARG B 1 35 ? -15.103 -19.905 5.124   1.00 37.39  ? 64  ARG B CZ  1 
ATOM   785  N  NH1 . ARG B 1 35 ? -15.164 -20.767 6.129   1.00 29.51  ? 64  ARG B NH1 1 
ATOM   786  N  NH2 . ARG B 1 35 ? -14.884 -20.343 3.892   1.00 33.98  ? 64  ARG B NH2 1 
ATOM   787  N  N   . VAL B 1 36 ? -16.086 -13.074 6.210   1.00 15.18  ? 65  VAL B N   1 
ATOM   788  C  CA  . VAL B 1 36 ? -17.089 -12.106 6.633   1.00 11.00  ? 65  VAL B CA  1 
ATOM   789  C  C   . VAL B 1 36 ? -18.494 -12.681 6.530   1.00 15.30  ? 65  VAL B C   1 
ATOM   790  O  O   . VAL B 1 36 ? -18.972 -12.981 5.440   1.00 15.17  ? 65  VAL B O   1 
ATOM   791  C  CB  . VAL B 1 36 ? -17.010 -10.826 5.779   1.00 11.14  ? 65  VAL B CB  1 
ATOM   792  C  CG1 . VAL B 1 36 ? -17.996 -9.781  6.284   1.00 11.48  ? 65  VAL B CG1 1 
ATOM   793  C  CG2 . VAL B 1 36 ? -15.594 -10.276 5.784   1.00 13.21  ? 65  VAL B CG2 1 
ATOM   794  N  N   . TYR B 1 37 ? -19.157 -12.833 7.671   1.00 11.79  ? 66  TYR B N   1 
ATOM   795  C  CA  . TYR B 1 37 ? -20.519 -13.348 7.694   1.00 11.16  ? 66  TYR B CA  1 
ATOM   796  C  C   . TYR B 1 37 ? -21.519 -12.201 7.727   1.00 19.23  ? 66  TYR B C   1 
ATOM   797  O  O   . TYR B 1 37 ? -21.318 -11.214 8.435   1.00 11.88  ? 66  TYR B O   1 
ATOM   798  C  CB  . TYR B 1 37 ? -20.734 -14.249 8.911   1.00 14.49  ? 66  TYR B CB  1 
ATOM   799  C  CG  . TYR B 1 37 ? -19.897 -15.507 8.910   1.00 15.99  ? 66  TYR B CG  1 
ATOM   800  C  CD1 . TYR B 1 37 ? -18.588 -15.492 9.370   1.00 15.38  ? 66  TYR B CD1 1 
ATOM   801  C  CD2 . TYR B 1 37 ? -20.419 -16.710 8.454   1.00 23.01  ? 66  TYR B CD2 1 
ATOM   802  C  CE1 . TYR B 1 37 ? -17.819 -16.641 9.374   1.00 22.10  ? 66  TYR B CE1 1 
ATOM   803  C  CE2 . TYR B 1 37 ? -19.658 -17.866 8.456   1.00 19.38  ? 66  TYR B CE2 1 
ATOM   804  C  CZ  . TYR B 1 37 ? -18.359 -17.825 8.917   1.00 27.06  ? 66  TYR B CZ  1 
ATOM   805  O  OH  . TYR B 1 37 ? -17.596 -18.972 8.922   1.00 17.91  ? 66  TYR B OH  1 
ATOM   806  N  N   . THR B 1 38 ? -22.595 -12.332 6.960   1.00 12.45  ? 67  THR B N   1 
ATOM   807  C  CA  . THR B 1 38 ? -23.644 -11.320 6.961   1.00 16.48  ? 67  THR B CA  1 
ATOM   808  C  C   . THR B 1 38 ? -24.914 -11.845 7.619   1.00 23.93  ? 67  THR B C   1 
ATOM   809  O  O   . THR B 1 38 ? -25.027 -13.033 7.924   1.00 20.96  ? 67  THR B O   1 
ATOM   810  C  CB  . THR B 1 38 ? -23.977 -10.832 5.540   1.00 21.14  ? 67  THR B CB  1 
ATOM   811  O  OG1 . THR B 1 38 ? -24.681 -11.858 4.833   1.00 29.05  ? 67  THR B OG1 1 
ATOM   812  C  CG2 . THR B 1 38 ? -22.708 -10.470 4.788   1.00 20.06  ? 67  THR B CG2 1 
ATOM   813  N  N   . LYS B 1 39 ? -25.872 -10.951 7.833   1.00 23.19  ? 68  LYS B N   1 
ATOM   814  C  CA  . LYS B 1 39 ? -27.109 -11.302 8.518   1.00 29.39  ? 68  LYS B CA  1 
ATOM   815  C  C   . LYS B 1 39 ? -28.041 -12.139 7.646   1.00 30.10  ? 68  LYS B C   1 
ATOM   816  O  O   . LYS B 1 39 ? -28.807 -12.958 8.156   1.00 37.56  ? 68  LYS B O   1 
ATOM   817  C  CB  . LYS B 1 39 ? -27.823 -10.038 9.002   1.00 25.42  ? 68  LYS B CB  1 
ATOM   818  C  CG  . LYS B 1 39 ? -27.025 -9.241  10.020  1.00 26.73  ? 68  LYS B CG  1 
ATOM   819  C  CD  . LYS B 1 39 ? -27.715 -7.936  10.380  1.00 36.38  ? 68  LYS B CD  1 
ATOM   820  C  CE  . LYS B 1 39 ? -26.959 -7.212  11.485  1.00 40.49  ? 68  LYS B CE  1 
ATOM   821  N  NZ  . LYS B 1 39 ? -27.619 -5.936  11.879  1.00 53.42  ? 68  LYS B NZ  1 
ATOM   822  N  N   . ASP B 1 40 ? -27.972 -11.940 6.334   1.00 34.18  ? 69  ASP B N   1 
ATOM   823  C  CA  . ASP B 1 40 ? -28.843 -12.667 5.413   1.00 36.95  ? 69  ASP B CA  1 
ATOM   824  C  C   . ASP B 1 40 ? -28.316 -14.069 5.099   1.00 25.97  ? 69  ASP B C   1 
ATOM   825  O  O   . ASP B 1 40 ? -28.859 -14.769 4.246   1.00 37.33  ? 69  ASP B O   1 
ATOM   826  C  CB  . ASP B 1 40 ? -29.075 -11.867 4.125   1.00 51.81  ? 69  ASP B CB  1 
ATOM   827  C  CG  . ASP B 1 40 ? -27.832 -11.769 3.258   1.00 61.79  ? 69  ASP B CG  1 
ATOM   828  O  OD1 . ASP B 1 40 ? -26.713 -11.929 3.789   1.00 68.22  ? 69  ASP B OD1 1 
ATOM   829  O  OD2 . ASP B 1 40 ? -27.977 -11.523 2.041   1.00 63.33  ? 69  ASP B OD2 1 
ATOM   830  N  N   . GLY B 1 41 ? -27.256 -14.468 5.794   1.00 31.33  ? 70  GLY B N   1 
ATOM   831  C  CA  . GLY B 1 41 ? -26.714 -15.808 5.654   1.00 30.71  ? 70  GLY B CA  1 
ATOM   832  C  C   . GLY B 1 41 ? -25.618 -15.939 4.613   1.00 36.11  ? 70  GLY B C   1 
ATOM   833  O  O   . GLY B 1 41 ? -25.208 -17.049 4.277   1.00 33.85  ? 70  GLY B O   1 
ATOM   834  N  N   . ARG B 1 42 ? -25.142 -14.810 4.099   1.00 27.63  ? 71  ARG B N   1 
ATOM   835  C  CA  . ARG B 1 42 ? -24.051 -14.826 3.130   1.00 21.63  ? 71  ARG B CA  1 
ATOM   836  C  C   . ARG B 1 42 ? -22.698 -14.851 3.832   1.00 21.35  ? 71  ARG B C   1 
ATOM   837  O  O   . ARG B 1 42 ? -22.577 -14.442 4.987   1.00 19.95  ? 71  ARG B O   1 
ATOM   838  C  CB  . ARG B 1 42 ? -24.131 -13.617 2.192   1.00 23.16  ? 71  ARG B CB  1 
ATOM   839  C  CG  . ARG B 1 42 ? -25.307 -13.636 1.228   1.00 33.07  ? 71  ARG B CG  1 
ATOM   840  C  CD  . ARG B 1 42 ? -25.165 -14.740 0.190   1.00 36.51  ? 71  ARG B CD  1 
ATOM   841  N  NE  . ARG B 1 42 ? -23.965 -14.585 -0.628  1.00 40.14  ? 71  ARG B NE  1 
ATOM   842  C  CZ  . ARG B 1 42 ? -23.924 -13.931 -1.786  1.00 40.58  ? 71  ARG B CZ  1 
ATOM   843  N  NH1 . ARG B 1 42 ? -25.021 -13.364 -2.269  1.00 37.43  ? 71  ARG B NH1 1 
ATOM   844  N  NH2 . ARG B 1 42 ? -22.787 -13.844 -2.461  1.00 38.25  ? 71  ARG B NH2 1 
ATOM   845  N  N   . VAL B 1 43 ? -21.682 -15.339 3.129   1.00 11.98  ? 72  VAL B N   1 
ATOM   846  C  CA  . VAL B 1 43 ? -20.322 -15.351 3.652   1.00 12.29  ? 72  VAL B CA  1 
ATOM   847  C  C   . VAL B 1 43 ? -19.323 -15.011 2.547   1.00 17.99  ? 72  VAL B C   1 
ATOM   848  O  O   . VAL B 1 43 ? -19.370 -15.580 1.457   1.00 16.82  ? 72  VAL B O   1 
ATOM   849  C  CB  . VAL B 1 43 ? -19.975 -16.705 4.314   1.00 24.18  ? 72  VAL B CB  1 
ATOM   850  C  CG1 . VAL B 1 43 ? -20.419 -17.865 3.438   1.00 28.52  ? 72  VAL B CG1 1 
ATOM   851  C  CG2 . VAL B 1 43 ? -18.490 -16.791 4.617   1.00 24.15  ? 72  VAL B CG2 1 
ATOM   852  N  N   . TYR B 1 44 ? -18.431 -14.067 2.835   1.00 14.34  ? 73  TYR B N   1 
ATOM   853  C  CA  . TYR B 1 44 ? -17.474 -13.576 1.852   1.00 15.37  ? 73  TYR B CA  1 
ATOM   854  C  C   . TYR B 1 44 ? -16.031 -13.800 2.289   1.00 19.88  ? 73  TYR B C   1 
ATOM   855  O  O   . TYR B 1 44 ? -15.743 -13.936 3.476   1.00 14.59  ? 73  TYR B O   1 
ATOM   856  C  CB  . TYR B 1 44 ? -17.693 -12.084 1.596   1.00 14.25  ? 73  TYR B CB  1 
ATOM   857  C  CG  . TYR B 1 44 ? -19.078 -11.738 1.107   1.00 19.48  ? 73  TYR B CG  1 
ATOM   858  C  CD1 . TYR B 1 44 ? -19.412 -11.867 -0.236  1.00 20.06  ? 73  TYR B CD1 1 
ATOM   859  C  CD2 . TYR B 1 44 ? -20.051 -11.277 1.984   1.00 20.97  ? 73  TYR B CD2 1 
ATOM   860  C  CE1 . TYR B 1 44 ? -20.679 -11.548 -0.690  1.00 26.14  ? 73  TYR B CE1 1 
ATOM   861  C  CE2 . TYR B 1 44 ? -21.320 -10.957 1.539   1.00 31.58  ? 73  TYR B CE2 1 
ATOM   862  C  CZ  . TYR B 1 44 ? -21.628 -11.094 0.200   1.00 33.99  ? 73  TYR B CZ  1 
ATOM   863  O  OH  . TYR B 1 44 ? -22.890 -10.777 -0.247  1.00 39.19  ? 73  TYR B OH  1 
ATOM   864  N  N   . GLU B 1 45 ? -15.127 -13.830 1.315   1.00 13.50  ? 74  GLU B N   1 
ATOM   865  C  CA  . GLU B 1 45 ? -13.701 -13.941 1.585   1.00 15.84  ? 74  GLU B CA  1 
ATOM   866  C  C   . GLU B 1 45 ? -13.003 -12.659 1.144   1.00 14.55  ? 74  GLU B C   1 
ATOM   867  O  O   . GLU B 1 45 ? -13.201 -12.189 0.024   1.00 17.62  ? 74  GLU B O   1 
ATOM   868  C  CB  . GLU B 1 45 ? -13.103 -15.138 0.838   1.00 26.38  ? 74  GLU B CB  1 
ATOM   869  C  CG  . GLU B 1 45 ? -13.953 -16.400 0.880   1.00 37.08  ? 74  GLU B CG  1 
ATOM   870  C  CD  . GLU B 1 45 ? -13.989 -17.047 2.251   1.00 45.51  ? 74  GLU B CD  1 
ATOM   871  O  OE1 . GLU B 1 45 ? -13.011 -16.890 3.012   1.00 45.82  ? 74  GLU B OE1 1 
ATOM   872  O  OE2 . GLU B 1 45 ? -14.997 -17.716 2.566   1.00 47.13  ? 74  GLU B OE2 1 
ATOM   873  N  N   . VAL B 1 46 ? -12.188 -12.099 2.031   1.00 9.91   ? 75  VAL B N   1 
ATOM   874  C  CA  . VAL B 1 46 ? -11.458 -10.869 1.753   1.00 9.10   ? 75  VAL B CA  1 
ATOM   875  C  C   . VAL B 1 46 ? -9.958  -11.102 1.893   1.00 16.45  ? 75  VAL B C   1 
ATOM   876  O  O   . VAL B 1 46 ? -9.461  -11.317 2.995   1.00 16.96  ? 75  VAL B O   1 
ATOM   877  C  CB  . VAL B 1 46 ? -11.867 -9.744  2.726   1.00 15.33  ? 75  VAL B CB  1 
ATOM   878  C  CG1 . VAL B 1 46 ? -11.092 -8.471  2.422   1.00 15.61  ? 75  VAL B CG1 1 
ATOM   879  C  CG2 . VAL B 1 46 ? -13.367 -9.493  2.659   1.00 8.60   ? 75  VAL B CG2 1 
ATOM   880  N  N   . ASP B 1 47 ? -9.239  -11.062 0.777   1.00 13.63  ? 76  ASP B N   1 
ATOM   881  C  CA  . ASP B 1 47 ? -7.789  -11.206 0.807   1.00 13.37  ? 76  ASP B CA  1 
ATOM   882  C  C   . ASP B 1 47 ? -7.169  -9.899  1.288   1.00 14.73  ? 76  ASP B C   1 
ATOM   883  O  O   . ASP B 1 47 ? -7.118  -8.919  0.546   1.00 14.62  ? 76  ASP B O   1 
ATOM   884  C  CB  . ASP B 1 47 ? -7.259  -11.573 -0.582  1.00 18.71  ? 76  ASP B CB  1 
ATOM   885  C  CG  . ASP B 1 47 ? -5.836  -12.105 -0.547  1.00 20.67  ? 76  ASP B CG  1 
ATOM   886  O  OD1 . ASP B 1 47 ? -5.035  -11.641 0.291   1.00 15.30  ? 76  ASP B OD1 1 
ATOM   887  O  OD2 . ASP B 1 47 ? -5.518  -12.996 -1.364  1.00 21.58  ? 76  ASP B OD2 1 
ATOM   888  N  N   . ALA B 1 48 ? -6.702  -9.887  2.534   1.00 12.36  ? 77  ALA B N   1 
ATOM   889  C  CA  . ALA B 1 48 ? -6.155  -8.670  3.125   1.00 12.38  ? 77  ALA B CA  1 
ATOM   890  C  C   . ALA B 1 48 ? -5.155  -8.961  4.241   1.00 17.23  ? 77  ALA B C   1 
ATOM   891  O  O   . ALA B 1 48 ? -5.488  -8.835  5.421   1.00 15.69  ? 77  ALA B O   1 
ATOM   892  C  CB  . ALA B 1 48 ? -7.280  -7.785  3.642   1.00 12.64  ? 77  ALA B CB  1 
ATOM   893  N  N   . PRO B 1 49 ? -3.923  -9.341  3.869   1.00 19.78  ? 78  PRO B N   1 
ATOM   894  C  CA  . PRO B 1 49 ? -2.854  -9.663  4.823   1.00 16.22  ? 78  PRO B CA  1 
ATOM   895  C  C   . PRO B 1 49 ? -2.548  -8.506  5.768   1.00 21.72  ? 78  PRO B C   1 
ATOM   896  O  O   . PRO B 1 49 ? -2.107  -8.730  6.896   1.00 24.07  ? 78  PRO B O   1 
ATOM   897  C  CB  . PRO B 1 49 ? -1.646  -9.921  3.917   1.00 15.52  ? 78  PRO B CB  1 
ATOM   898  C  CG  . PRO B 1 49 ? -2.230  -10.329 2.615   1.00 16.37  ? 78  PRO B CG  1 
ATOM   899  C  CD  . PRO B 1 49 ? -3.485  -9.522  2.473   1.00 13.19  ? 78  PRO B CD  1 
ATOM   900  N  N   . TRP B 1 50 ? -2.786  -7.284  5.307   1.00 17.83  ? 79  TRP B N   1 
ATOM   901  C  CA  . TRP B 1 50 ? -2.503  -6.090  6.095   1.00 18.67  ? 79  TRP B CA  1 
ATOM   902  C  C   . TRP B 1 50 ? -3.454  -5.921  7.278   1.00 16.99  ? 79  TRP B C   1 
ATOM   903  O  O   . TRP B 1 50 ? -3.219  -5.094  8.157   1.00 23.75  ? 79  TRP B O   1 
ATOM   904  C  CB  . TRP B 1 50 ? -2.566  -4.849  5.205   1.00 13.60  ? 79  TRP B CB  1 
ATOM   905  C  CG  . TRP B 1 50 ? -3.848  -4.728  4.434   1.00 17.41  ? 79  TRP B CG  1 
ATOM   906  C  CD1 . TRP B 1 50 ? -5.018  -4.177  4.871   1.00 17.24  ? 79  TRP B CD1 1 
ATOM   907  C  CD2 . TRP B 1 50 ? -4.084  -5.157  3.086   1.00 18.37  ? 79  TRP B CD2 1 
ATOM   908  N  NE1 . TRP B 1 50 ? -5.969  -4.241  3.879   1.00 17.74  ? 79  TRP B NE1 1 
ATOM   909  C  CE2 . TRP B 1 50 ? -5.422  -4.836  2.776   1.00 14.29  ? 79  TRP B CE2 1 
ATOM   910  C  CE3 . TRP B 1 50 ? -3.297  -5.782  2.116   1.00 15.18  ? 79  TRP B CE3 1 
ATOM   911  C  CZ2 . TRP B 1 50 ? -5.986  -5.121  1.534   1.00 15.18  ? 79  TRP B CZ2 1 
ATOM   912  C  CZ3 . TRP B 1 50 ? -3.861  -6.063  0.882   1.00 19.18  ? 79  TRP B CZ3 1 
ATOM   913  C  CH2 . TRP B 1 50 ? -5.193  -5.733  0.603   1.00 19.33  ? 79  TRP B CH2 1 
ATOM   914  N  N   . ALA B 1 51 ? -4.524  -6.706  7.297   1.00 15.95  ? 80  ALA B N   1 
ATOM   915  C  CA  . ALA B 1 51 ? -5.546  -6.568  8.329   1.00 19.00  ? 80  ALA B CA  1 
ATOM   916  C  C   . ALA B 1 51 ? -5.366  -7.549  9.489   1.00 21.81  ? 80  ALA B C   1 
ATOM   917  O  O   . ALA B 1 51 ? -6.074  -7.461  10.491  1.00 28.21  ? 80  ALA B O   1 
ATOM   918  C  CB  . ALA B 1 51 ? -6.930  -6.720  7.719   1.00 22.41  ? 80  ALA B CB  1 
ATOM   919  N  N   . VAL B 1 52 ? -4.418  -8.472  9.349   1.00 24.79  ? 81  VAL B N   1 
ATOM   920  C  CA  . VAL B 1 52 ? -4.246  -9.562  10.313  1.00 31.30  ? 81  VAL B CA  1 
ATOM   921  C  C   . VAL B 1 52 ? -4.050  -9.102  11.760  1.00 40.53  ? 81  VAL B C   1 
ATOM   922  O  O   . VAL B 1 52 ? -4.850  -9.435  12.635  1.00 56.79  ? 81  VAL B O   1 
ATOM   923  C  CB  . VAL B 1 52 ? -3.093  -10.506 9.907   1.00 29.28  ? 81  VAL B CB  1 
ATOM   924  C  CG1 . VAL B 1 52 ? -2.822  -11.521 11.006  1.00 29.14  ? 81  VAL B CG1 1 
ATOM   925  C  CG2 . VAL B 1 52 ? -3.427  -11.210 8.605   1.00 22.38  ? 81  VAL B CG2 1 
ATOM   926  N  N   . ASN B 1 53 ? -2.990  -8.343  12.014  1.00 38.05  ? 82  ASN B N   1 
ATOM   927  C  CA  . ASN B 1 53 ? -2.725  -7.850  13.361  1.00 45.94  ? 82  ASN B CA  1 
ATOM   928  C  C   . ASN B 1 53 ? -3.056  -6.368  13.511  1.00 40.94  ? 82  ASN B C   1 
ATOM   929  O  O   . ASN B 1 53 ? -2.377  -5.638  14.234  1.00 46.92  ? 82  ASN B O   1 
ATOM   930  C  CB  . ASN B 1 53 ? -1.274  -8.124  13.770  1.00 46.98  ? 82  ASN B CB  1 
ATOM   931  C  CG  . ASN B 1 53 ? -1.006  -9.596  14.021  1.00 52.04  ? 82  ASN B CG  1 
ATOM   932  O  OD1 . ASN B 1 53 ? -0.101  -10.185 13.428  1.00 61.87  ? 82  ASN B OD1 1 
ATOM   933  N  ND2 . ASN B 1 53 ? -1.794  -10.199 14.906  1.00 45.86  ? 82  ASN B ND2 1 
ATOM   934  N  N   . ASP B 1 54 ? -4.110  -5.936  12.822  1.00 32.92  ? 83  ASP B N   1 
ATOM   935  C  CA  . ASP B 1 54 ? -4.553  -4.547  12.860  1.00 29.71  ? 83  ASP B CA  1 
ATOM   936  C  C   . ASP B 1 54 ? -5.434  -4.296  14.082  1.00 35.20  ? 83  ASP B C   1 
ATOM   937  O  O   . ASP B 1 54 ? -6.626  -4.607  14.072  1.00 30.42  ? 83  ASP B O   1 
ATOM   938  C  CB  . ASP B 1 54 ? -5.321  -4.204  11.579  1.00 35.08  ? 83  ASP B CB  1 
ATOM   939  C  CG  . ASP B 1 54 ? -5.518  -2.705  11.390  1.00 42.33  ? 83  ASP B CG  1 
ATOM   940  O  OD1 . ASP B 1 54 ? -5.537  -1.961  12.392  1.00 44.12  ? 83  ASP B OD1 1 
ATOM   941  O  OD2 . ASP B 1 54 ? -5.659  -2.271  10.228  1.00 51.63  ? 83  ASP B OD2 1 
ATOM   942  N  N   . SER B 1 55 ? -4.841  -3.724  15.124  1.00 32.87  ? 84  SER B N   1 
ATOM   943  C  CA  . SER B 1 55 ? -5.562  -3.415  16.354  1.00 30.15  ? 84  SER B CA  1 
ATOM   944  C  C   . SER B 1 55 ? -6.713  -2.450  16.098  1.00 24.19  ? 84  SER B C   1 
ATOM   945  O  O   . SER B 1 55 ? -7.796  -2.589  16.670  1.00 21.89  ? 84  SER B O   1 
ATOM   946  C  CB  . SER B 1 55 ? -4.609  -2.816  17.390  1.00 30.94  ? 84  SER B CB  1 
ATOM   947  O  OG  . SER B 1 55 ? -3.534  -3.697  17.666  1.00 47.35  ? 84  SER B OG  1 
ATOM   948  N  N   . GLN B 1 56 ? -6.469  -1.473  15.231  1.00 20.92  ? 85  GLN B N   1 
ATOM   949  C  CA  . GLN B 1 56 ? -7.453  -0.442  14.929  1.00 25.26  ? 85  GLN B CA  1 
ATOM   950  C  C   . GLN B 1 56 ? -8.700  -1.036  14.276  1.00 23.28  ? 85  GLN B C   1 
ATOM   951  O  O   . GLN B 1 56 ? -9.825  -0.663  14.613  1.00 18.12  ? 85  GLN B O   1 
ATOM   952  C  CB  . GLN B 1 56 ? -6.833  0.628   14.028  1.00 44.46  ? 85  GLN B CB  1 
ATOM   953  C  CG  . GLN B 1 56 ? -7.603  1.936   13.983  1.00 50.77  ? 85  GLN B CG  1 
ATOM   954  C  CD  . GLN B 1 56 ? -6.849  3.025   13.243  1.00 65.35  ? 85  GLN B CD  1 
ATOM   955  O  OE1 . GLN B 1 56 ? -5.786  2.780   12.671  1.00 72.85  ? 85  GLN B OE1 1 
ATOM   956  N  NE2 . GLN B 1 56 ? -7.393  4.235   13.255  1.00 41.09  ? 85  GLN B NE2 1 
ATOM   957  N  N   . LEU B 1 57 ? -8.492  -1.965  13.347  1.00 20.70  ? 86  LEU B N   1 
ATOM   958  C  CA  . LEU B 1 57 ? -9.598  -2.639  12.679  1.00 23.20  ? 86  LEU B CA  1 
ATOM   959  C  C   . LEU B 1 57 ? -10.407 -3.469  13.667  1.00 14.38  ? 86  LEU B C   1 
ATOM   960  O  O   . LEU B 1 57 ? -11.636 -3.425  13.665  1.00 14.11  ? 86  LEU B O   1 
ATOM   961  C  CB  . LEU B 1 57 ? -9.087  -3.533  11.546  1.00 27.48  ? 86  LEU B CB  1 
ATOM   962  C  CG  . LEU B 1 57 ? -10.149 -4.404  10.866  1.00 29.28  ? 86  LEU B CG  1 
ATOM   963  C  CD1 . LEU B 1 57 ? -11.206 -3.546  10.186  1.00 19.75  ? 86  LEU B CD1 1 
ATOM   964  C  CD2 . LEU B 1 57 ? -9.512  -5.362  9.872   1.00 26.36  ? 86  LEU B CD2 1 
ATOM   965  N  N   . ILE B 1 58 ? -9.706  -4.224  14.508  1.00 19.22  ? 87  ILE B N   1 
ATOM   966  C  CA  . ILE B 1 58 ? -10.349 -5.058  15.518  1.00 18.73  ? 87  ILE B CA  1 
ATOM   967  C  C   . ILE B 1 58 ? -11.212 -4.222  16.461  1.00 17.02  ? 87  ILE B C   1 
ATOM   968  O  O   . ILE B 1 58 ? -12.374 -4.548  16.709  1.00 18.84  ? 87  ILE B O   1 
ATOM   969  C  CB  . ILE B 1 58 ? -9.311  -5.855  16.333  1.00 21.48  ? 87  ILE B CB  1 
ATOM   970  C  CG1 . ILE B 1 58 ? -8.620  -6.891  15.442  1.00 32.41  ? 87  ILE B CG1 1 
ATOM   971  C  CG2 . ILE B 1 58 ? -9.970  -6.537  17.522  1.00 23.45  ? 87  ILE B CG2 1 
ATOM   972  C  CD1 . ILE B 1 58 ? -7.544  -7.686  16.149  1.00 28.67  ? 87  ILE B CD1 1 
ATOM   973  N  N   . GLU B 1 59 ? -10.643 -3.136  16.975  1.00 18.23  ? 88  GLU B N   1 
ATOM   974  C  CA  . GLU B 1 59 ? -11.374 -2.258  17.885  1.00 21.82  ? 88  GLU B CA  1 
ATOM   975  C  C   . GLU B 1 59 ? -12.565 -1.594  17.199  1.00 17.92  ? 88  GLU B C   1 
ATOM   976  O  O   . GLU B 1 59 ? -13.635 -1.451  17.797  1.00 17.26  ? 88  GLU B O   1 
ATOM   977  C  CB  . GLU B 1 59 ? -10.442 -1.204  18.482  1.00 28.96  ? 88  GLU B CB  1 
ATOM   978  C  CG  . GLU B 1 59 ? -9.371  -1.784  19.388  1.00 43.39  ? 88  GLU B CG  1 
ATOM   979  C  CD  . GLU B 1 59 ? -8.425  -0.731  19.926  1.00 62.07  ? 88  GLU B CD  1 
ATOM   980  O  OE1 . GLU B 1 59 ? -8.647  0.469   19.652  1.00 62.61  ? 88  GLU B OE1 1 
ATOM   981  O  OE2 . GLU B 1 59 ? -7.459  -1.102  20.623  1.00 58.28  ? 88  GLU B OE2 1 
ATOM   982  N  N   . LYS B 1 60 ? -12.376 -1.194  15.944  1.00 21.67  ? 89  LYS B N   1 
ATOM   983  C  CA  . LYS B 1 60 ? -13.462 -0.628  15.152  1.00 14.92  ? 89  LYS B CA  1 
ATOM   984  C  C   . LYS B 1 60 ? -14.622 -1.615  15.054  1.00 17.00  ? 89  LYS B C   1 
ATOM   985  O  O   . LYS B 1 60 ? -15.767 -1.288  15.382  1.00 20.30  ? 89  LYS B O   1 
ATOM   986  C  CB  . LYS B 1 60 ? -12.964 -0.256  13.753  1.00 23.84  ? 89  LYS B CB  1 
ATOM   987  C  CG  . LYS B 1 60 ? -14.060 0.187   12.795  1.00 27.86  ? 89  LYS B CG  1 
ATOM   988  C  CD  . LYS B 1 60 ? -13.482 0.771   11.511  1.00 41.39  ? 89  LYS B CD  1 
ATOM   989  C  CE  . LYS B 1 60 ? -13.339 2.288   11.593  1.00 42.99  ? 89  LYS B CE  1 
ATOM   990  N  NZ  . LYS B 1 60 ? -12.401 2.732   12.660  1.00 45.53  ? 89  LYS B NZ  1 
ATOM   991  N  N   . LEU B 1 61 ? -14.308 -2.830  14.617  1.00 14.60  ? 90  LEU B N   1 
ATOM   992  C  CA  . LEU B 1 61 ? -15.299 -3.889  14.478  1.00 11.84  ? 90  LEU B CA  1 
ATOM   993  C  C   . LEU B 1 61 ? -16.030 -4.172  15.788  1.00 10.88  ? 90  LEU B C   1 
ATOM   994  O  O   . LEU B 1 61 ? -17.259 -4.235  15.817  1.00 10.79  ? 90  LEU B O   1 
ATOM   995  C  CB  . LEU B 1 61 ? -14.631 -5.168  13.976  1.00 12.01  ? 90  LEU B CB  1 
ATOM   996  C  CG  . LEU B 1 61 ? -14.102 -5.226  12.546  1.00 18.17  ? 90  LEU B CG  1 
ATOM   997  C  CD1 . LEU B 1 61 ? -13.290 -6.496  12.341  1.00 15.44  ? 90  LEU B CD1 1 
ATOM   998  C  CD2 . LEU B 1 61 ? -15.254 -5.169  11.568  1.00 14.79  ? 90  LEU B CD2 1 
ATOM   999  N  N   . VAL B 1 62 ? -15.273 -4.347  16.867  1.00 14.03  ? 91  VAL B N   1 
ATOM   1000 C  CA  . VAL B 1 62 ? -15.867 -4.614  18.173  1.00 15.45  ? 91  VAL B CA  1 
ATOM   1001 C  C   . VAL B 1 62 ? -16.819 -3.491  18.581  1.00 20.10  ? 91  VAL B C   1 
ATOM   1002 O  O   . VAL B 1 62 ? -17.934 -3.746  19.038  1.00 16.62  ? 91  VAL B O   1 
ATOM   1003 C  CB  . VAL B 1 62 ? -14.794 -4.820  19.264  1.00 18.78  ? 91  VAL B CB  1 
ATOM   1004 C  CG1 . VAL B 1 62 ? -15.429 -4.846  20.647  1.00 22.39  ? 91  VAL B CG1 1 
ATOM   1005 C  CG2 . VAL B 1 62 ? -14.023 -6.105  19.008  1.00 21.43  ? 91  VAL B CG2 1 
ATOM   1006 N  N   . SER B 1 63 ? -16.386 -2.249  18.384  1.00 21.98  ? 92  SER B N   1 
ATOM   1007 C  CA  . SER B 1 63 ? -17.213 -1.101  18.740  1.00 24.45  ? 92  SER B CA  1 
ATOM   1008 C  C   . SER B 1 63 ? -18.455 -0.979  17.856  1.00 26.74  ? 92  SER B C   1 
ATOM   1009 O  O   . SER B 1 63 ? -19.446 -0.370  18.258  1.00 24.31  ? 92  SER B O   1 
ATOM   1010 C  CB  . SER B 1 63 ? -16.398 0.194   18.697  1.00 28.30  ? 92  SER B CB  1 
ATOM   1011 O  OG  . SER B 1 63 ? -15.992 0.499   17.377  1.00 35.45  ? 92  SER B OG  1 
ATOM   1012 N  N   . LYS B 1 64 ? -18.408 -1.556  16.657  1.00 20.10  ? 93  LYS B N   1 
ATOM   1013 C  CA  . LYS B 1 64 ? -19.579 -1.546  15.777  1.00 19.20  ? 93  LYS B CA  1 
ATOM   1014 C  C   . LYS B 1 64 ? -20.590 -2.633  16.142  1.00 18.39  ? 93  LYS B C   1 
ATOM   1015 O  O   . LYS B 1 64 ? -21.664 -2.712  15.548  1.00 20.54  ? 93  LYS B O   1 
ATOM   1016 C  CB  . LYS B 1 64 ? -19.175 -1.696  14.307  1.00 25.09  ? 93  LYS B CB  1 
ATOM   1017 C  CG  . LYS B 1 64 ? -18.281 -0.592  13.765  1.00 39.24  ? 93  LYS B CG  1 
ATOM   1018 C  CD  . LYS B 1 64 ? -18.895 0.789   13.927  1.00 42.79  ? 93  LYS B CD  1 
ATOM   1019 C  CE  . LYS B 1 64 ? -17.959 1.858   13.377  1.00 55.37  ? 93  LYS B CE  1 
ATOM   1020 N  NZ  . LYS B 1 64 ? -18.516 3.233   13.505  1.00 67.99  ? 93  LYS B NZ  1 
ATOM   1021 N  N   . GLY B 1 65 ? -20.243 -3.474  17.111  1.00 14.98  ? 94  GLY B N   1 
ATOM   1022 C  CA  . GLY B 1 65 ? -21.112 -4.567  17.507  1.00 10.44  ? 94  GLY B CA  1 
ATOM   1023 C  C   . GLY B 1 65 ? -20.942 -5.794  16.629  1.00 19.33  ? 94  GLY B C   1 
ATOM   1024 O  O   . GLY B 1 65 ? -21.788 -6.689  16.623  1.00 18.32  ? 94  GLY B O   1 
ATOM   1025 N  N   . ILE B 1 66 ? -19.846 -5.834  15.882  1.00 14.17  ? 95  ILE B N   1 
ATOM   1026 C  CA  . ILE B 1 66 ? -19.537 -6.973  15.026  1.00 10.91  ? 95  ILE B CA  1 
ATOM   1027 C  C   . ILE B 1 66 ? -18.637 -7.961  15.765  1.00 8.72   ? 95  ILE B C   1 
ATOM   1028 O  O   . ILE B 1 66 ? -17.606 -7.572  16.311  1.00 13.87  ? 95  ILE B O   1 
ATOM   1029 C  CB  . ILE B 1 66 ? -18.833 -6.522  13.732  1.00 16.86  ? 95  ILE B CB  1 
ATOM   1030 C  CG1 . ILE B 1 66 ? -19.741 -5.588  12.930  1.00 15.98  ? 95  ILE B CG1 1 
ATOM   1031 C  CG2 . ILE B 1 66 ? -18.425 -7.723  12.896  1.00 11.44  ? 95  ILE B CG2 1 
ATOM   1032 C  CD1 . ILE B 1 66 ? -19.052 -4.934  11.754  1.00 20.14  ? 95  ILE B CD1 1 
ATOM   1033 N  N   . LYS B 1 67 ? -19.034 -9.233  15.784  1.00 13.15  ? 96  LYS B N   1 
ATOM   1034 C  CA  . LYS B 1 67 ? -18.248 -10.283 16.434  1.00 13.28  ? 96  LYS B CA  1 
ATOM   1035 C  C   . LYS B 1 67 ? -16.947 -10.533 15.674  1.00 18.17  ? 96  LYS B C   1 
ATOM   1036 O  O   . LYS B 1 67 ? -16.966 -10.827 14.480  1.00 21.00  ? 96  LYS B O   1 
ATOM   1037 C  CB  . LYS B 1 67 ? -19.040 -11.594 16.509  1.00 14.24  ? 96  LYS B CB  1 
ATOM   1038 C  CG  . LYS B 1 67 ? -20.326 -11.561 17.321  1.00 23.80  ? 96  LYS B CG  1 
ATOM   1039 C  CD  . LYS B 1 67 ? -21.085 -12.879 17.146  1.00 27.20  ? 96  LYS B CD  1 
ATOM   1040 C  CE  . LYS B 1 67 ? -22.392 -12.891 17.925  1.00 40.91  ? 96  LYS B CE  1 
ATOM   1041 N  NZ  . LYS B 1 67 ? -23.233 -11.713 17.584  1.00 51.20  ? 96  LYS B NZ  1 
ATOM   1042 N  N   . VAL B 1 68 ? -15.819 -10.416 16.368  1.00 8.31   ? 97  VAL B N   1 
ATOM   1043 C  CA  . VAL B 1 68 ? -14.511 -10.658 15.760  1.00 9.95   ? 97  VAL B CA  1 
ATOM   1044 C  C   . VAL B 1 68 ? -13.763 -11.754 16.502  1.00 12.65  ? 97  VAL B C   1 
ATOM   1045 O  O   . VAL B 1 68 ? -13.801 -11.816 17.728  1.00 11.91  ? 97  VAL B O   1 
ATOM   1046 C  CB  . VAL B 1 68 ? -13.635 -9.400  15.804  1.00 20.50  ? 97  VAL B CB  1 
ATOM   1047 C  CG1 . VAL B 1 68 ? -12.458 -9.529  14.841  1.00 15.12  ? 97  VAL B CG1 1 
ATOM   1048 C  CG2 . VAL B 1 68 ? -14.459 -8.192  15.476  1.00 25.02  ? 97  VAL B CG2 1 
ATOM   1049 N  N   . SER B 1 69 ? -13.078 -12.613 15.755  1.00 16.02  ? 98  SER B N   1 
ATOM   1050 C  CA  . SER B 1 69 ? -12.242 -13.650 16.346  1.00 17.95  ? 98  SER B CA  1 
ATOM   1051 C  C   . SER B 1 69 ? -11.092 -13.987 15.408  1.00 14.07  ? 98  SER B C   1 
ATOM   1052 O  O   . SER B 1 69 ? -11.192 -13.796 14.196  1.00 12.74  ? 98  SER B O   1 
ATOM   1053 C  CB  . SER B 1 69 ? -13.062 -14.906 16.646  1.00 21.26  ? 98  SER B CB  1 
ATOM   1054 O  OG  . SER B 1 69 ? -13.676 -15.406 15.470  1.00 21.84  ? 98  SER B OG  1 
ATOM   1055 N  N   . GLY B 1 70 ? -9.997  -14.482 15.974  1.00 14.18  ? 99  GLY B N   1 
ATOM   1056 C  CA  . GLY B 1 70 ? -8.836  -14.844 15.185  1.00 19.25  ? 99  GLY B CA  1 
ATOM   1057 C  C   . GLY B 1 70 ? -8.428  -16.289 15.386  1.00 45.32  ? 99  GLY B C   1 
ATOM   1058 O  O   . GLY B 1 70 ? -8.185  -16.724 16.512  1.00 61.36  ? 99  GLY B O   1 
ATOM   1059 N  N   . GLU B 1 71 ? -8.356  -17.034 14.289  1.00 57.25  ? 100 GLU B N   1 
ATOM   1060 C  CA  . GLU B 1 71 ? -7.897  -18.418 14.329  1.00 72.83  ? 100 GLU B CA  1 
ATOM   1061 C  C   . GLU B 1 71 ? -6.928  -18.688 13.184  1.00 69.24  ? 100 GLU B C   1 
ATOM   1062 O  O   . GLU B 1 71 ? -5.967  -17.945 12.987  1.00 64.40  ? 100 GLU B O   1 
ATOM   1063 C  CB  . GLU B 1 71 ? -9.084  -19.383 14.267  1.00 110.86 ? 100 GLU B CB  1 
ATOM   1064 C  CG  . GLU B 1 71 ? -8.701  -20.851 14.116  1.00 134.95 ? 100 GLU B CG  1 
ATOM   1065 C  CD  . GLU B 1 71 ? -8.315  -21.515 15.427  1.00 151.34 ? 100 GLU B CD  1 
ATOM   1066 O  OE1 . GLU B 1 71 ? -8.241  -20.815 16.459  1.00 168.08 ? 100 GLU B OE1 1 
ATOM   1067 O  OE2 . GLU B 1 71 ? -8.091  -22.744 15.425  1.00 151.26 ? 100 GLU B OE2 1 
ATOM   1068 N  N   . LYS C 1 6  ? 30.118  3.739   -3.078  1.00 72.60  ? 35  LYS C N   1 
ATOM   1069 C  CA  . LYS C 1 6  ? 29.618  3.307   -1.779  1.00 55.69  ? 35  LYS C CA  1 
ATOM   1070 C  C   . LYS C 1 6  ? 29.148  4.504   -0.957  1.00 60.01  ? 35  LYS C C   1 
ATOM   1071 O  O   . LYS C 1 6  ? 29.867  5.494   -0.816  1.00 63.40  ? 35  LYS C O   1 
ATOM   1072 C  CB  . LYS C 1 6  ? 30.694  2.532   -1.018  1.00 71.56  ? 35  LYS C CB  1 
ATOM   1073 C  CG  . LYS C 1 6  ? 30.164  1.730   0.160   1.00 74.63  ? 35  LYS C CG  1 
ATOM   1074 C  CD  . LYS C 1 6  ? 31.300  1.167   1.001   1.00 85.38  ? 35  LYS C CD  1 
ATOM   1075 C  CE  . LYS C 1 6  ? 32.071  2.280   1.693   1.00 95.21  ? 35  LYS C CE  1 
ATOM   1076 N  NZ  . LYS C 1 6  ? 31.201  3.075   2.604   1.00 81.44  ? 35  LYS C NZ  1 
ATOM   1077 N  N   . LEU C 1 7  ? 27.939  4.402   -0.420  1.00 34.62  ? 36  LEU C N   1 
ATOM   1078 C  CA  . LEU C 1 7  ? 27.341  5.482   0.355   1.00 31.89  ? 36  LEU C CA  1 
ATOM   1079 C  C   . LEU C 1 7  ? 26.609  4.899   1.557   1.00 36.30  ? 36  LEU C C   1 
ATOM   1080 O  O   . LEU C 1 7  ? 25.816  3.970   1.414   1.00 35.75  ? 36  LEU C O   1 
ATOM   1081 C  CB  . LEU C 1 7  ? 26.366  6.272   -0.520  1.00 40.44  ? 36  LEU C CB  1 
ATOM   1082 C  CG  . LEU C 1 7  ? 25.615  7.453   0.099   1.00 42.22  ? 36  LEU C CG  1 
ATOM   1083 C  CD1 . LEU C 1 7  ? 26.555  8.622   0.351   1.00 43.41  ? 36  LEU C CD1 1 
ATOM   1084 C  CD2 . LEU C 1 7  ? 24.460  7.871   -0.797  1.00 30.45  ? 36  LEU C CD2 1 
ATOM   1085 N  N   . SER C 1 8  ? 26.881  5.438   2.742   1.00 31.84  ? 37  SER C N   1 
ATOM   1086 C  CA  . SER C 1 8  ? 26.228  4.959   3.955   1.00 27.17  ? 37  SER C CA  1 
ATOM   1087 C  C   . SER C 1 8  ? 24.771  5.401   3.983   1.00 23.23  ? 37  SER C C   1 
ATOM   1088 O  O   . SER C 1 8  ? 24.421  6.438   3.422   1.00 26.88  ? 37  SER C O   1 
ATOM   1089 C  CB  . SER C 1 8  ? 26.952  5.472   5.200   1.00 28.62  ? 37  SER C CB  1 
ATOM   1090 O  OG  . SER C 1 8  ? 26.768  6.868   5.353   1.00 32.12  ? 37  SER C OG  1 
ATOM   1091 N  N   . TYR C 1 9  ? 23.928  4.608   4.637   1.00 30.25  ? 38  TYR C N   1 
ATOM   1092 C  CA  . TYR C 1 9  ? 22.506  4.907   4.743   1.00 23.19  ? 38  TYR C CA  1 
ATOM   1093 C  C   . TYR C 1 9  ? 22.294  6.210   5.491   1.00 31.20  ? 38  TYR C C   1 
ATOM   1094 O  O   . TYR C 1 9  ? 21.391  6.994   5.181   1.00 25.75  ? 38  TYR C O   1 
ATOM   1095 C  CB  . TYR C 1 9  ? 21.792  3.780   5.484   1.00 34.66  ? 38  TYR C CB  1 
ATOM   1096 C  CG  . TYR C 1 9  ? 20.290  3.907   5.480   1.00 28.42  ? 38  TYR C CG  1 
ATOM   1097 C  CD1 . TYR C 1 9  ? 19.566  3.687   4.319   1.00 28.65  ? 38  TYR C CD1 1 
ATOM   1098 C  CD2 . TYR C 1 9  ? 19.595  4.252   6.632   1.00 27.40  ? 38  TYR C CD2 1 
ATOM   1099 C  CE1 . TYR C 1 9  ? 18.192  3.797   4.302   1.00 31.78  ? 38  TYR C CE1 1 
ATOM   1100 C  CE2 . TYR C 1 9  ? 18.218  4.366   6.626   1.00 25.50  ? 38  TYR C CE2 1 
ATOM   1101 C  CZ  . TYR C 1 9  ? 17.523  4.137   5.457   1.00 31.80  ? 38  TYR C CZ  1 
ATOM   1102 O  OH  . TYR C 1 9  ? 16.152  4.249   5.441   1.00 38.85  ? 38  TYR C OH  1 
ATOM   1103 N  N   . THR C 1 10 ? 23.144  6.429   6.484   1.00 30.43  ? 39  THR C N   1 
ATOM   1104 C  CA  . THR C 1 10 ? 23.062  7.611   7.324   1.00 30.35  ? 39  THR C CA  1 
ATOM   1105 C  C   . THR C 1 10 ? 23.345  8.877   6.503   1.00 30.59  ? 39  THR C C   1 
ATOM   1106 O  O   . THR C 1 10 ? 22.697  9.907   6.697   1.00 29.58  ? 39  THR C O   1 
ATOM   1107 C  CB  . THR C 1 10 ? 23.982  7.460   8.568   1.00 50.41  ? 39  THR C CB  1 
ATOM   1108 O  OG1 . THR C 1 10 ? 23.715  8.502   9.509   1.00 58.90  ? 39  THR C OG1 1 
ATOM   1109 C  CG2 . THR C 1 10 ? 25.451  7.468   8.184   1.00 55.55  ? 39  THR C CG2 1 
ATOM   1110 N  N   . SER C 1 11 ? 24.286  8.784   5.564   1.00 25.94  ? 40  SER C N   1 
ATOM   1111 C  CA  . SER C 1 11 ? 24.555  9.876   4.633   1.00 23.95  ? 40  SER C CA  1 
ATOM   1112 C  C   . SER C 1 11 ? 23.391  10.042  3.658   1.00 26.09  ? 40  SER C C   1 
ATOM   1113 O  O   . SER C 1 11 ? 23.082  11.153  3.230   1.00 28.26  ? 40  SER C O   1 
ATOM   1114 C  CB  . SER C 1 11 ? 25.848  9.624   3.853   1.00 30.45  ? 40  SER C CB  1 
ATOM   1115 O  OG  . SER C 1 11 ? 26.979  9.623   4.705   1.00 37.27  ? 40  SER C OG  1 
ATOM   1116 N  N   . PHE C 1 12 ? 22.752  8.927   3.313   1.00 24.65  ? 41  PHE C N   1 
ATOM   1117 C  CA  . PHE C 1 12 ? 21.627  8.942   2.384   1.00 25.41  ? 41  PHE C CA  1 
ATOM   1118 C  C   . PHE C 1 12 ? 20.437  9.721   2.938   1.00 24.71  ? 41  PHE C C   1 
ATOM   1119 O  O   . PHE C 1 12 ? 19.952  10.660  2.296   1.00 27.53  ? 41  PHE C O   1 
ATOM   1120 C  CB  . PHE C 1 12 ? 21.202  7.516   2.019   1.00 22.72  ? 41  PHE C CB  1 
ATOM   1121 C  CG  . PHE C 1 12 ? 19.948  7.453   1.198   1.00 17.53  ? 41  PHE C CG  1 
ATOM   1122 C  CD1 . PHE C 1 12 ? 19.850  8.155   0.009   1.00 23.88  ? 41  PHE C CD1 1 
ATOM   1123 C  CD2 . PHE C 1 12 ? 18.869  6.688   1.609   1.00 22.42  ? 41  PHE C CD2 1 
ATOM   1124 C  CE1 . PHE C 1 12 ? 18.698  8.102   -0.753  1.00 26.36  ? 41  PHE C CE1 1 
ATOM   1125 C  CE2 . PHE C 1 12 ? 17.714  6.629   0.848   1.00 26.96  ? 41  PHE C CE2 1 
ATOM   1126 C  CZ  . PHE C 1 12 ? 17.629  7.338   -0.334  1.00 23.42  ? 41  PHE C CZ  1 
ATOM   1127 N  N   . VAL C 1 13 ? 19.974  9.326   4.123   1.00 26.76  ? 42  VAL C N   1 
ATOM   1128 C  CA  . VAL C 1 13 ? 18.854  9.995   4.782   1.00 34.61  ? 42  VAL C CA  1 
ATOM   1129 C  C   . VAL C 1 13 ? 19.124  11.491  4.883   1.00 30.61  ? 42  VAL C C   1 
ATOM   1130 O  O   . VAL C 1 13 ? 18.228  12.310  4.706   1.00 34.57  ? 42  VAL C O   1 
ATOM   1131 C  CB  . VAL C 1 13 ? 18.617  9.443   6.202   1.00 28.92  ? 42  VAL C CB  1 
ATOM   1132 C  CG1 . VAL C 1 13 ? 17.396  10.100  6.835   1.00 37.41  ? 42  VAL C CG1 1 
ATOM   1133 C  CG2 . VAL C 1 13 ? 18.449  7.936   6.167   1.00 27.89  ? 42  VAL C CG2 1 
ATOM   1134 N  N   . GLN C 1 14 ? 20.378  11.827  5.159   1.00 35.27  ? 43  GLN C N   1 
ATOM   1135 C  CA  . GLN C 1 14 ? 20.832  13.209  5.231   1.00 36.06  ? 43  GLN C CA  1 
ATOM   1136 C  C   . GLN C 1 14 ? 20.678  13.919  3.887   1.00 32.67  ? 43  GLN C C   1 
ATOM   1137 O  O   . GLN C 1 14 ? 20.166  15.036  3.823   1.00 30.01  ? 43  GLN C O   1 
ATOM   1138 C  CB  . GLN C 1 14 ? 22.293  13.232  5.674   1.00 64.55  ? 43  GLN C CB  1 
ATOM   1139 C  CG  . GLN C 1 14 ? 22.940  14.600  5.712   1.00 80.93  ? 43  GLN C CG  1 
ATOM   1140 C  CD  . GLN C 1 14 ? 24.450  14.503  5.811   1.00 92.16  ? 43  GLN C CD  1 
ATOM   1141 O  OE1 . GLN C 1 14 ? 25.053  13.553  5.313   1.00 84.96  ? 43  GLN C OE1 1 
ATOM   1142 N  NE2 . GLN C 1 14 ? 25.068  15.482  6.461   1.00 92.92  ? 43  GLN C NE2 1 
HETATM 1143 N  N   . MSE C 1 15 ? 21.125  13.262  2.818   1.00 31.17  ? 44  MSE C N   1 
HETATM 1144 C  CA  . MSE C 1 15 ? 21.024  13.818  1.471   1.00 30.14  ? 44  MSE C CA  1 
HETATM 1145 C  C   . MSE C 1 15 ? 19.571  14.049  1.067   1.00 32.70  ? 44  MSE C C   1 
HETATM 1146 O  O   . MSE C 1 15 ? 19.265  14.979  0.322   1.00 30.93  ? 44  MSE C O   1 
HETATM 1147 C  CB  . MSE C 1 15 ? 21.695  12.895  0.453   1.00 30.17  ? 44  MSE C CB  1 
HETATM 1148 C  CG  . MSE C 1 15 ? 23.209  12.856  0.538   1.00 40.67  ? 44  MSE C CG  1 
HETATM 1149 SE SE  . MSE C 1 15 ? 23.970  11.544  -0.686  0.52 43.49  ? 44  MSE C SE  1 
HETATM 1150 C  CE  . MSE C 1 15 ? 23.322  12.282  -2.368  1.00 27.84  ? 44  MSE C CE  1 
ATOM   1151 N  N   . VAL C 1 16 ? 18.682  13.190  1.559   1.00 30.87  ? 45  VAL C N   1 
ATOM   1152 C  CA  . VAL C 1 16 ? 17.260  13.303  1.253   1.00 36.96  ? 45  VAL C CA  1 
ATOM   1153 C  C   . VAL C 1 16 ? 16.611  14.433  2.045   1.00 40.85  ? 45  VAL C C   1 
ATOM   1154 O  O   . VAL C 1 16 ? 15.940  15.299  1.480   1.00 40.09  ? 45  VAL C O   1 
ATOM   1155 C  CB  . VAL C 1 16 ? 16.520  11.988  1.554   1.00 28.12  ? 45  VAL C CB  1 
ATOM   1156 C  CG1 . VAL C 1 16 ? 15.016  12.186  1.444   1.00 29.70  ? 45  VAL C CG1 1 
ATOM   1157 C  CG2 . VAL C 1 16 ? 16.995  10.892  0.617   1.00 27.23  ? 45  VAL C CG2 1 
ATOM   1158 N  N   . GLU C 1 17 ? 16.819  14.414  3.357   1.00 37.12  ? 46  GLU C N   1 
ATOM   1159 C  CA  . GLU C 1 17 ? 16.289  15.434  4.255   1.00 44.56  ? 46  GLU C CA  1 
ATOM   1160 C  C   . GLU C 1 17 ? 16.845  16.813  3.927   1.00 41.88  ? 46  GLU C C   1 
ATOM   1161 O  O   . GLU C 1 17 ? 16.198  17.824  4.197   1.00 42.43  ? 46  GLU C O   1 
ATOM   1162 C  CB  . GLU C 1 17 ? 16.630  15.095  5.708   1.00 61.54  ? 46  GLU C CB  1 
ATOM   1163 C  CG  . GLU C 1 17 ? 15.914  13.881  6.267   1.00 71.15  ? 46  GLU C CG  1 
ATOM   1164 C  CD  . GLU C 1 17 ? 16.370  13.546  7.674   1.00 77.18  ? 46  GLU C CD  1 
ATOM   1165 O  OE1 . GLU C 1 17 ? 17.549  13.808  7.995   1.00 81.05  ? 46  GLU C OE1 1 
ATOM   1166 O  OE2 . GLU C 1 17 ? 15.550  13.028  8.461   1.00 77.46  ? 46  GLU C OE2 1 
ATOM   1167 N  N   . ASP C 1 18 ? 18.047  16.838  3.355   1.00 33.90  ? 47  ASP C N   1 
ATOM   1168 C  CA  . ASP C 1 18 ? 18.746  18.083  3.033   1.00 46.61  ? 47  ASP C CA  1 
ATOM   1169 C  C   . ASP C 1 18 ? 17.859  19.080  2.291   1.00 57.92  ? 47  ASP C C   1 
ATOM   1170 O  O   . ASP C 1 18 ? 16.985  18.705  1.509   1.00 44.35  ? 47  ASP C O   1 
ATOM   1171 C  CB  . ASP C 1 18 ? 20.009  17.794  2.211   1.00 49.34  ? 47  ASP C CB  1 
ATOM   1172 C  CG  . ASP C 1 18 ? 20.902  19.022  2.036   1.00 64.22  ? 47  ASP C CG  1 
ATOM   1173 O  OD1 . ASP C 1 18 ? 20.428  20.166  2.212   1.00 74.93  ? 47  ASP C OD1 1 
ATOM   1174 O  OD2 . ASP C 1 18 ? 22.092  18.842  1.707   1.00 67.94  ? 47  ASP C OD2 1 
ATOM   1175 N  N   . GLU C 1 19 ? 18.116  20.356  2.555   1.00 70.09  ? 48  GLU C N   1 
ATOM   1176 C  CA  . GLU C 1 19 ? 17.359  21.456  1.980   1.00 73.70  ? 48  GLU C CA  1 
ATOM   1177 C  C   . GLU C 1 19 ? 17.492  21.552  0.457   1.00 62.30  ? 48  GLU C C   1 
ATOM   1178 O  O   . GLU C 1 19 ? 16.493  21.704  -0.248  1.00 44.32  ? 48  GLU C O   1 
ATOM   1179 C  CB  . GLU C 1 19 ? 17.781  22.777  2.637   1.00 116.11 ? 48  GLU C CB  1 
ATOM   1180 C  CG  . GLU C 1 19 ? 19.233  23.177  2.376   1.00 121.08 ? 48  GLU C CG  1 
ATOM   1181 C  CD  . GLU C 1 19 ? 19.964  23.624  3.622   1.00 135.47 ? 48  GLU C CD  1 
ATOM   1182 O  OE1 . GLU C 1 19 ? 19.959  24.839  3.908   1.00 144.67 ? 48  GLU C OE1 1 
ATOM   1183 O  OE2 . GLU C 1 19 ? 20.553  22.762  4.308   1.00 136.59 ? 48  GLU C OE2 1 
ATOM   1184 N  N   . ARG C 1 20 ? 18.718  21.459  -0.051  1.00 46.22  ? 49  ARG C N   1 
ATOM   1185 C  CA  . ARG C 1 20 ? 18.966  21.719  -1.464  1.00 57.30  ? 49  ARG C CA  1 
ATOM   1186 C  C   . ARG C 1 20 ? 18.789  20.463  -2.312  1.00 67.71  ? 49  ARG C C   1 
ATOM   1187 O  O   . ARG C 1 20 ? 19.405  19.424  -2.064  1.00 55.65  ? 49  ARG C O   1 
ATOM   1188 C  CB  . ARG C 1 20 ? 20.334  22.387  -1.685  1.00 83.12  ? 49  ARG C CB  1 
ATOM   1189 C  CG  . ARG C 1 20 ? 21.541  21.501  -1.440  1.00 88.43  ? 49  ARG C CG  1 
ATOM   1190 C  CD  . ARG C 1 20 ? 22.801  22.322  -1.213  1.00 83.96  ? 49  ARG C CD  1 
ATOM   1191 N  NE  . ARG C 1 20 ? 23.949  21.468  -0.924  1.00 88.03  ? 49  ARG C NE  1 
ATOM   1192 C  CZ  . ARG C 1 20 ? 24.145  20.850  0.237   1.00 89.82  ? 49  ARG C CZ  1 
ATOM   1193 N  NH1 . ARG C 1 20 ? 23.269  20.985  1.223   1.00 83.27  ? 49  ARG C NH1 1 
ATOM   1194 N  NH2 . ARG C 1 20 ? 25.218  20.092  0.409   1.00 90.57  ? 49  ARG C NH2 1 
ATOM   1195 N  N   . SER C 1 21 ? 17.913  20.578  -3.305  1.00 152.15 ? 50  SER C N   1 
ATOM   1196 C  CA  . SER C 1 21 ? 17.537  19.461  -4.159  1.00 127.07 ? 50  SER C CA  1 
ATOM   1197 C  C   . SER C 1 21 ? 18.738  18.845  -4.864  1.00 127.67 ? 50  SER C C   1 
ATOM   1198 O  O   . SER C 1 21 ? 19.213  19.370  -5.870  1.00 155.72 ? 50  SER C O   1 
ATOM   1199 C  CB  . SER C 1 21 ? 16.504  19.910  -5.175  1.00 77.51  ? 50  SER C CB  1 
ATOM   1200 N  N   . VAL C 1 22 ? 19.222  17.730  -4.324  1.00 61.40  ? 51  VAL C N   1 
ATOM   1201 C  CA  . VAL C 1 22 ? 20.331  16.999  -4.929  1.00 52.52  ? 51  VAL C CA  1 
ATOM   1202 C  C   . VAL C 1 22 ? 19.882  15.622  -5.428  1.00 35.96  ? 51  VAL C C   1 
ATOM   1203 O  O   . VAL C 1 22 ? 20.225  15.216  -6.538  1.00 28.69  ? 51  VAL C O   1 
ATOM   1204 C  CB  . VAL C 1 22 ? 21.536  16.875  -3.956  1.00 66.10  ? 51  VAL C CB  1 
ATOM   1205 C  CG1 . VAL C 1 22 ? 21.105  16.287  -2.614  1.00 61.41  ? 51  VAL C CG1 1 
ATOM   1206 C  CG2 . VAL C 1 22 ? 22.657  16.058  -4.582  1.00 51.53  ? 51  VAL C CG2 1 
ATOM   1207 N  N   . VAL C 1 23 ? 19.095  14.921  -4.616  1.00 30.20  ? 52  VAL C N   1 
ATOM   1208 C  CA  . VAL C 1 23 ? 18.588  13.606  -4.986  1.00 29.83  ? 52  VAL C CA  1 
ATOM   1209 C  C   . VAL C 1 23 ? 17.442  13.732  -5.988  1.00 27.00  ? 52  VAL C C   1 
ATOM   1210 O  O   . VAL C 1 23 ? 16.503  14.499  -5.778  1.00 28.88  ? 52  VAL C O   1 
ATOM   1211 C  CB  . VAL C 1 23 ? 18.116  12.819  -3.748  1.00 28.36  ? 52  VAL C CB  1 
ATOM   1212 C  CG1 . VAL C 1 23 ? 17.553  11.467  -4.156  1.00 21.03  ? 52  VAL C CG1 1 
ATOM   1213 C  CG2 . VAL C 1 23 ? 19.264  12.649  -2.765  1.00 33.00  ? 52  VAL C CG2 1 
ATOM   1214 N  N   . SER C 1 24 ? 17.526  12.975  -7.078  1.00 23.35  ? 53  SER C N   1 
ATOM   1215 C  CA  . SER C 1 24 ? 16.548  13.070  -8.154  1.00 22.66  ? 53  SER C CA  1 
ATOM   1216 C  C   . SER C 1 24 ? 15.782  11.766  -8.353  1.00 27.40  ? 53  SER C C   1 
ATOM   1217 O  O   . SER C 1 24 ? 14.632  11.773  -8.795  1.00 28.02  ? 53  SER C O   1 
ATOM   1218 C  CB  . SER C 1 24 ? 17.238  13.474  -9.459  1.00 38.10  ? 53  SER C CB  1 
ATOM   1219 O  OG  . SER C 1 24 ? 18.235  12.532  -9.816  1.00 39.15  ? 53  SER C OG  1 
ATOM   1220 N  N   . GLU C 1 25 ? 16.419  10.647  -8.025  1.00 21.71  ? 54  GLU C N   1 
ATOM   1221 C  CA  . GLU C 1 25 ? 15.806  9.339   -8.225  1.00 19.31  ? 54  GLU C CA  1 
ATOM   1222 C  C   . GLU C 1 25 ? 16.385  8.299   -7.274  1.00 15.90  ? 54  GLU C C   1 
ATOM   1223 O  O   . GLU C 1 25 ? 17.591  8.274   -7.025  1.00 17.04  ? 54  GLU C O   1 
ATOM   1224 C  CB  . GLU C 1 25 ? 15.992  8.884   -9.675  1.00 26.91  ? 54  GLU C CB  1 
ATOM   1225 C  CG  . GLU C 1 25 ? 15.459  7.490   -9.969  1.00 34.05  ? 54  GLU C CG  1 
ATOM   1226 C  CD  . GLU C 1 25 ? 15.597  7.114   -11.432 1.00 40.85  ? 54  GLU C CD  1 
ATOM   1227 O  OE1 . GLU C 1 25 ? 15.270  5.962   -11.784 1.00 33.36  ? 54  GLU C OE1 1 
ATOM   1228 O  OE2 . GLU C 1 25 ? 16.031  7.973   -12.230 1.00 35.98  ? 54  GLU C OE2 1 
ATOM   1229 N  N   . VAL C 1 26 ? 15.517  7.452   -6.733  1.00 15.67  ? 55  VAL C N   1 
ATOM   1230 C  CA  . VAL C 1 26 ? 15.948  6.358   -5.877  1.00 14.35  ? 55  VAL C CA  1 
ATOM   1231 C  C   . VAL C 1 26 ? 15.338  5.045   -6.351  1.00 20.60  ? 55  VAL C C   1 
ATOM   1232 O  O   . VAL C 1 26 ? 14.124  4.946   -6.537  1.00 18.43  ? 55  VAL C O   1 
ATOM   1233 C  CB  . VAL C 1 26 ? 15.555  6.596   -4.405  1.00 19.38  ? 55  VAL C CB  1 
ATOM   1234 C  CG1 . VAL C 1 26 ? 15.924  5.390   -3.555  1.00 19.00  ? 55  VAL C CG1 1 
ATOM   1235 C  CG2 . VAL C 1 26 ? 16.219  7.855   -3.870  1.00 17.68  ? 55  VAL C CG2 1 
ATOM   1236 N  N   . VAL C 1 27 ? 16.186  4.045   -6.558  1.00 17.37  ? 56  VAL C N   1 
ATOM   1237 C  CA  . VAL C 1 27 ? 15.724  2.716   -6.935  1.00 17.58  ? 56  VAL C CA  1 
ATOM   1238 C  C   . VAL C 1 27 ? 15.983  1.731   -5.801  1.00 21.61  ? 56  VAL C C   1 
ATOM   1239 O  O   . VAL C 1 27 ? 17.124  1.528   -5.388  1.00 23.56  ? 56  VAL C O   1 
ATOM   1240 C  CB  . VAL C 1 27 ? 16.413  2.218   -8.219  1.00 18.75  ? 56  VAL C CB  1 
ATOM   1241 C  CG1 . VAL C 1 27 ? 16.044  0.767   -8.493  1.00 24.92  ? 56  VAL C CG1 1 
ATOM   1242 C  CG2 . VAL C 1 27 ? 16.033  3.099   -9.398  1.00 19.61  ? 56  VAL C CG2 1 
ATOM   1243 N  N   . ILE C 1 28 ? 14.912  1.129   -5.293  1.00 16.38  ? 57  ILE C N   1 
ATOM   1244 C  CA  . ILE C 1 28 ? 15.014  0.176   -4.196  1.00 16.04  ? 57  ILE C CA  1 
ATOM   1245 C  C   . ILE C 1 28 ? 14.999  -1.249  -4.734  1.00 19.42  ? 57  ILE C C   1 
ATOM   1246 O  O   . ILE C 1 28 ? 13.951  -1.762  -5.123  1.00 20.71  ? 57  ILE C O   1 
ATOM   1247 C  CB  . ILE C 1 28 ? 13.854  0.348   -3.201  1.00 25.87  ? 57  ILE C CB  1 
ATOM   1248 C  CG1 . ILE C 1 28 ? 13.757  1.805   -2.741  1.00 21.29  ? 57  ILE C CG1 1 
ATOM   1249 C  CG2 . ILE C 1 28 ? 14.023  -0.589  -2.015  1.00 18.41  ? 57  ILE C CG2 1 
ATOM   1250 C  CD1 . ILE C 1 28 ? 12.591  2.077   -1.815  1.00 25.80  ? 57  ILE C CD1 1 
ATOM   1251 N  N   . ARG C 1 29 ? 16.165  -1.886  -4.758  1.00 21.65  ? 58  ARG C N   1 
ATOM   1252 C  CA  . ARG C 1 29 ? 16.282  -3.232  -5.306  1.00 26.95  ? 58  ARG C CA  1 
ATOM   1253 C  C   . ARG C 1 29 ? 15.971  -4.288  -4.250  1.00 27.67  ? 58  ARG C C   1 
ATOM   1254 O  O   . ARG C 1 29 ? 16.199  -4.074  -3.059  1.00 28.23  ? 58  ARG C O   1 
ATOM   1255 C  CB  . ARG C 1 29 ? 17.673  -3.449  -5.907  1.00 26.32  ? 58  ARG C CB  1 
ATOM   1256 C  CG  . ARG C 1 29 ? 18.153  -2.284  -6.760  1.00 36.34  ? 58  ARG C CG  1 
ATOM   1257 C  CD  . ARG C 1 29 ? 19.247  -2.697  -7.728  1.00 45.82  ? 58  ARG C CD  1 
ATOM   1258 N  NE  . ARG C 1 29 ? 20.351  -3.383  -7.067  1.00 47.67  ? 58  ARG C NE  1 
ATOM   1259 C  CZ  . ARG C 1 29 ? 21.621  -3.284  -7.445  1.00 53.46  ? 58  ARG C CZ  1 
ATOM   1260 N  NH1 . ARG C 1 29 ? 21.947  -2.516  -8.475  1.00 47.42  ? 58  ARG C NH1 1 
ATOM   1261 N  NH2 . ARG C 1 29 ? 22.565  -3.946  -6.789  1.00 43.05  ? 58  ARG C NH2 1 
ATOM   1262 N  N   . ASP C 1 30 ? 15.448  -5.427  -4.692  1.00 29.13  ? 59  ASP C N   1 
ATOM   1263 C  CA  . ASP C 1 30 ? 14.999  -6.473  -3.777  1.00 35.87  ? 59  ASP C CA  1 
ATOM   1264 C  C   . ASP C 1 30 ? 16.146  -7.152  -3.027  1.00 33.92  ? 59  ASP C C   1 
ATOM   1265 O  O   . ASP C 1 30 ? 15.915  -7.888  -2.068  1.00 38.50  ? 59  ASP C O   1 
ATOM   1266 C  CB  . ASP C 1 30 ? 14.163  -7.518  -4.523  1.00 45.52  ? 59  ASP C CB  1 
ATOM   1267 C  CG  . ASP C 1 30 ? 14.943  -8.212  -5.624  1.00 52.80  ? 59  ASP C CG  1 
ATOM   1268 O  OD1 . ASP C 1 30 ? 15.963  -7.654  -6.080  1.00 58.34  ? 59  ASP C OD1 1 
ATOM   1269 O  OD2 . ASP C 1 30 ? 14.531  -9.317  -6.036  1.00 65.30  ? 59  ASP C OD2 1 
ATOM   1270 N  N   . ASP C 1 31 ? 17.378  -6.900  -3.461  1.00 38.41  ? 60  ASP C N   1 
ATOM   1271 C  CA  . ASP C 1 31 ? 18.545  -7.494  -2.816  1.00 36.44  ? 60  ASP C CA  1 
ATOM   1272 C  C   . ASP C 1 31 ? 19.057  -6.642  -1.655  1.00 36.62  ? 60  ASP C C   1 
ATOM   1273 O  O   . ASP C 1 31 ? 20.062  -6.975  -1.027  1.00 40.26  ? 60  ASP C O   1 
ATOM   1274 C  CB  . ASP C 1 31 ? 19.660  -7.754  -3.834  1.00 34.95  ? 60  ASP C CB  1 
ATOM   1275 C  CG  . ASP C 1 31 ? 20.175  -6.482  -4.483  1.00 42.17  ? 60  ASP C CG  1 
ATOM   1276 O  OD1 . ASP C 1 31 ? 19.537  -5.424  -4.320  1.00 42.53  ? 60  ASP C OD1 1 
ATOM   1277 O  OD2 . ASP C 1 31 ? 21.218  -6.546  -5.168  1.00 52.90  ? 60  ASP C OD2 1 
ATOM   1278 N  N   . GLY C 1 32 ? 18.362  -5.545  -1.373  1.00 32.66  ? 61  GLY C N   1 
ATOM   1279 C  CA  . GLY C 1 32 ? 18.713  -4.684  -0.258  1.00 35.08  ? 61  GLY C CA  1 
ATOM   1280 C  C   . GLY C 1 32 ? 19.590  -3.510  -0.644  1.00 40.07  ? 61  GLY C C   1 
ATOM   1281 O  O   . GLY C 1 32 ? 20.024  -2.741  0.213   1.00 41.85  ? 61  GLY C O   1 
ATOM   1282 N  N   . VAL C 1 33 ? 19.851  -3.367  -1.940  1.00 27.09  ? 62  VAL C N   1 
ATOM   1283 C  CA  . VAL C 1 33 ? 20.688  -2.281  -2.434  1.00 27.34  ? 62  VAL C CA  1 
ATOM   1284 C  C   . VAL C 1 33 ? 19.848  -1.133  -2.991  1.00 28.41  ? 62  VAL C C   1 
ATOM   1285 O  O   . VAL C 1 33 ? 18.896  -1.352  -3.738  1.00 25.92  ? 62  VAL C O   1 
ATOM   1286 C  CB  . VAL C 1 33 ? 21.669  -2.774  -3.519  1.00 34.08  ? 62  VAL C CB  1 
ATOM   1287 C  CG1 . VAL C 1 33 ? 22.449  -1.607  -4.112  1.00 33.57  ? 62  VAL C CG1 1 
ATOM   1288 C  CG2 . VAL C 1 33 ? 22.618  -3.811  -2.942  1.00 31.95  ? 62  VAL C CG2 1 
ATOM   1289 N  N   . LEU C 1 34 ? 20.143  0.098   -2.585  1.00 19.58  ? 63  LEU C N   1 
ATOM   1290 C  CA  . LEU C 1 34 ? 19.512  1.267   -3.156  1.00 20.56  ? 63  LEU C CA  1 
ATOM   1291 C  C   . LEU C 1 34 ? 20.426  1.944   -4.139  1.00 28.37  ? 63  LEU C C   1 
ATOM   1292 O  O   . LEU C 1 34 ? 21.583  2.148   -3.835  1.00 27.62  ? 63  LEU C O   1 
ATOM   1293 C  CB  . LEU C 1 34 ? 19.175  2.334   -2.138  1.00 28.57  ? 63  LEU C CB  1 
ATOM   1294 C  CG  . LEU C 1 34 ? 18.515  2.062   -0.826  1.00 29.99  ? 63  LEU C CG  1 
ATOM   1295 C  CD1 . LEU C 1 34 ? 18.194  3.296   -0.028  1.00 27.44  ? 63  LEU C CD1 1 
ATOM   1296 C  CD2 . LEU C 1 34 ? 17.382  1.123   -0.914  1.00 32.93  ? 63  LEU C CD2 1 
ATOM   1297 N  N   . ARG C 1 35 ? 19.901  2.287   -5.300  1.00 20.85  ? 64  ARG C N   1 
ATOM   1298 C  CA  . ARG C 1 35 ? 20.613  3.134   -6.248  1.00 18.19  ? 64  ARG C CA  1 
ATOM   1299 C  C   . ARG C 1 35 ? 20.101  4.562   -6.115  1.00 22.66  ? 64  ARG C C   1 
ATOM   1300 O  O   . ARG C 1 35 ? 18.907  4.820   -6.280  1.00 16.16  ? 64  ARG C O   1 
ATOM   1301 C  CB  . ARG C 1 35 ? 20.449  2.634   -7.684  1.00 23.07  ? 64  ARG C CB  1 
ATOM   1302 C  CG  . ARG C 1 35 ? 21.120  1.295   -7.953  1.00 42.10  ? 64  ARG C CG  1 
ATOM   1303 C  CD  . ARG C 1 35 ? 21.231  1.016   -9.446  1.00 47.21  ? 64  ARG C CD  1 
ATOM   1304 N  NE  . ARG C 1 35 ? 22.585  1.232   -9.951  1.00 49.77  ? 64  ARG C NE  1 
ATOM   1305 C  CZ  . ARG C 1 35 ? 22.926  1.166   -11.235 1.00 49.26  ? 64  ARG C CZ  1 
ATOM   1306 N  NH1 . ARG C 1 35 ? 22.009  0.896   -12.154 1.00 48.58  ? 64  ARG C NH1 1 
ATOM   1307 N  NH2 . ARG C 1 35 ? 24.183  1.372   -11.603 1.00 58.14  ? 64  ARG C NH2 1 
ATOM   1308 N  N   . VAL C 1 36 ? 21.008  5.481   -5.802  1.00 15.58  ? 65  VAL C N   1 
ATOM   1309 C  CA  . VAL C 1 36 ? 20.646  6.873   -5.579  1.00 13.17  ? 65  VAL C CA  1 
ATOM   1310 C  C   . VAL C 1 36 ? 21.210  7.763   -6.680  1.00 20.94  ? 65  VAL C C   1 
ATOM   1311 O  O   . VAL C 1 36 ? 22.422  7.862   -6.849  1.00 18.31  ? 65  VAL C O   1 
ATOM   1312 C  CB  . VAL C 1 36 ? 21.169  7.375   -4.219  1.00 21.66  ? 65  VAL C CB  1 
ATOM   1313 C  CG1 . VAL C 1 36 ? 20.658  8.782   -3.937  1.00 27.45  ? 65  VAL C CG1 1 
ATOM   1314 C  CG2 . VAL C 1 36 ? 20.757  6.417   -3.110  1.00 25.41  ? 65  VAL C CG2 1 
ATOM   1315 N  N   . TYR C 1 37 ? 20.323  8.408   -7.426  1.00 19.13  ? 66  TYR C N   1 
ATOM   1316 C  CA  . TYR C 1 37 ? 20.734  9.288   -8.511  1.00 18.24  ? 66  TYR C CA  1 
ATOM   1317 C  C   . TYR C 1 37 ? 20.679  10.737  -8.059  1.00 26.50  ? 66  TYR C C   1 
ATOM   1318 O  O   . TYR C 1 37 ? 19.741  11.145  -7.379  1.00 27.86  ? 66  TYR C O   1 
ATOM   1319 C  CB  . TYR C 1 37 ? 19.832  9.090   -9.729  1.00 23.55  ? 66  TYR C CB  1 
ATOM   1320 C  CG  . TYR C 1 37 ? 19.904  7.704   -10.328 1.00 23.66  ? 66  TYR C CG  1 
ATOM   1321 C  CD1 . TYR C 1 37 ? 19.166  6.655   -9.794  1.00 17.49  ? 66  TYR C CD1 1 
ATOM   1322 C  CD2 . TYR C 1 37 ? 20.713  7.445   -11.427 1.00 24.78  ? 66  TYR C CD2 1 
ATOM   1323 C  CE1 . TYR C 1 37 ? 19.232  5.386   -10.338 1.00 23.18  ? 66  TYR C CE1 1 
ATOM   1324 C  CE2 . TYR C 1 37 ? 20.783  6.179   -11.978 1.00 23.87  ? 66  TYR C CE2 1 
ATOM   1325 C  CZ  . TYR C 1 37 ? 20.041  5.153   -11.430 1.00 27.67  ? 66  TYR C CZ  1 
ATOM   1326 O  OH  . TYR C 1 37 ? 20.109  3.893   -11.975 1.00 28.53  ? 66  TYR C OH  1 
ATOM   1327 N  N   . THR C 1 38 ? 21.690  11.514  -8.435  1.00 21.01  ? 67  THR C N   1 
ATOM   1328 C  CA  . THR C 1 38 ? 21.709  12.932  -8.107  1.00 21.40  ? 67  THR C CA  1 
ATOM   1329 C  C   . THR C 1 38 ? 21.484  13.775  -9.356  1.00 29.86  ? 67  THR C C   1 
ATOM   1330 O  O   . THR C 1 38 ? 21.569  13.275  -10.478 1.00 26.81  ? 67  THR C O   1 
ATOM   1331 C  CB  . THR C 1 38 ? 23.029  13.350  -7.437  1.00 29.84  ? 67  THR C CB  1 
ATOM   1332 O  OG1 . THR C 1 38 ? 24.089  13.325  -8.401  1.00 35.98  ? 67  THR C OG1 1 
ATOM   1333 C  CG2 . THR C 1 38 ? 23.365  12.418  -6.284  1.00 38.00  ? 67  THR C CG2 1 
ATOM   1334 N  N   . LYS C 1 39 ? 21.197  15.056  -9.156  1.00 34.31  ? 68  LYS C N   1 
ATOM   1335 C  CA  . LYS C 1 39 ? 20.894  15.947  -10.268 1.00 35.73  ? 68  LYS C CA  1 
ATOM   1336 C  C   . LYS C 1 39 ? 22.140  16.370  -11.043 1.00 34.32  ? 68  LYS C C   1 
ATOM   1337 O  O   . LYS C 1 39 ? 22.039  16.861  -12.166 1.00 49.01  ? 68  LYS C O   1 
ATOM   1338 C  CB  . LYS C 1 39 ? 20.124  17.175  -9.776  1.00 34.58  ? 68  LYS C CB  1 
ATOM   1339 C  CG  . LYS C 1 39 ? 18.784  16.840  -9.141  1.00 39.88  ? 68  LYS C CG  1 
ATOM   1340 C  CD  . LYS C 1 39 ? 17.978  18.091  -8.839  1.00 59.64  ? 68  LYS C CD  1 
ATOM   1341 C  CE  . LYS C 1 39 ? 16.590  17.735  -8.332  1.00 64.66  ? 68  LYS C CE  1 
ATOM   1342 N  NZ  . LYS C 1 39 ? 15.727  18.937  -8.178  1.00 62.86  ? 68  LYS C NZ  1 
ATOM   1343 N  N   . ASP C 1 40 ? 23.313  16.174  -10.447 1.00 35.34  ? 69  ASP C N   1 
ATOM   1344 C  CA  . ASP C 1 40 ? 24.565  16.522  -11.116 1.00 35.13  ? 69  ASP C CA  1 
ATOM   1345 C  C   . ASP C 1 40 ? 25.172  15.325  -11.846 1.00 36.70  ? 69  ASP C C   1 
ATOM   1346 O  O   . ASP C 1 40 ? 26.366  15.307  -12.142 1.00 40.73  ? 69  ASP C O   1 
ATOM   1347 C  CB  . ASP C 1 40 ? 25.573  17.125  -10.132 1.00 41.38  ? 69  ASP C CB  1 
ATOM   1348 C  CG  . ASP C 1 40 ? 25.993  16.151  -9.051  1.00 53.82  ? 69  ASP C CG  1 
ATOM   1349 O  OD1 . ASP C 1 40 ? 25.115  15.449  -8.511  1.00 52.33  ? 69  ASP C OD1 1 
ATOM   1350 O  OD2 . ASP C 1 40 ? 27.201  16.088  -8.741  1.00 55.99  ? 69  ASP C OD2 1 
ATOM   1351 N  N   . GLY C 1 41 ? 24.341  14.326  -12.131 1.00 29.95  ? 70  GLY C N   1 
ATOM   1352 C  CA  . GLY C 1 41 ? 24.760  13.190  -12.932 1.00 25.59  ? 70  GLY C CA  1 
ATOM   1353 C  C   . GLY C 1 41 ? 25.630  12.182  -12.207 1.00 24.87  ? 70  GLY C C   1 
ATOM   1354 O  O   . GLY C 1 41 ? 26.473  11.528  -12.821 1.00 30.40  ? 70  GLY C O   1 
ATOM   1355 N  N   . ARG C 1 42 ? 25.428  12.051  -10.900 1.00 20.09  ? 71  ARG C N   1 
ATOM   1356 C  CA  . ARG C 1 42 ? 26.140  11.044  -10.122 1.00 20.56  ? 71  ARG C CA  1 
ATOM   1357 C  C   . ARG C 1 42 ? 25.187  9.954   -9.646  1.00 21.07  ? 71  ARG C C   1 
ATOM   1358 O  O   . ARG C 1 42 ? 23.982  10.179  -9.525  1.00 22.65  ? 71  ARG C O   1 
ATOM   1359 C  CB  . ARG C 1 42 ? 26.863  11.679  -8.931  1.00 46.56  ? 71  ARG C CB  1 
ATOM   1360 C  CG  . ARG C 1 42 ? 28.205  12.305  -9.282  1.00 50.66  ? 71  ARG C CG  1 
ATOM   1361 C  CD  . ARG C 1 42 ? 29.361  11.545  -8.643  1.00 49.02  ? 71  ARG C CD  1 
ATOM   1362 N  NE  . ARG C 1 42 ? 29.580  11.940  -7.254  1.00 61.92  ? 71  ARG C NE  1 
ATOM   1363 C  CZ  . ARG C 1 42 ? 30.506  11.409  -6.462  1.00 63.21  ? 71  ARG C CZ  1 
ATOM   1364 N  NH1 . ARG C 1 42 ? 31.301  10.449  -6.915  1.00 63.48  ? 71  ARG C NH1 1 
ATOM   1365 N  NH2 . ARG C 1 42 ? 30.634  11.834  -5.211  1.00 56.48  ? 71  ARG C NH2 1 
ATOM   1366 N  N   . VAL C 1 43 ? 25.733  8.772   -9.382  1.00 19.39  ? 72  VAL C N   1 
ATOM   1367 C  CA  . VAL C 1 43 ? 24.939  7.664   -8.868  1.00 18.12  ? 72  VAL C CA  1 
ATOM   1368 C  C   . VAL C 1 43 ? 25.703  6.898   -7.787  1.00 22.25  ? 72  VAL C C   1 
ATOM   1369 O  O   . VAL C 1 43 ? 26.876  6.567   -7.953  1.00 25.17  ? 72  VAL C O   1 
ATOM   1370 C  CB  . VAL C 1 43 ? 24.482  6.715   -10.004 1.00 28.11  ? 72  VAL C CB  1 
ATOM   1371 C  CG1 . VAL C 1 43 ? 25.650  6.347   -10.903 1.00 29.57  ? 72  VAL C CG1 1 
ATOM   1372 C  CG2 . VAL C 1 43 ? 23.815  5.470   -9.434  1.00 24.97  ? 72  VAL C CG2 1 
ATOM   1373 N  N   . TYR C 1 44 ? 25.029  6.640   -6.670  1.00 28.04  ? 73  TYR C N   1 
ATOM   1374 C  CA  . TYR C 1 44 ? 25.628  5.931   -5.548  1.00 27.16  ? 73  TYR C CA  1 
ATOM   1375 C  C   . TYR C 1 44 ? 24.871  4.642   -5.267  1.00 26.26  ? 73  TYR C C   1 
ATOM   1376 O  O   . TYR C 1 44 ? 23.725  4.479   -5.688  1.00 29.88  ? 73  TYR C O   1 
ATOM   1377 C  CB  . TYR C 1 44 ? 25.606  6.803   -4.289  1.00 25.77  ? 73  TYR C CB  1 
ATOM   1378 C  CG  . TYR C 1 44 ? 26.247  8.161   -4.448  1.00 30.40  ? 73  TYR C CG  1 
ATOM   1379 C  CD1 . TYR C 1 44 ? 25.507  9.253   -4.881  1.00 31.20  ? 73  TYR C CD1 1 
ATOM   1380 C  CD2 . TYR C 1 44 ? 27.590  8.358   -4.150  1.00 29.88  ? 73  TYR C CD2 1 
ATOM   1381 C  CE1 . TYR C 1 44 ? 26.086  10.497  -5.023  1.00 37.14  ? 73  TYR C CE1 1 
ATOM   1382 C  CE2 . TYR C 1 44 ? 28.178  9.601   -4.287  1.00 31.23  ? 73  TYR C CE2 1 
ATOM   1383 C  CZ  . TYR C 1 44 ? 27.420  10.666  -4.725  1.00 41.06  ? 73  TYR C CZ  1 
ATOM   1384 O  OH  . TYR C 1 44 ? 27.995  11.909  -4.865  1.00 39.95  ? 73  TYR C OH  1 
ATOM   1385 N  N   . GLU C 1 45 ? 25.514  3.732   -4.546  1.00 22.73  ? 74  GLU C N   1 
ATOM   1386 C  CA  . GLU C 1 45 ? 24.845  2.529   -4.071  1.00 26.85  ? 74  GLU C CA  1 
ATOM   1387 C  C   . GLU C 1 45 ? 24.900  2.460   -2.550  1.00 30.35  ? 74  GLU C C   1 
ATOM   1388 O  O   . GLU C 1 45 ? 25.939  2.723   -1.943  1.00 27.12  ? 74  GLU C O   1 
ATOM   1389 C  CB  . GLU C 1 45 ? 25.458  1.274   -4.697  1.00 37.77  ? 74  GLU C CB  1 
ATOM   1390 C  CG  . GLU C 1 45 ? 25.303  1.202   -6.208  1.00 46.51  ? 74  GLU C CG  1 
ATOM   1391 C  CD  . GLU C 1 45 ? 25.639  -0.167  -6.767  1.00 59.79  ? 74  GLU C CD  1 
ATOM   1392 O  OE1 . GLU C 1 45 ? 25.865  -1.099  -5.967  1.00 55.78  ? 74  GLU C OE1 1 
ATOM   1393 O  OE2 . GLU C 1 45 ? 25.674  -0.311  -8.008  1.00 59.31  ? 74  GLU C OE2 1 
ATOM   1394 N  N   . VAL C 1 46 ? 23.768  2.118   -1.942  1.00 22.02  ? 75  VAL C N   1 
ATOM   1395 C  CA  . VAL C 1 46 ? 23.647  2.054   -0.493  1.00 24.91  ? 75  VAL C CA  1 
ATOM   1396 C  C   . VAL C 1 46 ? 23.208  0.660   -0.066  1.00 27.70  ? 75  VAL C C   1 
ATOM   1397 O  O   . VAL C 1 46 ? 22.188  0.159   -0.531  1.00 24.30  ? 75  VAL C O   1 
ATOM   1398 C  CB  . VAL C 1 46 ? 22.600  3.062   0.019   1.00 25.51  ? 75  VAL C CB  1 
ATOM   1399 C  CG1 . VAL C 1 46 ? 22.516  3.023   1.535   1.00 31.39  ? 75  VAL C CG1 1 
ATOM   1400 C  CG2 . VAL C 1 46 ? 22.922  4.466   -0.470  1.00 25.38  ? 75  VAL C CG2 1 
ATOM   1401 N  N   . ASP C 1 47 ? 23.976  0.029   0.814   1.00 30.58  ? 76  ASP C N   1 
ATOM   1402 C  CA  . ASP C 1 47 ? 23.586  -1.273  1.345   1.00 33.16  ? 76  ASP C CA  1 
ATOM   1403 C  C   . ASP C 1 47 ? 22.638  -1.094  2.525   1.00 34.91  ? 76  ASP C C   1 
ATOM   1404 O  O   . ASP C 1 47 ? 23.065  -0.734  3.621   1.00 39.57  ? 76  ASP C O   1 
ATOM   1405 C  CB  . ASP C 1 47 ? 24.815  -2.078  1.768   1.00 41.60  ? 76  ASP C CB  1 
ATOM   1406 C  CG  . ASP C 1 47 ? 25.676  -2.488  0.591   1.00 58.40  ? 76  ASP C CG  1 
ATOM   1407 O  OD1 . ASP C 1 47 ? 25.126  -2.654  -0.519  1.00 53.67  ? 76  ASP C OD1 1 
ATOM   1408 O  OD2 . ASP C 1 47 ? 26.901  -2.647  0.773   1.00 68.75  ? 76  ASP C OD2 1 
ATOM   1409 N  N   . ALA C 1 48 ? 21.353  -1.343  2.295   1.00 24.82  ? 77  ALA C N   1 
ATOM   1410 C  CA  . ALA C 1 48 ? 20.347  -1.148  3.332   1.00 28.03  ? 77  ALA C CA  1 
ATOM   1411 C  C   . ALA C 1 48 ? 19.101  -1.996  3.097   1.00 28.35  ? 77  ALA C C   1 
ATOM   1412 O  O   . ALA C 1 48 ? 18.116  -1.513  2.541   1.00 26.49  ? 77  ALA C O   1 
ATOM   1413 C  CB  . ALA C 1 48 ? 19.971  0.319   3.431   1.00 22.88  ? 77  ALA C CB  1 
ATOM   1414 N  N   . PRO C 1 49 ? 19.139  -3.264  3.534   1.00 26.27  ? 78  PRO C N   1 
ATOM   1415 C  CA  . PRO C 1 49 ? 17.997  -4.178  3.409   1.00 26.80  ? 78  PRO C CA  1 
ATOM   1416 C  C   . PRO C 1 49 ? 16.786  -3.720  4.222   1.00 26.80  ? 78  PRO C C   1 
ATOM   1417 O  O   . PRO C 1 49 ? 15.672  -4.185  3.980   1.00 28.83  ? 78  PRO C O   1 
ATOM   1418 C  CB  . PRO C 1 49 ? 18.543  -5.497  3.968   1.00 28.05  ? 78  PRO C CB  1 
ATOM   1419 C  CG  . PRO C 1 49 ? 19.688  -5.101  4.838   1.00 24.97  ? 78  PRO C CG  1 
ATOM   1420 C  CD  . PRO C 1 49 ? 20.298  -3.914  4.167   1.00 26.08  ? 78  PRO C CD  1 
ATOM   1421 N  N   . TRP C 1 50 ? 17.006  -2.813  5.170   1.00 30.78  ? 79  TRP C N   1 
ATOM   1422 C  CA  . TRP C 1 50 ? 15.933  -2.298  6.013   1.00 24.36  ? 79  TRP C CA  1 
ATOM   1423 C  C   . TRP C 1 50 ? 15.212  -1.126  5.358   1.00 25.24  ? 79  TRP C C   1 
ATOM   1424 O  O   . TRP C 1 50 ? 14.154  -0.703  5.821   1.00 28.57  ? 79  TRP C O   1 
ATOM   1425 C  CB  . TRP C 1 50 ? 16.492  -1.857  7.366   1.00 24.96  ? 79  TRP C CB  1 
ATOM   1426 C  CG  . TRP C 1 50 ? 17.575  -0.828  7.245   1.00 24.63  ? 79  TRP C CG  1 
ATOM   1427 C  CD1 . TRP C 1 50 ? 17.415  0.523   7.128   1.00 26.33  ? 79  TRP C CD1 1 
ATOM   1428 C  CD2 . TRP C 1 50 ? 18.984  -1.066  7.226   1.00 23.62  ? 79  TRP C CD2 1 
ATOM   1429 N  NE1 . TRP C 1 50 ? 18.638  1.140   7.037   1.00 23.05  ? 79  TRP C NE1 1 
ATOM   1430 C  CE2 . TRP C 1 50 ? 19.625  0.180   7.096   1.00 23.55  ? 79  TRP C CE2 1 
ATOM   1431 C  CE3 . TRP C 1 50 ? 19.777  -2.218  7.308   1.00 28.47  ? 79  TRP C CE3 1 
ATOM   1432 C  CZ2 . TRP C 1 50 ? 21.007  0.318   7.046   1.00 27.65  ? 79  TRP C CZ2 1 
ATOM   1433 C  CZ3 . TRP C 1 50 ? 21.152  -2.086  7.257   1.00 27.43  ? 79  TRP C CZ3 1 
ATOM   1434 C  CH2 . TRP C 1 50 ? 21.753  -0.827  7.127   1.00 29.82  ? 79  TRP C CH2 1 
ATOM   1435 N  N   . ALA C 1 51 ? 15.789  -0.604  4.281   1.00 23.68  ? 80  ALA C N   1 
ATOM   1436 C  CA  . ALA C 1 51 ? 15.257  0.588   3.624   1.00 32.14  ? 80  ALA C CA  1 
ATOM   1437 C  C   . ALA C 1 51 ? 13.873  0.371   3.009   1.00 38.30  ? 80  ALA C C   1 
ATOM   1438 O  O   . ALA C 1 51 ? 13.161  1.330   2.715   1.00 35.84  ? 80  ALA C O   1 
ATOM   1439 C  CB  . ALA C 1 51 ? 16.232  1.091   2.571   1.00 28.14  ? 80  ALA C CB  1 
ATOM   1440 N  N   . VAL C 1 52 ? 13.497  -0.890  2.824   1.00 37.40  ? 81  VAL C N   1 
ATOM   1441 C  CA  . VAL C 1 52 ? 12.195  -1.233  2.263   1.00 32.75  ? 81  VAL C CA  1 
ATOM   1442 C  C   . VAL C 1 52 ? 11.102  -1.136  3.334   1.00 40.68  ? 81  VAL C C   1 
ATOM   1443 O  O   . VAL C 1 52 ? 9.908   -1.186  3.035   1.00 45.53  ? 81  VAL C O   1 
ATOM   1444 C  CB  . VAL C 1 52 ? 12.226  -2.646  1.627   1.00 33.11  ? 81  VAL C CB  1 
ATOM   1445 C  CG1 . VAL C 1 52 ? 12.354  -3.715  2.700   1.00 40.07  ? 81  VAL C CG1 1 
ATOM   1446 C  CG2 . VAL C 1 52 ? 11.002  -2.888  0.757   1.00 38.01  ? 81  VAL C CG2 1 
ATOM   1447 N  N   . ASN C 1 53 ? 11.519  -0.970  4.585   1.00 42.61  ? 82  ASN C N   1 
ATOM   1448 C  CA  . ASN C 1 53 ? 10.579  -0.894  5.698   1.00 50.58  ? 82  ASN C CA  1 
ATOM   1449 C  C   . ASN C 1 53 ? 10.483  0.510   6.294   1.00 51.35  ? 82  ASN C C   1 
ATOM   1450 O  O   . ASN C 1 53 ? 9.646   0.772   7.159   1.00 46.52  ? 82  ASN C O   1 
ATOM   1451 C  CB  . ASN C 1 53 ? 10.964  -1.900  6.784   1.00 48.92  ? 82  ASN C CB  1 
ATOM   1452 C  CG  . ASN C 1 53 ? 11.045  -3.321  6.258   1.00 51.45  ? 82  ASN C CG  1 
ATOM   1453 O  OD1 . ASN C 1 53 ? 12.122  -3.915  6.205   1.00 52.55  ? 82  ASN C OD1 1 
ATOM   1454 N  ND2 . ASN C 1 53 ? 9.902   -3.873  5.871   1.00 54.16  ? 82  ASN C ND2 1 
ATOM   1455 N  N   . ASP C 1 54 ? 11.345  1.406   5.822   1.00 35.81  ? 83  ASP C N   1 
ATOM   1456 C  CA  . ASP C 1 54 ? 11.410  2.774   6.327   1.00 40.40  ? 83  ASP C CA  1 
ATOM   1457 C  C   . ASP C 1 54 ? 10.353  3.648   5.652   1.00 42.17  ? 83  ASP C C   1 
ATOM   1458 O  O   . ASP C 1 54 ? 10.675  4.459   4.782   1.00 30.60  ? 83  ASP C O   1 
ATOM   1459 C  CB  . ASP C 1 54 ? 12.808  3.349   6.069   1.00 58.88  ? 83  ASP C CB  1 
ATOM   1460 C  CG  . ASP C 1 54 ? 13.063  4.652   6.809   1.00 65.38  ? 83  ASP C CG  1 
ATOM   1461 O  OD1 . ASP C 1 54 ? 12.107  5.248   7.348   1.00 64.49  ? 83  ASP C OD1 1 
ATOM   1462 O  OD2 . ASP C 1 54 ? 14.234  5.085   6.843   1.00 68.87  ? 83  ASP C OD2 1 
ATOM   1463 N  N   . SER C 1 55 ? 9.098   3.487   6.065   1.00 46.07  ? 84  SER C N   1 
ATOM   1464 C  CA  . SER C 1 55 ? 7.981   4.189   5.432   1.00 41.84  ? 84  SER C CA  1 
ATOM   1465 C  C   . SER C 1 55 ? 8.104   5.713   5.488   1.00 44.07  ? 84  SER C C   1 
ATOM   1466 O  O   . SER C 1 55 ? 7.699   6.403   4.553   1.00 44.80  ? 84  SER C O   1 
ATOM   1467 C  CB  . SER C 1 55 ? 6.643   3.729   6.020   1.00 58.80  ? 84  SER C CB  1 
ATOM   1468 O  OG  . SER C 1 55 ? 6.681   3.711   7.436   1.00 65.15  ? 84  SER C OG  1 
ATOM   1469 N  N   . GLN C 1 56 ? 8.663   6.227   6.580   1.00 49.25  ? 85  GLN C N   1 
ATOM   1470 C  CA  . GLN C 1 56 ? 8.896   7.662   6.727   1.00 50.19  ? 85  GLN C CA  1 
ATOM   1471 C  C   . GLN C 1 56 ? 9.742   8.198   5.570   1.00 37.61  ? 85  GLN C C   1 
ATOM   1472 O  O   . GLN C 1 56 ? 9.409   9.216   4.946   1.00 43.85  ? 85  GLN C O   1 
ATOM   1473 C  CB  . GLN C 1 56 ? 9.593   7.954   8.063   1.00 64.72  ? 85  GLN C CB  1 
ATOM   1474 C  CG  . GLN C 1 56 ? 8.775   7.598   9.299   1.00 73.36  ? 85  GLN C CG  1 
ATOM   1475 C  CD  . GLN C 1 56 ? 9.561   7.753   10.592  1.00 85.92  ? 85  GLN C CD  1 
ATOM   1476 O  OE1 . GLN C 1 56 ? 10.715  7.333   10.686  1.00 85.44  ? 85  GLN C OE1 1 
ATOM   1477 N  NE2 . GLN C 1 56 ? 8.937   8.363   11.595  1.00 90.68  ? 85  GLN C NE2 1 
ATOM   1478 N  N   . LEU C 1 57 ? 10.826  7.487   5.279   1.00 33.31  ? 86  LEU C N   1 
ATOM   1479 C  CA  . LEU C 1 57 ? 11.773  7.905   4.253   1.00 34.46  ? 86  LEU C CA  1 
ATOM   1480 C  C   . LEU C 1 57 ? 11.173  7.887   2.850   1.00 27.59  ? 86  LEU C C   1 
ATOM   1481 O  O   . LEU C 1 57 ? 11.324  8.846   2.098   1.00 30.86  ? 86  LEU C O   1 
ATOM   1482 C  CB  . LEU C 1 57 ? 13.027  7.033   4.294   1.00 41.34  ? 86  LEU C CB  1 
ATOM   1483 C  CG  . LEU C 1 57 ? 14.139  7.482   3.346   1.00 41.14  ? 86  LEU C CG  1 
ATOM   1484 C  CD1 . LEU C 1 57 ? 14.625  8.873   3.724   1.00 46.99  ? 86  LEU C CD1 1 
ATOM   1485 C  CD2 . LEU C 1 57 ? 15.284  6.489   3.351   1.00 43.00  ? 86  LEU C CD2 1 
ATOM   1486 N  N   . ILE C 1 58 ? 10.507  6.793   2.495   1.00 25.46  ? 87  ILE C N   1 
ATOM   1487 C  CA  . ILE C 1 58 ? 9.884   6.679   1.180   1.00 27.33  ? 87  ILE C CA  1 
ATOM   1488 C  C   . ILE C 1 58 ? 8.797   7.739   1.033   1.00 25.90  ? 87  ILE C C   1 
ATOM   1489 O  O   . ILE C 1 58 ? 8.631   8.344   -0.035  1.00 19.41  ? 87  ILE C O   1 
ATOM   1490 C  CB  . ILE C 1 58 ? 9.301   5.270   0.954   1.00 30.26  ? 87  ILE C CB  1 
ATOM   1491 C  CG1 . ILE C 1 58 ? 10.413  4.221   1.044   1.00 26.69  ? 87  ILE C CG1 1 
ATOM   1492 C  CG2 . ILE C 1 58 ? 8.602   5.184   -0.393  1.00 24.66  ? 87  ILE C CG2 1 
ATOM   1493 C  CD1 . ILE C 1 58 ? 9.956   2.810   0.752   1.00 27.31  ? 87  ILE C CD1 1 
ATOM   1494 N  N   . GLU C 1 59 ? 8.079   7.977   2.127   1.00 28.59  ? 88  GLU C N   1 
ATOM   1495 C  CA  . GLU C 1 59 ? 7.038   8.995   2.169   1.00 30.92  ? 88  GLU C CA  1 
ATOM   1496 C  C   . GLU C 1 59 ? 7.578   10.392  1.880   1.00 27.93  ? 88  GLU C C   1 
ATOM   1497 O  O   . GLU C 1 59 ? 7.000   11.127  1.078   1.00 30.43  ? 88  GLU C O   1 
ATOM   1498 C  CB  . GLU C 1 59 ? 6.327   8.981   3.522   1.00 57.55  ? 88  GLU C CB  1 
ATOM   1499 C  CG  . GLU C 1 59 ? 5.231   10.018  3.654   1.00 65.85  ? 88  GLU C CG  1 
ATOM   1500 C  CD  . GLU C 1 59 ? 4.386   9.812   4.894   1.00 91.66  ? 88  GLU C CD  1 
ATOM   1501 O  OE1 . GLU C 1 59 ? 4.736   8.938   5.715   1.00 89.57  ? 88  GLU C OE1 1 
ATOM   1502 O  OE2 . GLU C 1 59 ? 3.369   10.521  5.044   1.00 111.45 ? 88  GLU C OE2 1 
ATOM   1503 N  N   . LYS C 1 60 ? 8.680   10.764  2.529   1.00 26.81  ? 89  LYS C N   1 
ATOM   1504 C  CA  . LYS C 1 60 ? 9.260   12.085  2.273   1.00 32.80  ? 89  LYS C CA  1 
ATOM   1505 C  C   . LYS C 1 60 ? 9.902   12.175  0.884   1.00 25.77  ? 89  LYS C C   1 
ATOM   1506 O  O   . LYS C 1 60 ? 9.852   13.228  0.232   1.00 22.02  ? 89  LYS C O   1 
ATOM   1507 C  CB  . LYS C 1 60 ? 10.235  12.509  3.380   1.00 60.04  ? 89  LYS C CB  1 
ATOM   1508 C  CG  . LYS C 1 60 ? 11.439  11.606  3.581   1.00 58.76  ? 89  LYS C CG  1 
ATOM   1509 C  CD  . LYS C 1 60 ? 12.322  12.127  4.713   1.00 69.38  ? 89  LYS C CD  1 
ATOM   1510 C  CE  . LYS C 1 60 ? 11.514  12.390  5.979   1.00 76.58  ? 89  LYS C CE  1 
ATOM   1511 N  NZ  . LYS C 1 60 ? 12.344  12.921  7.098   1.00 103.60 ? 89  LYS C NZ  1 
ATOM   1512 N  N   . LEU C 1 61 ? 10.484  11.065  0.437   1.00 25.52  ? 90  LEU C N   1 
ATOM   1513 C  CA  . LEU C 1 61 ? 11.024  10.962  -0.915  1.00 21.82  ? 90  LEU C CA  1 
ATOM   1514 C  C   . LEU C 1 61 ? 9.957   11.327  -1.939  1.00 19.84  ? 90  LEU C C   1 
ATOM   1515 O  O   . LEU C 1 61 ? 10.151  12.225  -2.760  1.00 20.41  ? 90  LEU C O   1 
ATOM   1516 C  CB  . LEU C 1 61 ? 11.535  9.544   -1.190  1.00 18.59  ? 90  LEU C CB  1 
ATOM   1517 C  CG  . LEU C 1 61 ? 12.920  9.153   -0.668  1.00 20.60  ? 90  LEU C CG  1 
ATOM   1518 C  CD1 . LEU C 1 61 ? 13.201  7.684   -0.947  1.00 21.72  ? 90  LEU C CD1 1 
ATOM   1519 C  CD2 . LEU C 1 61 ? 13.986  10.028  -1.300  1.00 28.49  ? 90  LEU C CD2 1 
ATOM   1520 N  N   . VAL C 1 62 ? 8.828   10.626  -1.880  1.00 17.44  ? 91  VAL C N   1 
ATOM   1521 C  CA  . VAL C 1 62 ? 7.711   10.906  -2.778  1.00 15.02  ? 91  VAL C CA  1 
ATOM   1522 C  C   . VAL C 1 62 ? 7.183   12.325  -2.581  1.00 21.39  ? 91  VAL C C   1 
ATOM   1523 O  O   . VAL C 1 62 ? 6.871   13.021  -3.548  1.00 22.30  ? 91  VAL C O   1 
ATOM   1524 C  CB  . VAL C 1 62 ? 6.562   9.896   -2.578  1.00 26.84  ? 91  VAL C CB  1 
ATOM   1525 C  CG1 . VAL C 1 62 ? 5.356   10.282  -3.420  1.00 26.11  ? 91  VAL C CG1 1 
ATOM   1526 C  CG2 . VAL C 1 62 ? 7.028   8.490   -2.923  1.00 24.22  ? 91  VAL C CG2 1 
ATOM   1527 N  N   . SER C 1 63 ? 7.103   12.754  -1.325  1.00 22.41  ? 92  SER C N   1 
ATOM   1528 C  CA  . SER C 1 63 ? 6.590   14.080  -0.995  1.00 24.81  ? 92  SER C CA  1 
ATOM   1529 C  C   . SER C 1 63 ? 7.411   15.190  -1.647  1.00 27.66  ? 92  SER C C   1 
ATOM   1530 O  O   . SER C 1 63 ? 6.894   16.274  -1.921  1.00 23.41  ? 92  SER C O   1 
ATOM   1531 C  CB  . SER C 1 63 ? 6.563   14.284  0.520   1.00 33.92  ? 92  SER C CB  1 
ATOM   1532 O  OG  . SER C 1 63 ? 7.837   14.670  1.001   1.00 39.15  ? 92  SER C OG  1 
ATOM   1533 N  N   . LYS C 1 64 ? 8.689   14.920  -1.894  1.00 26.11  ? 93  LYS C N   1 
ATOM   1534 C  CA  . LYS C 1 64 ? 9.545   15.906  -2.549  1.00 26.86  ? 93  LYS C CA  1 
ATOM   1535 C  C   . LYS C 1 64 ? 9.597   15.731  -4.069  1.00 29.18  ? 93  LYS C C   1 
ATOM   1536 O  O   . LYS C 1 64 ? 10.404  16.364  -4.748  1.00 31.83  ? 93  LYS C O   1 
ATOM   1537 C  CB  . LYS C 1 64 ? 10.951  15.881  -1.946  1.00 34.14  ? 93  LYS C CB  1 
ATOM   1538 C  CG  . LYS C 1 64 ? 10.964  16.192  -0.458  1.00 36.76  ? 93  LYS C CG  1 
ATOM   1539 C  CD  . LYS C 1 64 ? 12.368  16.157  0.120   1.00 40.26  ? 93  LYS C CD  1 
ATOM   1540 C  CE  . LYS C 1 64 ? 13.196  17.335  -0.359  1.00 42.09  ? 93  LYS C CE  1 
ATOM   1541 N  NZ  . LYS C 1 64 ? 14.503  17.407  0.351   1.00 40.68  ? 93  LYS C NZ  1 
ATOM   1542 N  N   . GLY C 1 65 ? 8.727   14.875  -4.597  1.00 21.91  ? 94  GLY C N   1 
ATOM   1543 C  CA  . GLY C 1 65 ? 8.630   14.676  -6.032  1.00 22.32  ? 94  GLY C CA  1 
ATOM   1544 C  C   . GLY C 1 65 ? 9.760   13.843  -6.607  1.00 26.15  ? 94  GLY C C   1 
ATOM   1545 O  O   . GLY C 1 65 ? 9.915   13.744  -7.823  1.00 22.51  ? 94  GLY C O   1 
ATOM   1546 N  N   . ILE C 1 66 ? 10.552  13.243  -5.726  1.00 21.49  ? 95  ILE C N   1 
ATOM   1547 C  CA  . ILE C 1 66 ? 11.657  12.391  -6.145  1.00 22.72  ? 95  ILE C CA  1 
ATOM   1548 C  C   . ILE C 1 66 ? 11.124  11.061  -6.666  1.00 24.39  ? 95  ILE C C   1 
ATOM   1549 O  O   . ILE C 1 66 ? 10.293  10.424  -6.020  1.00 20.03  ? 95  ILE C O   1 
ATOM   1550 C  CB  . ILE C 1 66 ? 12.633  12.143  -4.982  1.00 20.94  ? 95  ILE C CB  1 
ATOM   1551 C  CG1 . ILE C 1 66 ? 13.216  13.471  -4.496  1.00 24.61  ? 95  ILE C CG1 1 
ATOM   1552 C  CG2 . ILE C 1 66 ? 13.741  11.187  -5.400  1.00 23.41  ? 95  ILE C CG2 1 
ATOM   1553 C  CD1 . ILE C 1 66 ? 14.018  13.359  -3.220  1.00 21.81  ? 95  ILE C CD1 1 
ATOM   1554 N  N   . LYS C 1 67 ? 11.591  10.654  -7.842  1.00 22.26  ? 96  LYS C N   1 
ATOM   1555 C  CA  . LYS C 1 67 ? 11.139  9.402   -8.440  1.00 19.44  ? 96  LYS C CA  1 
ATOM   1556 C  C   . LYS C 1 67 ? 11.614  8.199   -7.636  1.00 21.84  ? 96  LYS C C   1 
ATOM   1557 O  O   . LYS C 1 67 ? 12.814  7.979   -7.477  1.00 24.97  ? 96  LYS C O   1 
ATOM   1558 C  CB  . LYS C 1 67 ? 11.619  9.276   -9.886  1.00 20.94  ? 96  LYS C CB  1 
ATOM   1559 C  CG  . LYS C 1 67 ? 11.249  7.945   -10.521 1.00 28.12  ? 96  LYS C CG  1 
ATOM   1560 C  CD  . LYS C 1 67 ? 11.798  7.809   -11.929 1.00 34.30  ? 96  LYS C CD  1 
ATOM   1561 C  CE  . LYS C 1 67 ? 11.489  6.433   -12.498 1.00 31.23  ? 96  LYS C CE  1 
ATOM   1562 N  NZ  . LYS C 1 67 ? 11.992  6.272   -13.889 1.00 44.39  ? 96  LYS C NZ  1 
ATOM   1563 N  N   . VAL C 1 68 ? 10.661  7.426   -7.129  1.00 19.11  ? 97  VAL C N   1 
ATOM   1564 C  CA  . VAL C 1 68 ? 10.970  6.226   -6.367  1.00 21.99  ? 97  VAL C CA  1 
ATOM   1565 C  C   . VAL C 1 68 ? 10.391  5.007   -7.072  1.00 21.52  ? 97  VAL C C   1 
ATOM   1566 O  O   . VAL C 1 68 ? 9.211   4.985   -7.420  1.00 20.10  ? 97  VAL C O   1 
ATOM   1567 C  CB  . VAL C 1 68 ? 10.390  6.299   -4.944  1.00 23.94  ? 97  VAL C CB  1 
ATOM   1568 C  CG1 . VAL C 1 68 ? 10.816  5.084   -4.136  1.00 29.38  ? 97  VAL C CG1 1 
ATOM   1569 C  CG2 . VAL C 1 68 ? 10.828  7.582   -4.257  1.00 20.94  ? 97  VAL C CG2 1 
ATOM   1570 N  N   . SER C 1 69 ? 11.225  3.997   -7.287  1.00 17.72  ? 98  SER C N   1 
ATOM   1571 C  CA  . SER C 1 69 ? 10.768  2.765   -7.919  1.00 19.23  ? 98  SER C CA  1 
ATOM   1572 C  C   . SER C 1 69 ? 11.457  1.551   -7.316  1.00 24.51  ? 98  SER C C   1 
ATOM   1573 O  O   . SER C 1 69 ? 12.565  1.647   -6.791  1.00 20.92  ? 98  SER C O   1 
ATOM   1574 C  CB  . SER C 1 69 ? 11.005  2.808   -9.432  1.00 23.82  ? 98  SER C CB  1 
ATOM   1575 O  OG  . SER C 1 69 ? 12.390  2.840   -9.732  1.00 30.75  ? 98  SER C OG  1 
ATOM   1576 N  N   . GLY C 1 70 ? 10.788  0.407   -7.389  1.00 18.86  ? 99  GLY C N   1 
ATOM   1577 C  CA  . GLY C 1 70 ? 11.372  -0.840  -6.941  1.00 20.91  ? 99  GLY C CA  1 
ATOM   1578 C  C   . GLY C 1 70 ? 11.817  -1.658  -8.135  1.00 20.46  ? 99  GLY C C   1 
ATOM   1579 O  O   . GLY C 1 70 ? 11.308  -1.475  -9.240  1.00 23.87  ? 99  GLY C O   1 
ATOM   1580 N  N   . GLU C 1 71 ? 12.774  -2.552  -7.919  1.00 21.83  ? 100 GLU C N   1 
ATOM   1581 C  CA  . GLU C 1 71 ? 13.229  -3.442  -8.980  1.00 28.60  ? 100 GLU C CA  1 
ATOM   1582 C  C   . GLU C 1 71 ? 13.608  -4.805  -8.413  1.00 27.47  ? 100 GLU C C   1 
ATOM   1583 O  O   . GLU C 1 71 ? 13.930  -4.929  -7.230  1.00 24.06  ? 100 GLU C O   1 
ATOM   1584 C  CB  . GLU C 1 71 ? 14.390  -2.815  -9.761  1.00 44.58  ? 100 GLU C CB  1 
ATOM   1585 C  CG  . GLU C 1 71 ? 15.737  -3.492  -9.572  1.00 55.46  ? 100 GLU C CG  1 
ATOM   1586 C  CD  . GLU C 1 71 ? 16.801  -2.928  -10.496 1.00 63.18  ? 100 GLU C CD  1 
ATOM   1587 O  OE1 . GLU C 1 71 ? 16.511  -1.940  -11.202 1.00 61.02  ? 100 GLU C OE1 1 
ATOM   1588 O  OE2 . GLU C 1 71 ? 17.923  -3.475  -10.519 1.00 67.80  ? 100 GLU C OE2 1 
ATOM   1589 N  N   . ARG C 1 72 ? 13.552  -5.830  -9.259  1.00 24.72  ? 101 ARG C N   1 
ATOM   1590 C  CA  . ARG C 1 72 ? 13.814  -7.195  -8.821  1.00 40.05  ? 101 ARG C CA  1 
ATOM   1591 C  C   . ARG C 1 72 ? 14.424  -8.033  -9.941  1.00 40.86  ? 101 ARG C C   1 
ATOM   1592 O  O   . ARG C 1 72 ? 14.624  -7.548  -11.057 1.00 49.43  ? 101 ARG C O   1 
ATOM   1593 C  CB  . ARG C 1 72 ? 12.520  -7.841  -8.320  1.00 30.34  ? 101 ARG C CB  1 
ATOM   1594 C  CG  . ARG C 1 72 ? 11.414  -7.908  -9.367  1.00 30.00  ? 101 ARG C CG  1 
ATOM   1595 C  CD  . ARG C 1 72 ? 10.120  -8.417  -8.764  1.00 31.55  ? 101 ARG C CD  1 
ATOM   1596 N  NE  . ARG C 1 72 ? 9.580   -7.480  -7.785  1.00 32.08  ? 101 ARG C NE  1 
ATOM   1597 C  CZ  . ARG C 1 72 ? 8.639   -7.789  -6.900  1.00 33.12  ? 101 ARG C CZ  1 
ATOM   1598 N  NH1 . ARG C 1 72 ? 8.140   -9.016  -6.866  1.00 30.94  ? 101 ARG C NH1 1 
ATOM   1599 N  NH2 . ARG C 1 72 ? 8.206   -6.875  -6.042  1.00 23.60  ? 101 ARG C NH2 1 
HETATM 1600 O  O   . HOH D 2 .  ? 7.868   1.242   -8.133  1.00 26.38  ? 201 HOH A O   1 
HETATM 1601 O  O   . HOH D 2 .  ? 6.393   6.289   -14.027 1.00 27.01  ? 202 HOH A O   1 
HETATM 1602 O  O   . HOH D 2 .  ? -0.810  -13.274 1.051   1.00 31.35  ? 203 HOH A O   1 
HETATM 1603 O  O   . HOH D 2 .  ? 11.206  -5.057  -5.712  1.00 31.52  ? 204 HOH A O   1 
HETATM 1604 O  O   . HOH D 2 .  ? -15.976 2.183   -3.767  1.00 23.27  ? 205 HOH A O   1 
HETATM 1605 O  O   . HOH D 2 .  ? 2.583   13.239  -1.880  1.00 39.80  ? 206 HOH A O   1 
HETATM 1606 O  O   . HOH D 2 .  ? 5.861   -4.911  -14.722 1.00 43.27  ? 207 HOH A O   1 
HETATM 1607 O  O   . HOH D 2 .  ? -13.628 2.502   -7.743  1.00 30.83  ? 208 HOH A O   1 
HETATM 1608 O  O   . HOH D 2 .  ? -9.781  -7.690  -9.203  1.00 38.46  ? 209 HOH A O   1 
HETATM 1609 O  O   . HOH D 2 .  ? -5.652  -14.521 -5.000  1.00 37.18  ? 210 HOH A O   1 
HETATM 1610 O  O   . HOH D 2 .  ? 8.281   8.628   -12.337 1.00 39.40  ? 211 HOH A O   1 
HETATM 1611 O  O   . HOH D 2 .  ? 2.755   15.277  0.041   1.00 35.71  ? 212 HOH A O   1 
HETATM 1612 O  O   . HOH D 2 .  ? -12.686 -5.176  -10.048 1.00 36.65  ? 213 HOH A O   1 
HETATM 1613 O  O   . HOH D 2 .  ? -10.256 7.628   -8.165  1.00 38.37  ? 214 HOH A O   1 
HETATM 1614 O  O   . HOH D 2 .  ? -9.454  -10.109 -3.876  1.00 38.92  ? 215 HOH A O   1 
HETATM 1615 O  O   . HOH D 2 .  ? 0.264   -8.314  -11.951 1.00 38.92  ? 216 HOH A O   1 
HETATM 1616 O  O   . HOH D 2 .  ? -7.734  -8.151  -10.989 1.00 34.21  ? 217 HOH A O   1 
HETATM 1617 O  O   . HOH D 2 .  ? -13.540 10.022  -3.874  1.00 44.81  ? 218 HOH A O   1 
HETATM 1618 O  O   . HOH D 2 .  ? -14.611 2.748   -10.782 1.00 44.50  ? 219 HOH A O   1 
HETATM 1619 O  O   . HOH D 2 .  ? -17.355 3.007   -5.914  1.00 38.85  ? 220 HOH A O   1 
HETATM 1620 O  O   . HOH D 2 .  ? -10.442 4.086   5.395   1.00 38.01  ? 221 HOH A O   1 
HETATM 1621 O  O   . HOH D 2 .  ? 0.147   -3.594  -18.693 1.00 41.53  ? 222 HOH A O   1 
HETATM 1622 O  O   . HOH D 2 .  ? -4.408  13.675  -1.849  1.00 45.40  ? 223 HOH A O   1 
HETATM 1623 O  O   . HOH D 2 .  ? -1.584  -8.920  -0.597  1.00 18.59  ? 224 HOH A O   1 
HETATM 1624 O  O   . HOH D 2 .  ? -2.468  7.255   -21.251 1.00 41.78  ? 225 HOH A O   1 
HETATM 1625 O  O   . HOH D 2 .  ? -15.884 2.372   -12.652 1.00 39.54  ? 226 HOH A O   1 
HETATM 1626 O  O   . HOH D 2 .  ? -14.501 -0.255  -12.996 1.00 44.10  ? 227 HOH A O   1 
HETATM 1627 O  O   . HOH D 2 .  ? 0.569   -8.192  1.253   1.00 42.95  ? 228 HOH A O   1 
HETATM 1628 O  O   . HOH D 2 .  ? -1.872  14.690  -0.594  1.00 43.95  ? 229 HOH A O   1 
HETATM 1629 O  O   . HOH D 2 .  ? -4.807  16.890  -12.428 1.00 51.14  ? 230 HOH A O   1 
HETATM 1630 O  O   . HOH E 2 .  ? -30.370 7.077   8.206   1.00 20.36  ? 201 HOH B O   1 
HETATM 1631 O  O   . HOH E 2 .  ? -25.585 3.550   4.841   1.00 24.31  ? 202 HOH B O   1 
HETATM 1632 O  O   . HOH E 2 .  ? -24.387 7.186   10.257  1.00 24.05  ? 203 HOH B O   1 
HETATM 1633 O  O   . HOH E 2 .  ? -10.418 -9.696  -1.455  1.00 16.96  ? 204 HOH B O   1 
HETATM 1634 O  O   . HOH E 2 .  ? -2.513  -11.533 -0.413  1.00 21.96  ? 205 HOH B O   1 
HETATM 1635 O  O   . HOH E 2 .  ? -26.955 -19.067 3.650   1.00 34.09  ? 206 HOH B O   1 
HETATM 1636 O  O   . HOH E 2 .  ? -9.068  -7.654  -0.657  1.00 21.47  ? 207 HOH B O   1 
HETATM 1637 O  O   . HOH E 2 .  ? -21.603 0.353   11.359  1.00 25.73  ? 208 HOH B O   1 
HETATM 1638 O  O   . HOH E 2 .  ? -23.164 -3.536  5.582   1.00 25.87  ? 209 HOH B O   1 
HETATM 1639 O  O   . HOH E 2 .  ? -23.837 -15.474 7.398   1.00 19.90  ? 210 HOH B O   1 
HETATM 1640 O  O   . HOH E 2 .  ? -20.279 2.654   4.089   1.00 21.63  ? 211 HOH B O   1 
HETATM 1641 O  O   . HOH E 2 .  ? 0.022   -10.456 7.277   1.00 39.16  ? 212 HOH B O   1 
HETATM 1642 O  O   . HOH E 2 .  ? -15.603 -21.666 1.611   1.00 30.89  ? 213 HOH B O   1 
HETATM 1643 O  O   . HOH E 2 .  ? -6.513  -2.878  8.116   1.00 33.11  ? 214 HOH B O   1 
HETATM 1644 O  O   . HOH E 2 .  ? -2.148  -2.693  15.072  1.00 34.87  ? 215 HOH B O   1 
HETATM 1645 O  O   . HOH E 2 .  ? -17.402 -17.182 0.672   1.00 30.47  ? 216 HOH B O   1 
HETATM 1646 O  O   . HOH E 2 .  ? -23.713 -2.625  3.169   1.00 40.17  ? 217 HOH B O   1 
HETATM 1647 O  O   . HOH E 2 .  ? -1.136  -13.108 6.404   1.00 34.84  ? 218 HOH B O   1 
HETATM 1648 O  O   . HOH E 2 .  ? -24.611 -9.434  1.481   1.00 35.02  ? 219 HOH B O   1 
HETATM 1649 O  O   . HOH E 2 .  ? -15.359 3.081   3.608   1.00 32.37  ? 220 HOH B O   1 
HETATM 1650 O  O   . HOH E 2 .  ? -15.768 -14.199 14.771  1.00 21.98  ? 221 HOH B O   1 
HETATM 1651 O  O   . HOH E 2 .  ? -7.158  -14.141 -3.075  1.00 38.56  ? 222 HOH B O   1 
HETATM 1652 O  O   . HOH E 2 .  ? -21.607 -1.197  1.784   1.00 33.70  ? 223 HOH B O   1 
HETATM 1653 O  O   . HOH E 2 .  ? -23.170 -9.515  15.340  1.00 34.71  ? 224 HOH B O   1 
HETATM 1654 O  O   . HOH E 2 .  ? -17.847 4.149   4.359   1.00 29.52  ? 225 HOH B O   1 
HETATM 1655 O  O   . HOH E 2 .  ? -13.148 -1.409  20.725  1.00 34.01  ? 226 HOH B O   1 
HETATM 1656 O  O   . HOH E 2 .  ? -4.866  -19.159 8.031   1.00 34.10  ? 227 HOH B O   1 
HETATM 1657 O  O   . HOH E 2 .  ? -24.125 5.933   12.718  1.00 34.41  ? 228 HOH B O   1 
HETATM 1658 O  O   . HOH E 2 .  ? -19.086 4.147   10.495  1.00 42.50  ? 229 HOH B O   1 
HETATM 1659 O  O   . HOH E 2 .  ? -23.704 -14.847 11.236  1.00 44.52  ? 230 HOH B O   1 
HETATM 1660 O  O   . HOH E 2 .  ? -20.446 -0.858  21.069  1.00 41.00  ? 231 HOH B O   1 
HETATM 1661 O  O   . HOH E 2 .  ? -32.067 8.434   9.928   1.00 39.90  ? 232 HOH B O   1 
HETATM 1662 O  O   . HOH E 2 .  ? -31.444 11.493  9.831   1.00 36.80  ? 233 HOH B O   1 
HETATM 1663 O  O   . HOH E 2 .  ? -22.899 -4.745  12.165  1.00 36.37  ? 234 HOH B O   1 
HETATM 1664 O  O   . HOH E 2 .  ? -30.138 3.826   10.609  1.00 42.31  ? 235 HOH B O   1 
HETATM 1665 O  O   . HOH E 2 .  ? -24.661 -5.000  14.739  1.00 39.90  ? 236 HOH B O   1 
HETATM 1666 O  O   . HOH E 2 .  ? 0.978   -9.740  10.656  1.00 46.74  ? 237 HOH B O   1 
HETATM 1667 O  O   . HOH E 2 .  ? -15.151 3.925   0.607   1.00 28.59  ? 238 HOH B O   1 
HETATM 1668 O  O   . HOH E 2 .  ? -21.776 1.453   2.426   0.50 39.24  ? 239 HOH B O   1 
HETATM 1669 O  O   . HOH E 2 .  ? -17.796 -1.124  22.674  1.00 40.23  ? 240 HOH B O   1 
HETATM 1670 O  O   . HOH E 2 .  ? -4.504  -1.517  20.717  0.50 49.96  ? 241 HOH B O   1 
HETATM 1671 O  O   . HOH F 2 .  ? 4.386   17.218  -1.313  1.00 25.02  ? 201 HOH C O   1 
HETATM 1672 O  O   . HOH F 2 .  ? 12.145  -3.295  -3.943  1.00 29.07  ? 202 HOH C O   1 
HETATM 1673 O  O   . HOH F 2 .  ? 28.637  7.832   3.441   1.00 31.67  ? 203 HOH C O   1 
HETATM 1674 O  O   . HOH F 2 .  ? 13.185  5.201   -9.690  1.00 29.03  ? 204 HOH C O   1 
HETATM 1675 O  O   . HOH F 2 .  ? 22.287  10.994  -11.596 1.00 34.53  ? 205 HOH C O   1 
HETATM 1676 O  O   . HOH F 2 .  ? 12.943  -4.446  -1.507  1.00 37.72  ? 206 HOH C O   1 
HETATM 1677 O  O   . HOH F 2 .  ? 15.574  -2.300  1.433   1.00 34.98  ? 207 HOH C O   1 
HETATM 1678 O  O   . HOH F 2 .  ? 26.245  1.389   2.077   1.00 40.46  ? 208 HOH C O   1 
HETATM 1679 O  O   . HOH F 2 .  ? 15.169  -4.290  -0.249  1.00 35.41  ? 209 HOH C O   1 
HETATM 1680 O  O   . HOH F 2 .  ? 12.842  13.295  -9.920  1.00 42.34  ? 210 HOH C O   1 
HETATM 1681 O  O   . HOH F 2 .  ? 15.276  7.071   8.560   1.00 40.91  ? 211 HOH C O   1 
HETATM 1682 O  O   . HOH F 2 .  ? 20.087  11.126  -13.135 1.00 44.18  ? 212 HOH C O   1 
HETATM 1683 O  O   . HOH F 2 .  ? 14.866  -0.217  -12.242 1.00 43.55  ? 213 HOH C O   1 
HETATM 1684 O  O   . HOH F 2 .  ? 17.877  15.677  -2.002  1.00 43.31  ? 214 HOH C O   1 
HETATM 1685 O  O   . HOH F 2 .  ? 17.028  10.614  -12.797 1.00 39.08  ? 215 HOH C O   1 
HETATM 1686 O  O   . HOH F 2 .  ? 3.688   19.652  -0.468  1.00 43.63  ? 216 HOH C O   1 
# 
